data_7OZS
#
_entry.id   7OZS
#
_cell.length_a   1.00
_cell.length_b   1.00
_cell.length_c   1.00
_cell.angle_alpha   90.00
_cell.angle_beta   90.00
_cell.angle_gamma   90.00
#
_symmetry.space_group_name_H-M   'P 1'
#
loop_
_entity.id
_entity.type
_entity.pdbx_description
1 polymer 'Putative ribosomal protein'
2 polymer '60S ribosomal protein l5-like protein'
3 polymer 'Ribosome biogenesis regulatory protein'
4 polymer 'Ribosome production factor 2 homolog'
5 polymer '5S rRNA'
6 polymer unknown
7 polymer Syo1
#
loop_
_entity_poly.entity_id
_entity_poly.type
_entity_poly.pdbx_seq_one_letter_code
_entity_poly.pdbx_strand_id
1 'polypeptide(L)'
;MSSEKAQNPMRELRIQKLVLNISVGESGDRLTRAAKVLEQLSGQTPVYSKARYTVRQFGIRRNEKIAVHVTVRGPKAEEI
LERGLKVKEYELRRRNFSETGNFGFGISEHIDLGIKYDPSIGIYGMDFYCCMTRPGERVAKRRRCKSRIGASHRITREET
IRWFKQRFDGIVR
;
B
2 'polypeptide(L)'
;MAFHKLVKNSAYYSRFQTKFKRRRQGKTDYYARKRLITQAKNKYNAPKYRLVVRFTNRDIITQMVTSEINGDKIFAAAYS
HELRAYGINHGLTNWAAAYATGLLLARRVLAKLGLDKTFTGVEEPNGEYTLTEAAETEDGERRPFKAILDVGLARTSTGA
RVFGVMKGASDGGIFIPHSENRFPGYDIETEELDTEVLKKYIYGGHVAEYMETLADDDEERYKSQFVKYIEDDVEADSLE
ELYAEAHKQIRADPFRKYVSDAPKKSKEEWKAESLKYKKAKLSREERKARVEAKIKQLLAEQDE
;
A
3 'polypeptide(L)'
;MSTDTSKPARLPVTVEKPTPYTFDLGLLLANDPNPVNVPKTTDTQVLEQHLASVARDGAQVLINQLLTTTTITATKDGVL
LTLPPPTTPLPREKPVPQPKPETKWQAFARRRGIKPKTREQRRNLQYNPTTGQWERKWGYKGANKRGETDPIIEVSAAKE
AMRPEGTSVRGDKRREIRARVKKNQKQMLRNQRIAAEKMGKK
;
D
4 'polypeptide(L)'
;MLRQIKPRNARSKRALEKRAPKIVENPKTCLFLRGTTCSQITQDAMNDLYAMRQVHAKRFHKKNAIHPFEDATSLCFFSE
KNDCSLMVFGSSNKKRPHTLTFVRMFDYKVLDMLEFYLDPDTYRSISQFKTSKIPIGMRPMMVFAGTAFESPVPNAFTMA
KSMLIDFFRGEPSDKIDVEGLRFVVVVTADEPTSSTSTNNDGENPAPLPGMTDPRSIDPSQKPILRLRVYGIRTKRSGTR
LPRVEVEEHGPRMDFRLGRMREPDPAMLKEAMKKAKTPQEERTKKNISMDLLGDKIGRIHMGKTDLSKLQTRKMKGLKRG
RDEDEGGEDDRTDVVEAGSGEKKKKKKVKG
;
C
5 'polyribonucleotide'
;ACGUACGACCAUACCCAGUGGAAAGCACGGCAUCCCGUCCGCUCUGCCCUAGUUAAGCCACUGAGGGCCCGGUUAGUAGU
UGGGUCGGUGACGACCAGCGAAUCCCGGGUGUUGUACGU
;
3
6 'polypeptide(L)'
;(UNK)(UNK)(UNK)(UNK)(UNK)(UNK)(UNK)(UNK)(UNK)(UNK)(UNK)(UNK)(UNK)(UNK)(UNK)(UNK)
(UNK)(UNK)(UNK)(UNK)(UNK)(UNK)(UNK)
;
E
7 'polypeptide(L)'
;MGKTRRNRVRNRTDPIAKPVKPPTDPELAKLREDKILPVLKDLKSPDAKSRTTAAGAIANIVQDAKCRKLLLREQVVHIV
LTETLTDNNIDSRAAGWEILKVLAQEEEADFCVHLYRLDVLTAIEHAAKAVLETLTTSEPPFSKLLKAQQRLVWDITGSL
LVLIGLLALARDEIHEAVATKQTILRLLFRLISADIAPQDIYEEAISCLTTLSEDNLKVGQAITDDQETHVYDVLLKLAT
GTDPRAVMACGVLHNVFTSLQWMDHSPGKDGACDAILIPTLTRALEHVVPGGAKFNGDARYANITLLALVTLASIGTDFQ
ETLVKGNQGSRESPISAADEEWNGFDDADGDAMDVDQKSSSGEDQEEDYEEIDVKEDDEDDDDDSITSEMQADMERVVGA
DGTDDGDLEDLPTLRELIQTAVPQLIRLSNLPIDSDESLTIQSHALSALNNISWTISCLEFANGENANIHNAWYPTAKKI
WRKTILPILEADSADLKLATQVTSLAWAVARVLHGETPTDGNPHRKFISLYHSSKQQAGGNSNSIEEPEDPFQGLGVKCI
GVVGSLAHDPAPIEVNREVGVFLVTLLRQSNNVPPAEIVEALNQLFDIYGDEELACDKEVFWKDGFLKHLEEFLPKMRTL
TKGIDKRTQPELRTRADEALLNLGRFVQYKKKHAPK
;
F
#
# COMPACT_ATOMS: atom_id res chain seq x y z
N ALA A 6 9.26 -41.43 12.07
CA ALA A 6 10.65 -41.74 11.74
C ALA A 6 11.06 -41.03 10.46
N GLN A 7 11.59 -41.80 9.51
CA GLN A 7 12.01 -41.28 8.22
C GLN A 7 11.15 -41.86 7.11
N ASN A 8 10.99 -41.10 6.04
CA ASN A 8 10.19 -41.54 4.92
C ASN A 8 11.04 -41.61 3.65
N PRO A 9 10.72 -42.48 2.70
CA PRO A 9 11.38 -42.43 1.40
C PRO A 9 11.05 -41.20 0.59
N MET A 10 9.95 -40.50 0.92
CA MET A 10 9.51 -39.33 0.17
C MET A 10 10.14 -38.04 0.67
N ARG A 11 10.98 -38.11 1.70
CA ARG A 11 11.68 -36.93 2.19
C ARG A 11 13.19 -37.02 1.98
N GLU A 12 13.66 -37.98 1.20
CA GLU A 12 15.08 -38.10 0.90
C GLU A 12 15.54 -36.95 0.01
N LEU A 13 16.81 -36.57 0.16
CA LEU A 13 17.37 -35.45 -0.58
C LEU A 13 17.50 -35.79 -2.06
N ARG A 14 17.43 -34.75 -2.89
CA ARG A 14 17.56 -34.90 -4.32
C ARG A 14 18.12 -33.60 -4.90
N ILE A 15 19.04 -33.74 -5.85
CA ILE A 15 19.54 -32.60 -6.60
C ILE A 15 18.43 -32.08 -7.50
N GLN A 16 18.17 -30.77 -7.44
CA GLN A 16 17.14 -30.21 -8.28
C GLN A 16 17.71 -29.70 -9.60
N LYS A 17 18.81 -28.96 -9.53
CA LYS A 17 19.40 -28.35 -10.71
C LYS A 17 20.89 -28.19 -10.48
N LEU A 18 21.59 -27.70 -11.50
CA LEU A 18 23.00 -27.34 -11.39
C LEU A 18 23.25 -26.22 -12.39
N VAL A 19 23.22 -24.99 -11.90
CA VAL A 19 23.40 -23.83 -12.78
C VAL A 19 24.90 -23.55 -12.92
N LEU A 20 25.32 -23.29 -14.16
CA LEU A 20 26.71 -23.00 -14.47
C LEU A 20 26.79 -21.58 -15.02
N ASN A 21 27.66 -20.77 -14.42
CA ASN A 21 27.73 -19.35 -14.74
C ASN A 21 29.18 -18.95 -15.02
N ILE A 22 29.39 -18.28 -16.14
CA ILE A 22 30.70 -17.72 -16.52
C ILE A 22 30.53 -16.23 -16.69
N SER A 23 31.41 -15.46 -16.03
CA SER A 23 31.39 -14.00 -16.16
C SER A 23 32.44 -13.53 -17.16
N GLY A 28 32.43 -8.60 -24.49
CA GLY A 28 31.75 -8.81 -25.76
C GLY A 28 32.16 -10.09 -26.45
N ASP A 29 33.41 -10.16 -26.90
CA ASP A 29 33.92 -11.36 -27.54
C ASP A 29 34.10 -12.50 -26.55
N ARG A 30 34.45 -12.17 -25.30
CA ARG A 30 34.69 -13.17 -24.28
C ARG A 30 33.42 -13.94 -23.94
N LEU A 31 32.28 -13.24 -23.86
CA LEU A 31 30.99 -13.90 -23.66
C LEU A 31 30.63 -14.79 -24.83
N THR A 32 30.94 -14.35 -26.05
CA THR A 32 30.67 -15.13 -27.24
C THR A 32 31.49 -16.42 -27.26
N ARG A 33 32.75 -16.35 -26.81
CA ARG A 33 33.57 -17.55 -26.72
C ARG A 33 33.09 -18.46 -25.60
N ALA A 34 32.66 -17.89 -24.47
CA ALA A 34 32.23 -18.71 -23.33
C ALA A 34 30.88 -19.38 -23.57
N ALA A 35 30.04 -18.79 -24.42
CA ALA A 35 28.74 -19.39 -24.73
C ALA A 35 28.92 -20.74 -25.45
N LYS A 36 29.91 -20.83 -26.34
CA LYS A 36 30.19 -22.10 -26.99
C LYS A 36 30.74 -23.13 -26.01
N VAL A 37 31.51 -22.68 -25.01
CA VAL A 37 32.01 -23.61 -23.99
C VAL A 37 30.89 -24.18 -23.15
N LEU A 38 29.95 -23.32 -22.72
CA LEU A 38 28.80 -23.83 -21.98
C LEU A 38 27.89 -24.69 -22.85
N GLU A 39 27.82 -24.38 -24.15
CA GLU A 39 27.01 -25.19 -25.06
C GLU A 39 27.61 -26.58 -25.26
N GLN A 40 28.93 -26.68 -25.39
CA GLN A 40 29.53 -27.99 -25.56
C GLN A 40 29.59 -28.77 -24.26
N LEU A 41 29.67 -28.08 -23.11
CA LEU A 41 29.71 -28.80 -21.84
C LEU A 41 28.32 -29.27 -21.42
N SER A 42 27.34 -28.38 -21.43
CA SER A 42 26.00 -28.75 -20.97
C SER A 42 25.25 -29.57 -22.01
N GLY A 43 25.48 -29.30 -23.29
CA GLY A 43 24.68 -29.89 -24.34
C GLY A 43 23.45 -29.09 -24.70
N GLN A 44 23.22 -27.95 -24.03
CA GLN A 44 22.07 -27.10 -24.29
C GLN A 44 22.56 -25.71 -24.66
N THR A 45 21.67 -24.94 -25.26
CA THR A 45 22.01 -23.57 -25.64
C THR A 45 21.97 -22.67 -24.42
N PRO A 46 23.05 -22.00 -24.05
CA PRO A 46 23.02 -21.11 -22.89
C PRO A 46 22.34 -19.79 -23.21
N VAL A 47 22.04 -19.05 -22.14
CA VAL A 47 21.32 -17.79 -22.23
C VAL A 47 22.20 -16.68 -21.65
N TYR A 48 22.06 -15.48 -22.20
CA TYR A 48 22.80 -14.32 -21.71
C TYR A 48 22.16 -13.79 -20.43
N SER A 49 22.80 -12.78 -19.85
CA SER A 49 22.24 -12.11 -18.67
C SER A 49 21.16 -11.12 -19.08
N ILE A 66 26.68 -9.40 -19.81
CA ILE A 66 27.76 -9.25 -18.86
C ILE A 66 28.27 -10.64 -18.45
N ALA A 67 27.36 -11.61 -18.43
CA ALA A 67 27.71 -12.98 -18.06
C ALA A 67 26.74 -13.95 -18.72
N VAL A 68 27.18 -15.19 -18.86
CA VAL A 68 26.38 -16.25 -19.46
C VAL A 68 26.15 -17.34 -18.42
N HIS A 69 25.00 -18.02 -18.50
CA HIS A 69 24.70 -19.08 -17.58
C HIS A 69 23.73 -20.06 -18.21
N VAL A 70 23.81 -21.31 -17.79
CA VAL A 70 22.96 -22.39 -18.27
C VAL A 70 22.47 -23.18 -17.07
N THR A 71 21.28 -23.76 -17.20
CA THR A 71 20.67 -24.57 -16.15
C THR A 71 20.63 -26.01 -16.60
N VAL A 72 21.11 -26.92 -15.75
CA VAL A 72 21.27 -28.32 -16.08
C VAL A 72 20.51 -29.15 -15.06
N ARG A 73 19.60 -30.00 -15.53
CA ARG A 73 18.82 -30.88 -14.68
C ARG A 73 19.01 -32.32 -15.12
N GLY A 74 18.35 -33.23 -14.41
CA GLY A 74 18.32 -34.62 -14.79
C GLY A 74 19.54 -35.38 -14.37
N PRO A 75 19.76 -36.55 -14.98
CA PRO A 75 20.89 -37.40 -14.57
C PRO A 75 22.24 -36.88 -15.00
N LYS A 76 22.31 -35.95 -15.95
CA LYS A 76 23.60 -35.38 -16.32
C LYS A 76 24.12 -34.37 -15.32
N ALA A 77 23.23 -33.78 -14.51
CA ALA A 77 23.63 -32.77 -13.54
C ALA A 77 24.50 -33.36 -12.44
N GLU A 78 24.17 -34.56 -11.96
CA GLU A 78 25.00 -35.20 -10.96
C GLU A 78 26.33 -35.64 -11.55
N GLU A 79 26.37 -35.96 -12.85
CA GLU A 79 27.64 -36.27 -13.51
C GLU A 79 28.54 -35.03 -13.59
N ILE A 80 27.96 -33.89 -13.95
CA ILE A 80 28.73 -32.64 -14.03
C ILE A 80 29.24 -32.23 -12.65
N LEU A 81 28.38 -32.35 -11.63
CA LEU A 81 28.80 -32.01 -10.27
C LEU A 81 29.83 -33.01 -9.74
N GLU A 82 29.74 -34.28 -10.14
CA GLU A 82 30.75 -35.26 -9.76
C GLU A 82 32.10 -34.95 -10.39
N ARG A 83 32.10 -34.49 -11.64
CA ARG A 83 33.34 -34.05 -12.27
C ARG A 83 33.90 -32.81 -11.59
N GLY A 84 33.03 -31.87 -11.22
CA GLY A 84 33.48 -30.68 -10.52
C GLY A 84 34.04 -30.97 -9.15
N LEU A 85 33.47 -31.95 -8.45
CA LEU A 85 34.04 -32.38 -7.18
C LEU A 85 35.31 -33.20 -7.39
N LYS A 86 35.44 -33.86 -8.55
CA LYS A 86 36.69 -34.53 -8.88
C LYS A 86 37.80 -33.52 -9.13
N VAL A 87 37.47 -32.34 -9.63
CA VAL A 87 38.46 -31.27 -9.76
C VAL A 87 38.95 -30.82 -8.39
N LYS A 88 38.04 -30.63 -7.43
CA LYS A 88 38.37 -30.14 -6.11
C LYS A 88 38.67 -31.29 -5.12
N GLU A 89 38.94 -32.49 -5.66
CA GLU A 89 39.37 -33.72 -4.93
C GLU A 89 38.54 -34.02 -3.67
N TYR A 90 37.22 -33.77 -3.79
CA TYR A 90 36.21 -34.12 -2.77
C TYR A 90 36.48 -33.42 -1.44
N GLU A 91 36.77 -32.12 -1.49
CA GLU A 91 36.94 -31.33 -0.29
C GLU A 91 36.34 -29.95 -0.51
N LEU A 92 35.48 -29.53 0.40
CA LEU A 92 34.77 -28.26 0.28
C LEU A 92 34.73 -27.59 1.64
N ARG A 93 34.79 -26.27 1.66
CA ARG A 93 34.83 -25.52 2.90
C ARG A 93 33.44 -25.39 3.52
N ARG A 94 33.43 -25.15 4.83
CA ARG A 94 32.19 -25.03 5.60
C ARG A 94 31.38 -23.81 5.18
N ARG A 95 32.04 -22.71 4.78
CA ARG A 95 31.35 -21.48 4.41
C ARG A 95 30.62 -21.58 3.08
N ASN A 96 30.87 -22.63 2.29
CA ASN A 96 30.24 -22.77 0.99
C ASN A 96 28.81 -23.27 1.05
N PHE A 97 28.46 -24.04 2.09
CA PHE A 97 27.09 -24.51 2.26
C PHE A 97 26.24 -23.38 2.83
N SER A 98 25.28 -22.92 2.04
CA SER A 98 24.40 -21.84 2.45
C SER A 98 23.39 -22.33 3.49
N GLU A 99 22.76 -21.38 4.17
CA GLU A 99 21.78 -21.71 5.18
C GLU A 99 20.44 -22.14 4.60
N THR A 100 20.18 -21.82 3.32
CA THR A 100 18.95 -22.24 2.68
C THR A 100 18.95 -23.74 2.41
N GLY A 101 20.12 -24.29 2.09
CA GLY A 101 20.27 -25.68 1.70
C GLY A 101 21.07 -25.86 0.43
N ASN A 102 21.11 -24.85 -0.43
CA ASN A 102 21.92 -24.87 -1.63
C ASN A 102 23.40 -24.76 -1.27
N PHE A 103 24.25 -25.13 -2.22
CA PHE A 103 25.69 -25.03 -1.99
C PHE A 103 26.40 -24.80 -3.32
N GLY A 104 27.54 -24.12 -3.26
CA GLY A 104 28.26 -23.77 -4.46
C GLY A 104 29.74 -23.63 -4.22
N PHE A 105 30.48 -23.60 -5.32
CA PHE A 105 31.93 -23.41 -5.32
C PHE A 105 32.33 -22.88 -6.68
N GLY A 106 33.63 -22.76 -6.92
CA GLY A 106 34.10 -22.26 -8.19
C GLY A 106 35.47 -22.78 -8.60
N ILE A 107 35.66 -22.99 -9.89
CA ILE A 107 36.93 -23.44 -10.45
C ILE A 107 37.43 -22.37 -11.40
N SER A 108 38.70 -21.97 -11.24
CA SER A 108 39.25 -20.85 -12.00
C SER A 108 39.64 -21.23 -13.42
N GLU A 109 39.76 -22.53 -13.71
CA GLU A 109 40.12 -22.98 -15.05
C GLU A 109 39.17 -24.08 -15.50
N HIS A 110 38.69 -23.98 -16.73
CA HIS A 110 37.81 -24.99 -17.30
C HIS A 110 38.55 -26.03 -18.12
N ILE A 111 39.88 -25.92 -18.22
CA ILE A 111 40.66 -26.85 -19.02
C ILE A 111 40.71 -28.22 -18.37
N ASP A 112 40.89 -28.25 -17.04
CA ASP A 112 40.99 -29.52 -16.33
C ASP A 112 39.67 -30.28 -16.22
N LEU A 113 38.54 -29.63 -16.50
CA LEU A 113 37.28 -30.36 -16.61
C LEU A 113 37.28 -31.27 -17.83
N GLY A 114 37.78 -30.78 -18.95
CA GLY A 114 37.83 -31.57 -20.18
C GLY A 114 37.51 -30.75 -21.42
N GLY A 122 42.36 -20.19 -24.22
CA GLY A 122 41.92 -19.19 -23.26
C GLY A 122 41.37 -19.81 -21.99
N ILE A 123 41.87 -19.35 -20.84
CA ILE A 123 41.42 -19.88 -19.56
C ILE A 123 40.11 -19.22 -19.17
N TYR A 124 39.12 -20.03 -18.81
CA TYR A 124 37.83 -19.54 -18.36
C TYR A 124 37.56 -20.02 -16.93
N GLY A 125 37.12 -19.10 -16.09
CA GLY A 125 36.74 -19.41 -14.72
C GLY A 125 35.23 -19.47 -14.59
N MET A 126 34.74 -20.53 -13.98
CA MET A 126 33.30 -20.75 -13.86
C MET A 126 32.98 -21.34 -12.50
N ASP A 127 31.77 -21.05 -12.02
CA ASP A 127 31.32 -21.49 -10.72
C ASP A 127 30.12 -22.41 -10.81
N PHE A 128 30.04 -23.35 -9.88
CA PHE A 128 28.98 -24.35 -9.84
C PHE A 128 28.10 -24.07 -8.63
N TYR A 129 26.81 -23.88 -8.87
CA TYR A 129 25.82 -23.65 -7.82
C TYR A 129 24.74 -24.70 -7.95
N CYS A 130 24.43 -25.36 -6.84
CA CYS A 130 23.53 -26.50 -6.83
C CYS A 130 22.47 -26.33 -5.76
N CYS A 131 21.24 -26.75 -6.08
CA CYS A 131 20.10 -26.61 -5.20
C CYS A 131 19.56 -27.98 -4.83
N MET A 132 19.08 -28.11 -3.60
CA MET A 132 18.60 -29.38 -3.06
C MET A 132 17.12 -29.28 -2.74
N THR A 133 16.35 -30.28 -3.22
CA THR A 133 14.94 -30.37 -2.90
C THR A 133 14.60 -31.80 -2.50
N ARG A 134 13.52 -31.92 -1.75
CA ARG A 134 12.88 -33.20 -1.48
C ARG A 134 11.77 -33.41 -2.49
N PRO A 135 11.19 -34.62 -2.53
CA PRO A 135 9.91 -34.77 -3.25
C PRO A 135 8.82 -33.93 -2.60
N GLY A 136 7.94 -33.39 -3.43
CA GLY A 136 6.94 -32.46 -2.99
C GLY A 136 7.28 -31.00 -3.19
N GLU A 137 8.26 -30.69 -4.02
CA GLU A 137 8.61 -29.30 -4.32
C GLU A 137 7.55 -28.64 -5.18
N ARG A 138 6.82 -29.43 -5.98
CA ARG A 138 5.88 -28.92 -6.98
C ARG A 138 4.74 -28.11 -6.37
N VAL A 139 4.45 -28.31 -5.08
CA VAL A 139 3.41 -27.52 -4.41
C VAL A 139 3.79 -26.06 -4.24
N ALA A 140 5.04 -25.68 -4.48
CA ALA A 140 5.43 -24.28 -4.43
C ALA A 140 5.47 -23.61 -5.80
N LYS A 141 5.42 -24.38 -6.89
CA LYS A 141 5.63 -23.83 -8.23
C LYS A 141 4.49 -24.08 -9.20
N ARG A 142 3.44 -24.81 -8.82
CA ARG A 142 2.36 -25.06 -9.74
C ARG A 142 1.45 -23.84 -9.87
N ARG A 143 0.63 -23.83 -10.91
CA ARG A 143 -0.31 -22.73 -11.10
C ARG A 143 -1.47 -22.84 -10.13
N ARG A 144 -2.24 -23.92 -10.23
CA ARG A 144 -3.40 -24.12 -9.37
C ARG A 144 -2.95 -24.65 -8.02
N CYS A 145 -3.51 -24.06 -6.96
CA CYS A 145 -3.21 -24.40 -5.56
C CYS A 145 -1.73 -24.26 -5.23
N LYS A 146 -1.19 -23.06 -5.50
CA LYS A 146 0.16 -22.74 -5.06
C LYS A 146 0.17 -22.56 -3.55
N SER A 147 1.16 -23.16 -2.89
CA SER A 147 1.22 -23.12 -1.43
C SER A 147 2.68 -23.10 -1.00
N ARG A 148 2.90 -22.76 0.27
CA ARG A 148 4.23 -22.76 0.83
C ARG A 148 4.57 -24.16 1.34
N ILE A 149 5.81 -24.58 1.12
CA ILE A 149 6.28 -25.85 1.65
C ILE A 149 6.46 -25.72 3.16
N GLY A 150 6.25 -26.83 3.87
CA GLY A 150 6.18 -26.80 5.32
C GLY A 150 7.53 -26.57 5.97
N ALA A 151 7.46 -26.28 7.28
CA ALA A 151 8.67 -26.00 8.04
C ALA A 151 9.48 -27.27 8.30
N SER A 152 8.81 -28.40 8.52
CA SER A 152 9.49 -29.65 8.76
C SER A 152 9.98 -30.32 7.49
N HIS A 153 9.61 -29.79 6.32
CA HIS A 153 10.03 -30.34 5.04
C HIS A 153 11.09 -29.50 4.35
N ARG A 154 11.33 -28.28 4.83
CA ARG A 154 12.36 -27.44 4.26
C ARG A 154 13.74 -28.00 4.56
N ILE A 155 14.64 -27.87 3.60
CA ILE A 155 15.99 -28.42 3.75
C ILE A 155 16.83 -27.45 4.57
N THR A 156 17.64 -28.00 5.48
CA THR A 156 18.54 -27.23 6.31
C THR A 156 19.99 -27.47 5.89
N ARG A 157 20.90 -26.72 6.52
CA ARG A 157 22.31 -26.76 6.15
C ARG A 157 22.97 -28.06 6.59
N GLU A 158 22.66 -28.53 7.80
CA GLU A 158 23.35 -29.69 8.35
C GLU A 158 22.96 -30.98 7.62
N GLU A 159 21.72 -31.07 7.14
CA GLU A 159 21.33 -32.22 6.34
C GLU A 159 22.05 -32.24 4.99
N THR A 160 22.26 -31.05 4.40
CA THR A 160 23.04 -30.95 3.18
C THR A 160 24.49 -31.37 3.41
N ILE A 161 25.05 -30.97 4.56
CA ILE A 161 26.42 -31.35 4.91
C ILE A 161 26.53 -32.87 5.12
N ARG A 162 25.54 -33.46 5.78
CA ARG A 162 25.53 -34.91 5.98
C ARG A 162 25.37 -35.66 4.66
N TRP A 163 24.55 -35.12 3.75
CA TRP A 163 24.41 -35.71 2.42
C TRP A 163 25.71 -35.65 1.63
N PHE A 164 26.41 -34.51 1.74
CA PHE A 164 27.70 -34.34 1.08
C PHE A 164 28.74 -35.31 1.62
N LYS A 165 28.74 -35.51 2.94
CA LYS A 165 29.63 -36.49 3.56
C LYS A 165 29.26 -37.92 3.20
N GLN A 166 27.98 -38.19 2.96
CA GLN A 166 27.53 -39.57 2.77
C GLN A 166 27.74 -40.02 1.33
N ARG A 167 27.39 -39.18 0.35
CA ARG A 167 27.35 -39.68 -1.02
C ARG A 167 28.74 -39.73 -1.67
N PHE A 168 29.41 -38.59 -1.79
CA PHE A 168 30.69 -38.54 -2.50
C PHE A 168 31.88 -38.87 -1.63
N ASP A 169 31.66 -39.19 -0.34
CA ASP A 169 32.70 -39.46 0.66
C ASP A 169 33.69 -38.30 0.77
N GLY A 170 33.16 -37.08 0.74
CA GLY A 170 33.98 -35.90 0.87
C GLY A 170 33.99 -35.37 2.28
N ILE A 171 35.05 -34.64 2.65
CA ILE A 171 35.23 -34.10 3.98
C ILE A 171 35.04 -32.60 3.92
N VAL A 172 34.18 -32.07 4.79
CA VAL A 172 33.89 -30.65 4.83
C VAL A 172 34.75 -30.00 5.90
N ARG A 173 35.58 -29.04 5.49
CA ARG A 173 36.40 -28.28 6.44
C ARG A 173 36.46 -26.82 6.01
N ALA B 2 18.21 -14.06 8.94
CA ALA B 2 17.97 -15.33 9.63
C ALA B 2 17.14 -15.12 10.87
N PHE B 3 17.00 -13.86 11.30
CA PHE B 3 16.26 -13.50 12.50
C PHE B 3 15.48 -12.23 12.22
N HIS B 4 14.98 -11.63 13.30
CA HIS B 4 14.32 -10.30 13.30
C HIS B 4 13.09 -10.28 12.40
N LYS B 5 12.10 -11.08 12.78
CA LYS B 5 10.78 -10.96 12.18
C LYS B 5 10.18 -9.65 12.66
N LEU B 6 10.28 -8.62 11.83
CA LEU B 6 9.91 -7.26 12.22
C LEU B 6 8.61 -6.89 11.52
N VAL B 7 7.60 -6.57 12.31
CA VAL B 7 6.28 -6.25 11.78
C VAL B 7 5.65 -5.07 12.52
N TYR B 13 2.61 -5.51 11.45
CA TYR B 13 1.96 -5.49 10.15
C TYR B 13 0.46 -5.70 10.28
N SER B 14 -0.19 -4.86 11.07
CA SER B 14 -1.64 -4.87 11.16
C SER B 14 -2.31 -4.18 9.99
N ARG B 15 -1.54 -3.46 9.16
CA ARG B 15 -2.06 -2.85 7.95
C ARG B 15 -2.12 -3.83 6.79
N PHE B 16 -1.58 -5.03 6.96
CA PHE B 16 -1.59 -6.04 5.90
C PHE B 16 -3.00 -6.59 5.74
N GLN B 17 -3.52 -6.51 4.52
CA GLN B 17 -4.86 -6.99 4.21
C GLN B 17 -4.76 -8.26 3.38
N THR B 18 -5.42 -9.32 3.84
CA THR B 18 -5.39 -10.60 3.15
C THR B 18 -6.22 -10.54 1.88
N LYS B 19 -6.00 -11.53 1.02
CA LYS B 19 -6.81 -11.69 -0.18
C LYS B 19 -8.04 -12.53 0.16
N PHE B 20 -8.75 -12.98 -0.87
CA PHE B 20 -9.95 -13.76 -0.64
C PHE B 20 -9.60 -15.18 -0.22
N LYS B 21 -10.61 -15.94 0.19
CA LYS B 21 -10.38 -17.30 0.67
C LYS B 21 -10.01 -18.22 -0.48
N ARG B 22 -10.63 -18.06 -1.63
CA ARG B 22 -10.34 -18.92 -2.78
C ARG B 22 -9.20 -18.38 -3.64
N ARG B 23 -8.54 -17.32 -3.21
CA ARG B 23 -7.31 -16.86 -3.83
C ARG B 23 -6.08 -17.18 -2.99
N ARG B 24 -6.20 -17.17 -1.66
CA ARG B 24 -5.12 -17.67 -0.82
C ARG B 24 -4.90 -19.16 -1.04
N GLN B 25 -5.98 -19.92 -1.20
CA GLN B 25 -5.86 -21.33 -1.57
C GLN B 25 -5.48 -21.50 -3.03
N GLY B 26 -5.63 -20.47 -3.85
CA GLY B 26 -5.27 -20.53 -5.25
C GLY B 26 -6.15 -21.45 -6.08
N LYS B 27 -7.46 -21.42 -5.84
CA LYS B 27 -8.39 -22.24 -6.60
C LYS B 27 -9.21 -21.45 -7.61
N THR B 28 -9.33 -20.15 -7.46
CA THR B 28 -10.14 -19.34 -8.35
C THR B 28 -9.47 -17.99 -8.59
N ASP B 29 -9.40 -17.59 -9.86
CA ASP B 29 -8.97 -16.25 -10.24
C ASP B 29 -10.23 -15.41 -10.46
N TYR B 30 -10.47 -14.46 -9.55
CA TYR B 30 -11.70 -13.68 -9.58
C TYR B 30 -11.74 -12.67 -10.73
N TYR B 31 -10.59 -12.29 -11.28
CA TYR B 31 -10.59 -11.40 -12.44
C TYR B 31 -11.20 -12.10 -13.65
N ALA B 32 -10.76 -13.33 -13.92
CA ALA B 32 -11.33 -14.09 -15.02
C ALA B 32 -12.77 -14.50 -14.74
N ARG B 33 -13.13 -14.71 -13.46
CA ARG B 33 -14.51 -15.02 -13.12
C ARG B 33 -15.43 -13.84 -13.38
N LYS B 34 -14.98 -12.63 -12.99
CA LYS B 34 -15.77 -11.43 -13.27
C LYS B 34 -15.88 -11.16 -14.77
N ARG B 35 -14.79 -11.41 -15.51
CA ARG B 35 -14.83 -11.27 -16.96
C ARG B 35 -15.79 -12.27 -17.59
N LEU B 36 -15.84 -13.48 -17.04
CA LEU B 36 -16.74 -14.51 -17.59
C LEU B 36 -18.21 -14.19 -17.29
N ILE B 37 -18.51 -13.72 -16.08
CA ILE B 37 -19.91 -13.46 -15.78
C ILE B 37 -20.40 -12.15 -16.41
N THR B 38 -19.53 -11.22 -16.74
CA THR B 38 -19.99 -10.02 -17.43
C THR B 38 -20.23 -10.32 -18.88
N GLN B 39 -19.38 -11.16 -19.47
CA GLN B 39 -19.53 -11.52 -20.86
C GLN B 39 -20.84 -12.26 -21.06
N ALA B 40 -21.22 -13.09 -20.10
CA ALA B 40 -22.43 -13.91 -20.28
C ALA B 40 -23.76 -13.16 -20.25
N LYS B 41 -23.78 -11.90 -19.81
CA LYS B 41 -25.05 -11.20 -19.69
C LYS B 41 -25.75 -11.01 -21.02
N ASN B 42 -25.00 -10.67 -22.06
CA ASN B 42 -25.54 -10.49 -23.42
C ASN B 42 -26.30 -9.17 -23.58
N LYS B 43 -26.33 -8.38 -22.51
CA LYS B 43 -27.00 -7.08 -22.54
C LYS B 43 -28.47 -7.20 -22.87
N TYR B 44 -29.06 -8.35 -22.55
CA TYR B 44 -30.49 -8.51 -22.77
C TYR B 44 -31.19 -8.84 -21.48
N ASN B 45 -30.47 -9.04 -20.38
CA ASN B 45 -31.06 -9.48 -19.10
C ASN B 45 -31.38 -10.95 -19.08
N ALA B 46 -30.70 -11.74 -19.90
CA ALA B 46 -30.89 -13.18 -19.91
C ALA B 46 -29.71 -13.88 -19.27
N PRO B 47 -29.99 -14.79 -18.34
CA PRO B 47 -28.90 -15.56 -17.74
C PRO B 47 -28.30 -16.56 -18.70
N LYS B 48 -26.98 -16.74 -18.64
CA LYS B 48 -26.34 -17.75 -19.48
C LYS B 48 -25.59 -18.74 -18.62
N TYR B 49 -25.77 -20.03 -18.90
CA TYR B 49 -25.12 -21.04 -18.11
C TYR B 49 -23.70 -21.21 -18.59
N ARG B 50 -22.75 -21.30 -17.68
CA ARG B 50 -21.35 -21.50 -18.04
C ARG B 50 -20.94 -22.92 -17.69
N LEU B 51 -20.19 -23.54 -18.60
CA LEU B 51 -19.76 -24.93 -18.45
C LEU B 51 -18.37 -24.95 -17.83
N VAL B 52 -18.26 -25.40 -16.60
CA VAL B 52 -16.96 -25.51 -15.95
C VAL B 52 -16.40 -26.90 -16.18
N VAL B 53 -15.08 -26.98 -16.28
CA VAL B 53 -14.35 -28.24 -16.41
C VAL B 53 -13.04 -28.15 -15.65
N ARG B 54 -12.83 -29.08 -14.73
CA ARG B 54 -11.64 -29.10 -13.88
C ARG B 54 -11.02 -30.49 -13.93
N PHE B 55 -9.72 -30.53 -14.14
CA PHE B 55 -8.99 -31.79 -14.28
C PHE B 55 -8.20 -32.05 -13.01
N THR B 56 -8.59 -33.07 -12.26
CA THR B 56 -7.67 -33.57 -11.25
C THR B 56 -6.80 -34.64 -11.88
N ASN B 57 -5.82 -35.12 -11.13
CA ASN B 57 -5.28 -36.41 -11.45
C ASN B 57 -6.34 -37.47 -11.14
N ARG B 58 -6.43 -38.47 -12.03
CA ARG B 58 -7.32 -39.63 -11.98
C ARG B 58 -8.79 -39.29 -12.24
N ASP B 59 -9.16 -38.01 -12.36
CA ASP B 59 -10.57 -37.68 -12.53
C ASP B 59 -10.77 -36.39 -13.33
N ILE B 60 -11.93 -36.33 -13.97
CA ILE B 60 -12.41 -35.16 -14.72
C ILE B 60 -13.73 -34.74 -14.10
N ILE B 61 -13.84 -33.48 -13.71
CA ILE B 61 -15.05 -32.97 -13.07
C ILE B 61 -15.67 -31.94 -14.00
N THR B 62 -16.92 -32.17 -14.39
CA THR B 62 -17.63 -31.29 -15.31
C THR B 62 -19.00 -30.99 -14.73
N GLN B 63 -19.16 -29.81 -14.13
CA GLN B 63 -20.47 -29.33 -13.78
C GLN B 63 -20.99 -28.41 -14.86
N MET B 64 -22.13 -27.78 -14.60
CA MET B 64 -22.65 -26.77 -15.52
C MET B 64 -23.41 -25.76 -14.65
N VAL B 65 -22.71 -24.71 -14.26
CA VAL B 65 -23.12 -23.88 -13.15
C VAL B 65 -23.88 -22.67 -13.64
N THR B 66 -24.63 -22.05 -12.72
CA THR B 66 -25.21 -20.74 -12.91
C THR B 66 -24.90 -19.90 -11.69
N SER B 67 -24.85 -18.59 -11.88
CA SER B 67 -24.39 -17.67 -10.84
C SER B 67 -25.58 -17.04 -10.13
N GLU B 68 -25.53 -17.01 -8.80
CA GLU B 68 -26.62 -16.51 -7.96
C GLU B 68 -26.08 -15.52 -6.94
N ILE B 69 -26.93 -15.13 -5.99
CA ILE B 69 -26.52 -14.25 -4.92
C ILE B 69 -25.81 -15.03 -3.82
N ASN B 70 -26.41 -16.14 -3.37
CA ASN B 70 -25.71 -17.09 -2.53
C ASN B 70 -24.54 -17.72 -3.26
N GLY B 71 -24.65 -17.83 -4.59
CA GLY B 71 -23.48 -17.84 -5.44
C GLY B 71 -23.47 -18.83 -6.58
N ASP B 72 -24.01 -20.03 -6.39
CA ASP B 72 -23.92 -21.04 -7.45
C ASP B 72 -25.02 -22.09 -7.25
N LYS B 73 -25.52 -22.59 -8.38
CA LYS B 73 -26.46 -23.69 -8.41
C LYS B 73 -26.04 -24.63 -9.52
N ILE B 74 -25.75 -25.88 -9.18
CA ILE B 74 -25.35 -26.86 -10.18
C ILE B 74 -26.59 -27.30 -10.93
N PHE B 75 -26.58 -27.12 -12.26
CA PHE B 75 -27.69 -27.64 -13.05
C PHE B 75 -27.57 -29.15 -13.22
N ALA B 76 -26.48 -29.60 -13.84
CA ALA B 76 -26.21 -31.02 -14.00
C ALA B 76 -24.71 -31.22 -13.97
N ALA B 77 -24.27 -32.26 -13.25
CA ALA B 77 -22.85 -32.52 -13.06
C ALA B 77 -22.51 -33.88 -13.65
N ALA B 78 -21.46 -33.91 -14.45
CA ALA B 78 -20.97 -35.13 -15.06
C ALA B 78 -19.55 -35.39 -14.58
N TYR B 79 -19.28 -36.61 -14.13
CA TYR B 79 -17.98 -36.98 -13.62
C TYR B 79 -17.37 -38.04 -14.52
N SER B 80 -16.08 -38.30 -14.31
CA SER B 80 -15.41 -39.34 -15.06
C SER B 80 -15.52 -40.71 -14.42
N HIS B 81 -16.09 -40.80 -13.22
CA HIS B 81 -16.24 -42.10 -12.56
C HIS B 81 -17.26 -42.98 -13.27
N GLU B 82 -18.42 -42.42 -13.62
CA GLU B 82 -19.52 -43.23 -14.14
C GLU B 82 -19.28 -43.70 -15.58
N LEU B 83 -18.22 -43.24 -16.24
CA LEU B 83 -17.81 -43.83 -17.51
C LEU B 83 -17.35 -45.28 -17.35
N ARG B 84 -17.00 -45.70 -16.14
CA ARG B 84 -16.76 -47.10 -15.86
C ARG B 84 -18.02 -47.94 -15.99
N ALA B 85 -19.20 -47.33 -15.89
CA ALA B 85 -20.45 -48.03 -16.10
C ALA B 85 -20.81 -48.17 -17.58
N TYR B 86 -20.12 -47.48 -18.48
CA TYR B 86 -20.41 -47.55 -19.90
C TYR B 86 -19.39 -48.36 -20.68
N GLY B 87 -18.41 -48.96 -20.01
CA GLY B 87 -17.49 -49.85 -20.69
C GLY B 87 -16.03 -49.46 -20.60
N ILE B 88 -15.73 -48.17 -20.69
CA ILE B 88 -14.35 -47.72 -20.64
C ILE B 88 -13.87 -47.74 -19.19
N ASN B 89 -12.72 -48.37 -18.95
CA ASN B 89 -12.24 -48.59 -17.60
C ASN B 89 -10.83 -48.11 -17.34
N HIS B 90 -10.02 -47.88 -18.38
CA HIS B 90 -8.62 -47.52 -18.22
C HIS B 90 -8.38 -46.20 -18.90
N GLY B 91 -7.64 -45.32 -18.22
CA GLY B 91 -7.38 -44.00 -18.75
C GLY B 91 -8.63 -43.15 -18.74
N LEU B 92 -9.11 -42.80 -17.55
CA LEU B 92 -10.28 -41.93 -17.41
C LEU B 92 -9.89 -40.47 -17.25
N THR B 93 -8.78 -40.06 -17.85
CA THR B 93 -8.26 -38.71 -17.75
C THR B 93 -7.85 -38.16 -19.11
N ASN B 94 -7.70 -39.02 -20.12
CA ASN B 94 -7.12 -38.64 -21.41
C ASN B 94 -8.14 -37.87 -22.25
N TRP B 95 -7.80 -37.68 -23.54
CA TRP B 95 -8.65 -36.88 -24.42
C TRP B 95 -9.97 -37.57 -24.72
N ALA B 96 -9.95 -38.89 -24.92
CA ALA B 96 -11.16 -39.61 -25.28
C ALA B 96 -12.14 -39.65 -24.11
N ALA B 97 -11.62 -39.79 -22.89
CA ALA B 97 -12.49 -39.69 -21.71
C ALA B 97 -13.01 -38.27 -21.52
N ALA B 98 -12.22 -37.25 -21.91
CA ALA B 98 -12.70 -35.87 -21.85
C ALA B 98 -13.86 -35.64 -22.82
N TYR B 99 -13.73 -36.14 -24.04
CA TYR B 99 -14.81 -36.02 -25.02
C TYR B 99 -16.03 -36.83 -24.58
N ALA B 100 -15.81 -37.99 -23.96
CA ALA B 100 -16.92 -38.78 -23.46
C ALA B 100 -17.65 -38.10 -22.31
N THR B 101 -16.90 -37.44 -21.41
CA THR B 101 -17.55 -36.71 -20.32
C THR B 101 -18.30 -35.49 -20.83
N GLY B 102 -17.77 -34.82 -21.84
CA GLY B 102 -18.50 -33.70 -22.44
C GLY B 102 -19.78 -34.15 -23.13
N LEU B 103 -19.72 -35.28 -23.84
CA LEU B 103 -20.92 -35.84 -24.47
C LEU B 103 -21.94 -36.28 -23.43
N LEU B 104 -21.48 -36.89 -22.33
CA LEU B 104 -22.37 -37.33 -21.27
C LEU B 104 -23.02 -36.14 -20.58
N LEU B 105 -22.26 -35.06 -20.37
CA LEU B 105 -22.80 -33.86 -19.75
C LEU B 105 -23.85 -33.20 -20.63
N ALA B 106 -23.58 -33.12 -21.94
CA ALA B 106 -24.55 -32.53 -22.86
C ALA B 106 -25.82 -33.37 -22.95
N ARG B 107 -25.68 -34.70 -22.97
CA ARG B 107 -26.85 -35.58 -22.99
C ARG B 107 -27.64 -35.49 -21.69
N ARG B 108 -26.96 -35.35 -20.55
CA ARG B 108 -27.64 -35.24 -19.27
C ARG B 108 -28.39 -33.91 -19.15
N VAL B 109 -27.77 -32.81 -19.55
CA VAL B 109 -28.43 -31.51 -19.42
C VAL B 109 -29.53 -31.37 -20.47
N LEU B 110 -29.42 -32.08 -21.60
CA LEU B 110 -30.49 -32.04 -22.58
C LEU B 110 -31.61 -33.02 -22.25
N ALA B 111 -31.33 -34.03 -21.41
CA ALA B 111 -32.38 -34.94 -20.98
C ALA B 111 -33.18 -34.37 -19.82
N LYS B 112 -32.50 -33.78 -18.83
CA LYS B 112 -33.21 -33.23 -17.69
C LYS B 112 -33.91 -31.92 -17.99
N LEU B 113 -33.59 -31.27 -19.10
CA LEU B 113 -34.33 -30.08 -19.51
C LEU B 113 -35.68 -30.42 -20.12
N GLY B 114 -35.87 -31.65 -20.57
CA GLY B 114 -37.07 -32.02 -21.28
C GLY B 114 -37.04 -31.70 -22.76
N LEU B 115 -35.94 -31.17 -23.27
CA LEU B 115 -35.82 -30.85 -24.68
C LEU B 115 -35.48 -32.12 -25.46
N GLU B 133 -45.76 -25.62 -14.78
CA GLU B 133 -46.87 -26.09 -15.61
C GLU B 133 -47.64 -24.91 -16.20
N ALA B 134 -47.23 -23.70 -15.83
CA ALA B 134 -47.87 -22.46 -16.26
C ALA B 134 -46.82 -21.45 -16.69
N ALA B 135 -45.91 -21.88 -17.57
CA ALA B 135 -44.80 -21.05 -18.01
C ALA B 135 -45.29 -19.84 -18.80
N GLU B 136 -44.59 -18.72 -18.62
CA GLU B 136 -45.03 -17.43 -19.14
C GLU B 136 -44.41 -17.06 -20.47
N THR B 137 -43.68 -17.97 -21.12
CA THR B 137 -43.21 -17.70 -22.47
C THR B 137 -44.39 -17.78 -23.43
N GLU B 138 -45.01 -16.63 -23.68
CA GLU B 138 -46.24 -16.57 -24.47
C GLU B 138 -46.02 -15.83 -25.79
N ARG B 142 -36.54 -25.27 -32.01
CA ARG B 142 -37.05 -25.71 -30.72
C ARG B 142 -36.18 -25.18 -29.58
N ARG B 143 -35.59 -23.99 -29.81
CA ARG B 143 -34.70 -23.27 -28.90
C ARG B 143 -33.53 -24.10 -28.38
N PRO B 144 -32.50 -24.36 -29.20
CA PRO B 144 -31.32 -25.08 -28.68
C PRO B 144 -30.59 -24.30 -27.59
N PHE B 145 -29.87 -25.04 -26.76
CA PHE B 145 -29.34 -24.54 -25.51
C PHE B 145 -28.03 -23.79 -25.75
N LYS B 146 -27.61 -22.99 -24.77
CA LYS B 146 -26.42 -22.15 -24.92
C LYS B 146 -25.52 -22.29 -23.69
N ALA B 147 -24.23 -22.01 -23.88
CA ALA B 147 -23.23 -22.24 -22.84
C ALA B 147 -22.02 -21.35 -23.08
N ILE B 148 -21.20 -21.23 -22.05
CA ILE B 148 -19.92 -20.50 -22.10
C ILE B 148 -18.85 -21.41 -21.49
N LEU B 149 -17.73 -21.57 -22.19
CA LEU B 149 -16.66 -22.42 -21.70
C LEU B 149 -15.91 -21.76 -20.55
N ASP B 150 -15.68 -22.53 -19.49
CA ASP B 150 -14.83 -22.12 -18.38
C ASP B 150 -13.65 -23.08 -18.31
N VAL B 151 -12.44 -22.54 -18.32
CA VAL B 151 -11.24 -23.36 -18.18
C VAL B 151 -10.60 -23.21 -16.81
N GLY B 152 -10.94 -22.15 -16.06
CA GLY B 152 -10.36 -21.99 -14.73
C GLY B 152 -8.91 -21.54 -14.80
N LEU B 153 -8.08 -22.16 -13.96
CA LEU B 153 -6.67 -21.85 -13.92
C LEU B 153 -5.84 -22.67 -14.89
N ALA B 154 -6.46 -23.58 -15.62
CA ALA B 154 -5.74 -24.36 -16.62
C ALA B 154 -5.34 -23.47 -17.78
N ARG B 155 -4.12 -23.69 -18.29
CA ARG B 155 -3.62 -22.90 -19.40
C ARG B 155 -4.34 -23.31 -20.68
N THR B 156 -4.75 -22.31 -21.46
CA THR B 156 -5.54 -22.53 -22.66
C THR B 156 -4.70 -22.72 -23.92
N SER B 157 -3.72 -23.61 -23.83
CA SER B 157 -2.93 -23.98 -25.00
C SER B 157 -3.74 -24.91 -25.89
N THR B 158 -3.37 -24.97 -27.16
CA THR B 158 -4.06 -25.84 -28.09
C THR B 158 -3.74 -27.30 -27.78
N GLY B 159 -4.71 -28.16 -28.07
CA GLY B 159 -4.60 -29.57 -27.75
C GLY B 159 -4.94 -29.93 -26.31
N ALA B 160 -5.28 -28.95 -25.48
CA ALA B 160 -5.63 -29.24 -24.10
C ALA B 160 -7.02 -29.84 -24.01
N ARG B 161 -7.20 -30.75 -23.05
CA ARG B 161 -8.41 -31.56 -22.96
C ARG B 161 -9.64 -30.78 -22.51
N VAL B 162 -9.48 -29.54 -22.06
CA VAL B 162 -10.64 -28.66 -21.85
C VAL B 162 -11.39 -28.46 -23.16
N PHE B 163 -10.66 -28.36 -24.27
CA PHE B 163 -11.29 -28.30 -25.57
C PHE B 163 -11.84 -29.65 -26.00
N GLY B 164 -11.33 -30.76 -25.44
CA GLY B 164 -11.98 -32.04 -25.66
C GLY B 164 -13.35 -32.12 -24.99
N VAL B 165 -13.45 -31.61 -23.76
CA VAL B 165 -14.74 -31.53 -23.06
C VAL B 165 -15.67 -30.58 -23.79
N MET B 166 -15.12 -29.46 -24.28
CA MET B 166 -15.88 -28.49 -25.07
C MET B 166 -16.39 -29.10 -26.38
N LYS B 167 -15.56 -29.91 -27.06
CA LYS B 167 -15.99 -30.56 -28.28
C LYS B 167 -17.06 -31.61 -28.00
N GLY B 168 -16.93 -32.32 -26.88
CA GLY B 168 -17.97 -33.28 -26.51
C GLY B 168 -19.30 -32.63 -26.17
N ALA B 169 -19.24 -31.47 -25.52
CA ALA B 169 -20.46 -30.71 -25.25
C ALA B 169 -21.08 -30.17 -26.54
N SER B 170 -20.25 -29.59 -27.42
CA SER B 170 -20.76 -28.99 -28.64
C SER B 170 -21.21 -30.04 -29.66
N ASP B 171 -20.76 -31.28 -29.52
CA ASP B 171 -21.27 -32.36 -30.35
C ASP B 171 -22.44 -33.08 -29.70
N GLY B 172 -22.61 -32.95 -28.38
CA GLY B 172 -23.73 -33.58 -27.71
C GLY B 172 -25.06 -32.94 -27.99
N GLY B 173 -25.08 -31.66 -28.35
CA GLY B 173 -26.32 -31.03 -28.73
C GLY B 173 -26.49 -29.59 -28.28
N ILE B 174 -25.65 -29.12 -27.37
CA ILE B 174 -25.72 -27.74 -26.93
C ILE B 174 -24.84 -26.90 -27.85
N PHE B 175 -25.09 -25.60 -27.84
CA PHE B 175 -24.43 -24.66 -28.74
C PHE B 175 -23.47 -23.80 -27.92
N ILE B 176 -22.18 -23.99 -28.16
CA ILE B 176 -21.13 -23.20 -27.51
C ILE B 176 -20.45 -22.38 -28.59
N PRO B 177 -20.33 -21.06 -28.42
CA PRO B 177 -19.61 -20.24 -29.42
C PRO B 177 -18.12 -20.52 -29.35
N HIS B 178 -17.59 -21.14 -30.41
CA HIS B 178 -16.21 -21.60 -30.39
C HIS B 178 -15.65 -21.60 -31.80
N SER B 179 -14.31 -21.61 -31.87
CA SER B 179 -13.59 -21.70 -33.12
C SER B 179 -12.71 -22.93 -33.11
N GLU B 180 -12.26 -23.35 -34.29
CA GLU B 180 -11.36 -24.47 -34.45
C GLU B 180 -9.89 -24.09 -34.33
N ASN B 181 -9.61 -22.92 -33.73
CA ASN B 181 -8.24 -22.47 -33.58
C ASN B 181 -7.50 -23.30 -32.53
N ARG B 182 -8.19 -23.72 -31.49
CA ARG B 182 -7.54 -24.34 -30.35
C ARG B 182 -7.64 -25.86 -30.37
N PHE B 183 -8.22 -26.43 -31.41
CA PHE B 183 -8.27 -27.88 -31.55
C PHE B 183 -6.90 -28.44 -31.92
N PRO B 184 -6.61 -29.66 -31.52
CA PRO B 184 -5.36 -30.31 -31.96
C PRO B 184 -5.47 -30.78 -33.39
N GLY B 185 -4.31 -31.09 -33.96
CA GLY B 185 -4.24 -31.39 -35.38
C GLY B 185 -4.54 -30.18 -36.24
N TYR B 186 -4.15 -28.99 -35.79
CA TYR B 186 -4.45 -27.74 -36.46
C TYR B 186 -3.17 -26.96 -36.64
N ASP B 187 -2.81 -26.70 -37.89
CA ASP B 187 -1.62 -25.92 -38.21
C ASP B 187 -1.80 -24.47 -37.77
N ILE B 188 -0.70 -23.81 -37.48
CA ILE B 188 -0.72 -22.43 -37.01
C ILE B 188 -0.34 -21.44 -38.11
N GLU B 189 0.57 -21.83 -39.03
CA GLU B 189 0.93 -20.91 -40.10
C GLU B 189 -0.04 -20.97 -41.28
N THR B 190 -0.92 -21.97 -41.32
CA THR B 190 -2.08 -21.96 -42.19
C THR B 190 -3.29 -22.39 -41.38
N GLU B 191 -4.47 -21.90 -41.78
CA GLU B 191 -5.69 -22.11 -41.00
C GLU B 191 -6.44 -23.35 -41.49
N GLU B 192 -5.74 -24.48 -41.47
CA GLU B 192 -6.30 -25.76 -41.89
C GLU B 192 -6.33 -26.71 -40.71
N LEU B 193 -7.51 -27.28 -40.45
CA LEU B 193 -7.69 -28.27 -39.40
C LEU B 193 -7.71 -29.65 -40.01
N ASP B 194 -6.73 -30.47 -39.65
CA ASP B 194 -6.67 -31.85 -40.11
C ASP B 194 -7.70 -32.65 -39.33
N THR B 195 -8.85 -32.91 -39.97
CA THR B 195 -9.93 -33.63 -39.30
C THR B 195 -9.60 -35.10 -39.07
N GLU B 196 -8.62 -35.65 -39.80
CA GLU B 196 -8.18 -37.01 -39.53
C GLU B 196 -7.50 -37.12 -38.18
N VAL B 197 -6.68 -36.13 -37.82
CA VAL B 197 -6.01 -36.14 -36.52
C VAL B 197 -7.01 -35.95 -35.39
N LEU B 198 -8.00 -35.08 -35.60
CA LEU B 198 -9.06 -34.87 -34.61
C LEU B 198 -9.89 -36.12 -34.42
N LYS B 199 -10.28 -36.77 -35.52
CA LYS B 199 -11.04 -38.03 -35.45
C LYS B 199 -10.22 -39.15 -34.85
N LYS B 200 -8.89 -39.10 -35.02
CA LYS B 200 -8.01 -40.03 -34.33
C LYS B 200 -8.02 -39.78 -32.82
N TYR B 201 -8.01 -38.51 -32.40
CA TYR B 201 -8.00 -38.24 -30.97
C TYR B 201 -9.34 -38.51 -30.30
N ILE B 202 -10.45 -38.43 -31.06
CA ILE B 202 -11.77 -38.69 -30.47
C ILE B 202 -11.88 -40.14 -30.01
N TYR B 203 -11.41 -41.06 -30.83
CA TYR B 203 -11.44 -42.48 -30.49
C TYR B 203 -10.15 -42.96 -29.85
N GLY B 204 -9.34 -42.04 -29.33
CA GLY B 204 -8.13 -42.39 -28.60
C GLY B 204 -7.04 -43.04 -29.42
N GLY B 205 -6.85 -42.61 -30.66
CA GLY B 205 -5.85 -43.23 -31.51
C GLY B 205 -4.42 -42.92 -31.13
N HIS B 206 -4.20 -41.80 -30.43
CA HIS B 206 -2.84 -41.48 -30.00
C HIS B 206 -2.35 -42.44 -28.92
N VAL B 207 -3.25 -42.85 -28.02
CA VAL B 207 -2.92 -43.87 -27.04
C VAL B 207 -2.64 -45.21 -27.73
N ALA B 208 -3.39 -45.50 -28.79
CA ALA B 208 -3.21 -46.74 -29.54
C ALA B 208 -1.85 -46.78 -30.24
N GLU B 209 -1.48 -45.70 -30.92
CA GLU B 209 -0.19 -45.70 -31.62
C GLU B 209 0.97 -45.57 -30.64
N TYR B 210 0.76 -44.92 -29.48
CA TYR B 210 1.77 -44.92 -28.44
C TYR B 210 1.98 -46.32 -27.87
N MET B 211 0.90 -47.07 -27.71
CA MET B 211 1.01 -48.45 -27.25
C MET B 211 1.73 -49.31 -28.28
N GLU B 212 1.45 -49.09 -29.56
CA GLU B 212 2.14 -49.83 -30.62
C GLU B 212 3.63 -49.51 -30.66
N THR B 213 3.97 -48.21 -30.53
CA THR B 213 5.37 -47.79 -30.55
C THR B 213 6.12 -48.31 -29.33
N LEU B 214 5.49 -48.26 -28.14
CA LEU B 214 6.13 -48.76 -26.94
C LEU B 214 6.22 -50.28 -26.93
N ALA B 215 5.31 -50.96 -27.62
CA ALA B 215 5.39 -52.41 -27.70
C ALA B 215 6.47 -52.86 -28.68
N ASP B 216 6.65 -52.14 -29.79
CA ASP B 216 7.60 -52.57 -30.80
C ASP B 216 9.03 -52.17 -30.44
N ASP B 217 9.25 -50.88 -30.15
CA ASP B 217 10.59 -50.36 -29.91
C ASP B 217 11.02 -50.43 -28.46
N ASP B 218 10.21 -50.99 -27.58
CA ASP B 218 10.55 -51.09 -26.17
C ASP B 218 9.85 -52.30 -25.58
N GLU B 219 10.26 -52.68 -24.37
CA GLU B 219 9.50 -53.64 -23.59
C GLU B 219 9.32 -53.25 -22.13
N GLU B 220 10.24 -52.49 -21.54
CA GLU B 220 10.16 -52.18 -20.11
C GLU B 220 9.09 -51.15 -19.81
N ARG B 221 9.01 -50.09 -20.62
CA ARG B 221 8.02 -49.05 -20.36
C ARG B 221 6.61 -49.50 -20.72
N TYR B 222 6.49 -50.30 -21.78
CA TYR B 222 5.18 -50.80 -22.21
C TYR B 222 4.57 -51.75 -21.20
N LYS B 223 5.40 -52.38 -20.37
CA LYS B 223 4.91 -53.17 -19.24
C LYS B 223 4.78 -52.33 -17.98
N SER B 224 5.66 -51.35 -17.78
CA SER B 224 5.60 -50.49 -16.61
C SER B 224 4.39 -49.57 -16.65
N GLN B 225 4.17 -48.91 -17.79
CA GLN B 225 2.88 -48.30 -18.05
C GLN B 225 1.93 -49.35 -18.62
N PHE B 226 0.67 -48.97 -18.77
CA PHE B 226 -0.37 -49.75 -19.46
C PHE B 226 -0.59 -51.13 -18.82
N VAL B 227 -0.43 -51.22 -17.50
CA VAL B 227 -0.58 -52.50 -16.81
C VAL B 227 -2.02 -52.97 -16.86
N LYS B 228 -2.96 -52.06 -16.59
CA LYS B 228 -4.37 -52.40 -16.68
C LYS B 228 -4.83 -52.58 -18.12
N TYR B 229 -4.12 -51.99 -19.08
CA TYR B 229 -4.37 -52.31 -20.48
C TYR B 229 -3.92 -53.73 -20.81
N ILE B 230 -2.81 -54.17 -20.20
CA ILE B 230 -2.28 -55.50 -20.50
C ILE B 230 -3.14 -56.58 -19.85
N GLU B 231 -3.46 -56.43 -18.57
CA GLU B 231 -4.13 -57.49 -17.84
C GLU B 231 -5.61 -57.63 -18.23
N ASP B 232 -6.21 -56.59 -18.79
CA ASP B 232 -7.59 -56.68 -19.26
C ASP B 232 -7.69 -57.02 -20.74
N ASP B 233 -6.55 -57.19 -21.42
CA ASP B 233 -6.44 -57.67 -22.80
C ASP B 233 -7.19 -56.76 -23.79
N VAL B 234 -6.71 -55.53 -23.88
CA VAL B 234 -7.20 -54.58 -24.86
C VAL B 234 -6.06 -54.15 -25.77
N GLU B 235 -6.40 -53.83 -27.03
CA GLU B 235 -5.43 -53.41 -28.03
C GLU B 235 -5.96 -52.21 -28.79
N ALA B 236 -5.34 -51.88 -29.93
CA ALA B 236 -5.60 -50.62 -30.62
C ALA B 236 -7.00 -50.57 -31.23
N ASP B 237 -7.30 -51.50 -32.14
CA ASP B 237 -8.62 -51.54 -32.76
C ASP B 237 -9.70 -51.88 -31.77
N SER B 238 -9.37 -52.68 -30.75
CA SER B 238 -10.30 -52.94 -29.66
C SER B 238 -10.61 -51.65 -28.90
N LEU B 239 -9.61 -50.80 -28.69
CA LEU B 239 -9.83 -49.51 -28.04
C LEU B 239 -10.73 -48.60 -28.88
N GLU B 240 -10.51 -48.60 -30.21
CA GLU B 240 -11.30 -47.75 -31.09
C GLU B 240 -12.77 -48.18 -31.12
N GLU B 241 -13.02 -49.48 -31.34
CA GLU B 241 -14.38 -49.97 -31.35
C GLU B 241 -15.03 -49.90 -29.97
N LEU B 242 -14.24 -50.03 -28.91
CA LEU B 242 -14.77 -49.96 -27.55
C LEU B 242 -15.19 -48.53 -27.20
N TYR B 243 -14.41 -47.54 -27.64
CA TYR B 243 -14.84 -46.15 -27.45
C TYR B 243 -16.05 -45.81 -28.30
N ALA B 244 -16.13 -46.35 -29.52
CA ALA B 244 -17.31 -46.12 -30.36
C ALA B 244 -18.58 -46.73 -29.74
N GLU B 245 -18.47 -47.94 -29.21
CA GLU B 245 -19.58 -48.57 -28.52
C GLU B 245 -19.94 -47.82 -27.24
N ALA B 246 -18.94 -47.26 -26.56
CA ALA B 246 -19.21 -46.43 -25.38
C ALA B 246 -19.98 -45.17 -25.75
N HIS B 247 -19.63 -44.54 -26.88
CA HIS B 247 -20.35 -43.34 -27.31
C HIS B 247 -21.79 -43.67 -27.71
N LYS B 248 -22.00 -44.80 -28.38
CA LYS B 248 -23.36 -45.22 -28.71
C LYS B 248 -24.16 -45.54 -27.45
N GLN B 249 -23.51 -46.13 -26.44
CA GLN B 249 -24.17 -46.38 -25.16
C GLN B 249 -24.49 -45.09 -24.42
N ILE B 250 -23.65 -44.07 -24.57
CA ILE B 250 -23.91 -42.76 -23.97
C ILE B 250 -25.15 -42.14 -24.61
N ARG B 251 -25.22 -42.17 -25.94
CA ARG B 251 -26.38 -41.63 -26.64
C ARG B 251 -27.63 -42.49 -26.43
N ALA B 252 -27.48 -43.75 -26.00
CA ALA B 252 -28.66 -44.58 -25.76
C ALA B 252 -29.33 -44.23 -24.43
N ASP B 253 -28.64 -44.43 -23.32
CA ASP B 253 -29.24 -44.31 -21.99
C ASP B 253 -28.28 -43.59 -21.05
N PRO B 254 -28.30 -42.25 -21.05
CA PRO B 254 -27.33 -41.51 -20.24
C PRO B 254 -27.75 -41.26 -18.80
N PHE B 255 -28.27 -42.27 -18.11
CA PHE B 255 -28.60 -42.12 -16.69
C PHE B 255 -28.28 -43.39 -15.92
N ARG B 256 -27.14 -44.00 -16.17
CA ARG B 256 -26.78 -45.21 -15.45
C ARG B 256 -26.21 -44.86 -14.07
N LYS B 257 -25.96 -45.91 -13.28
CA LYS B 257 -25.42 -45.78 -11.94
C LYS B 257 -24.29 -46.78 -11.75
N TYR B 258 -23.35 -46.42 -10.88
CA TYR B 258 -22.17 -47.24 -10.64
C TYR B 258 -21.89 -47.36 -9.15
N VAL B 259 -21.46 -48.56 -8.73
CA VAL B 259 -20.95 -48.80 -7.39
C VAL B 259 -19.58 -49.44 -7.52
N SER B 260 -18.62 -48.96 -6.72
CA SER B 260 -17.22 -49.32 -6.95
C SER B 260 -16.59 -50.11 -5.81
N ASP B 261 -16.52 -49.56 -4.60
CA ASP B 261 -15.59 -50.09 -3.60
C ASP B 261 -16.25 -50.58 -2.33
N ALA B 262 -16.99 -49.73 -1.62
CA ALA B 262 -17.49 -50.06 -0.28
C ALA B 262 -18.63 -49.13 0.10
N PRO B 263 -19.81 -49.27 -0.49
CA PRO B 263 -20.89 -48.30 -0.24
C PRO B 263 -21.70 -48.61 1.02
N LYS B 264 -21.16 -48.21 2.16
CA LYS B 264 -21.92 -48.23 3.40
C LYS B 264 -22.91 -47.08 3.36
N LYS B 265 -24.18 -47.39 3.06
CA LYS B 265 -25.19 -46.36 2.89
C LYS B 265 -25.70 -45.89 4.25
N SER B 266 -26.82 -45.15 4.23
CA SER B 266 -27.49 -44.61 5.41
C SER B 266 -26.55 -43.67 6.19
N LYS B 267 -26.33 -42.50 5.58
CA LYS B 267 -25.35 -41.46 5.95
C LYS B 267 -25.22 -41.14 7.44
N GLU B 268 -26.29 -41.36 8.22
CA GLU B 268 -26.19 -41.29 9.67
C GLU B 268 -25.16 -42.27 10.24
N GLU B 269 -24.99 -43.43 9.59
CA GLU B 269 -23.88 -44.32 9.95
C GLU B 269 -22.53 -43.66 9.65
N TRP B 270 -22.42 -43.00 8.49
CA TRP B 270 -21.20 -42.25 8.20
C TRP B 270 -21.04 -41.06 9.13
N LYS B 271 -22.14 -40.44 9.54
CA LYS B 271 -22.08 -39.35 10.51
C LYS B 271 -21.55 -39.83 11.85
N ALA B 272 -22.03 -40.99 12.33
CA ALA B 272 -21.52 -41.55 13.57
C ALA B 272 -20.06 -41.96 13.45
N GLU B 273 -19.68 -42.53 12.30
CA GLU B 273 -18.30 -42.94 12.07
C GLU B 273 -17.36 -41.74 12.03
N SER B 274 -17.81 -40.63 11.47
CA SER B 274 -16.97 -39.43 11.43
C SER B 274 -16.91 -38.76 12.79
N LEU B 275 -18.01 -38.80 13.55
CA LEU B 275 -18.01 -38.19 14.88
C LEU B 275 -17.14 -38.98 15.87
N LYS B 276 -17.07 -40.31 15.72
CA LYS B 276 -16.24 -41.03 16.68
C LYS B 276 -14.78 -41.12 16.25
N TYR B 277 -14.40 -40.52 15.12
CA TYR B 277 -13.01 -40.32 14.75
C TYR B 277 -12.63 -38.83 14.69
N LYS B 278 -13.45 -37.96 15.27
CA LYS B 278 -13.20 -36.53 15.23
C LYS B 278 -12.64 -36.07 16.57
N LYS B 279 -11.50 -35.38 16.53
CA LYS B 279 -10.91 -34.82 17.74
C LYS B 279 -11.73 -33.62 18.19
N ALA B 280 -12.51 -33.80 19.25
CA ALA B 280 -13.40 -32.75 19.72
C ALA B 280 -12.62 -31.63 20.40
N LYS B 281 -13.22 -30.45 20.44
CA LYS B 281 -12.60 -29.28 21.05
C LYS B 281 -12.76 -29.35 22.57
N LEU B 282 -12.36 -28.27 23.23
CA LEU B 282 -12.61 -28.07 24.65
C LEU B 282 -13.73 -27.04 24.80
N SER B 283 -14.76 -27.39 25.56
CA SER B 283 -15.89 -26.49 25.79
C SER B 283 -15.48 -25.37 26.74
N ARG B 284 -16.45 -24.49 27.04
CA ARG B 284 -16.18 -23.33 27.90
C ARG B 284 -15.83 -23.75 29.32
N GLU B 285 -16.52 -24.77 29.84
CA GLU B 285 -16.11 -25.36 31.11
C GLU B 285 -14.75 -26.04 30.98
N GLU B 286 -14.51 -26.72 29.86
CA GLU B 286 -13.21 -27.33 29.63
C GLU B 286 -12.14 -26.29 29.36
N ARG B 287 -12.50 -25.15 28.75
CA ARG B 287 -11.54 -24.06 28.60
C ARG B 287 -11.20 -23.43 29.94
N LYS B 288 -12.18 -23.32 30.84
CA LYS B 288 -11.91 -22.85 32.20
C LYS B 288 -11.03 -23.83 32.96
N ALA B 289 -11.27 -25.13 32.77
CA ALA B 289 -10.42 -26.15 33.39
C ALA B 289 -9.00 -26.10 32.85
N ARG B 290 -8.85 -25.87 31.54
CA ARG B 290 -7.52 -25.75 30.95
C ARG B 290 -6.81 -24.48 31.42
N VAL B 291 -7.57 -23.40 31.62
CA VAL B 291 -7.00 -22.16 32.14
C VAL B 291 -6.56 -22.35 33.59
N GLU B 292 -7.35 -23.08 34.38
CA GLU B 292 -6.96 -23.39 35.75
C GLU B 292 -5.72 -24.29 35.80
N ALA B 293 -5.64 -25.25 34.87
CA ALA B 293 -4.45 -26.10 34.77
C ALA B 293 -3.22 -25.31 34.36
N LYS B 294 -3.38 -24.34 33.45
CA LYS B 294 -2.28 -23.50 33.05
C LYS B 294 -1.86 -22.56 34.18
N ILE B 295 -2.81 -22.11 34.98
CA ILE B 295 -2.49 -21.28 36.14
C ILE B 295 -1.74 -22.09 37.19
N LYS B 296 -2.17 -23.32 37.44
CA LYS B 296 -1.50 -24.17 38.41
C LYS B 296 -0.16 -24.68 37.91
N GLN B 297 0.05 -24.74 36.59
CA GLN B 297 1.28 -25.26 36.02
C GLN B 297 2.30 -24.19 35.68
N LEU B 298 1.87 -22.98 35.33
CA LEU B 298 2.76 -21.90 34.96
C LEU B 298 2.73 -20.75 35.94
N LEU B 299 1.54 -20.23 36.27
CA LEU B 299 1.46 -19.12 37.21
C LEU B 299 1.75 -19.57 38.63
N ALA B 300 1.21 -20.71 39.05
CA ALA B 300 1.49 -21.29 40.35
C ALA B 300 2.57 -22.35 40.31
N GLU B 301 3.19 -22.57 39.15
CA GLU B 301 4.25 -23.55 38.90
C GLU B 301 3.87 -24.98 39.30
N LEU C 11 -59.93 -15.34 -9.66
CA LEU C 11 -58.57 -14.83 -9.77
C LEU C 11 -58.39 -14.07 -11.09
N PRO C 12 -58.70 -12.78 -11.09
CA PRO C 12 -58.56 -11.99 -12.31
C PRO C 12 -57.11 -11.66 -12.61
N VAL C 13 -56.85 -11.28 -13.86
CA VAL C 13 -55.51 -10.93 -14.32
C VAL C 13 -55.34 -9.42 -14.46
N THR C 14 -56.33 -8.63 -14.08
CA THR C 14 -56.20 -7.19 -14.06
C THR C 14 -56.80 -6.65 -12.76
N VAL C 15 -56.35 -5.47 -12.37
CA VAL C 15 -56.84 -4.81 -11.18
C VAL C 15 -57.20 -3.36 -11.55
N GLU C 16 -58.27 -2.86 -10.95
CA GLU C 16 -58.75 -1.49 -11.20
C GLU C 16 -58.68 -0.72 -9.89
N LYS C 17 -57.96 0.39 -9.90
CA LYS C 17 -57.68 1.20 -8.74
C LYS C 17 -58.14 2.62 -9.02
N PRO C 18 -58.45 3.41 -7.98
CA PRO C 18 -58.94 4.78 -8.21
C PRO C 18 -57.97 5.69 -8.94
N THR C 19 -56.66 5.51 -8.77
CA THR C 19 -55.76 6.31 -9.57
C THR C 19 -55.07 5.44 -10.62
N PRO C 20 -54.99 5.91 -11.87
CA PRO C 20 -54.28 5.15 -12.89
C PRO C 20 -52.78 5.14 -12.64
N TYR C 21 -52.15 4.03 -13.03
CA TYR C 21 -50.71 3.89 -12.86
C TYR C 21 -49.98 4.77 -13.88
N THR C 22 -48.78 5.19 -13.51
CA THR C 22 -47.91 5.92 -14.43
C THR C 22 -46.69 5.04 -14.69
N PHE C 23 -46.75 4.30 -15.79
CA PHE C 23 -45.73 3.34 -16.16
C PHE C 23 -44.67 4.01 -17.03
N ASP C 24 -43.42 3.59 -16.86
CA ASP C 24 -42.31 4.04 -17.69
C ASP C 24 -41.51 2.79 -18.06
N LEU C 25 -41.73 2.27 -19.26
CA LEU C 25 -41.19 0.98 -19.66
C LEU C 25 -39.71 1.05 -20.03
N GLY C 26 -39.14 2.25 -20.17
CA GLY C 26 -37.74 2.35 -20.51
C GLY C 26 -36.82 1.89 -19.40
N LEU C 27 -37.25 2.02 -18.15
CA LEU C 27 -36.49 1.56 -17.01
C LEU C 27 -37.18 0.43 -16.26
N LEU C 28 -38.23 -0.15 -16.85
CA LEU C 28 -39.10 -1.15 -16.23
C LEU C 28 -39.67 -0.63 -14.92
N LEU C 29 -40.43 0.45 -15.03
CA LEU C 29 -40.84 1.26 -13.89
C LEU C 29 -42.35 1.43 -13.89
N ALA C 30 -42.92 1.58 -12.71
CA ALA C 30 -44.34 1.86 -12.58
C ALA C 30 -44.58 2.67 -11.31
N ASN C 31 -44.63 3.99 -11.43
CA ASN C 31 -45.00 4.82 -10.29
C ASN C 31 -46.50 4.69 -10.04
N ASP C 32 -46.87 4.45 -8.79
CA ASP C 32 -48.26 4.22 -8.41
C ASP C 32 -48.71 5.29 -7.44
N PRO C 33 -49.57 6.23 -7.86
CA PRO C 33 -49.99 7.31 -6.96
C PRO C 33 -51.14 6.96 -6.04
N ASN C 34 -51.66 5.73 -6.09
CA ASN C 34 -52.70 5.32 -5.16
C ASN C 34 -52.07 5.08 -3.80
N PRO C 35 -52.57 5.75 -2.73
CA PRO C 35 -51.99 5.58 -1.39
C PRO C 35 -52.10 4.15 -0.87
N VAL C 36 -50.96 3.61 -0.45
CA VAL C 36 -50.91 2.31 0.20
C VAL C 36 -51.47 2.43 1.61
N ASN C 37 -52.39 1.55 1.96
CA ASN C 37 -53.01 1.57 3.28
C ASN C 37 -52.24 0.58 4.15
N VAL C 38 -51.42 1.11 5.04
CA VAL C 38 -50.65 0.29 5.97
C VAL C 38 -51.55 -0.08 7.14
N PRO C 39 -51.67 -1.37 7.48
CA PRO C 39 -52.52 -1.76 8.63
C PRO C 39 -52.01 -1.25 9.97
N LYS C 40 -50.69 -1.06 10.10
CA LYS C 40 -50.03 -0.56 11.32
C LYS C 40 -50.37 -1.43 12.55
N THR C 41 -50.34 -2.73 12.35
CA THR C 41 -50.63 -3.70 13.40
C THR C 41 -49.33 -4.18 14.04
N THR C 42 -49.47 -4.77 15.23
CA THR C 42 -48.30 -5.29 15.93
C THR C 42 -47.77 -6.55 15.26
N ASP C 43 -48.65 -7.39 14.74
CA ASP C 43 -48.22 -8.60 14.06
C ASP C 43 -47.68 -8.26 12.68
N THR C 44 -46.42 -8.66 12.42
CA THR C 44 -45.78 -8.32 11.16
C THR C 44 -46.30 -9.17 10.00
N GLN C 45 -46.98 -10.28 10.29
CA GLN C 45 -47.39 -11.22 9.24
C GLN C 45 -48.44 -10.62 8.31
N VAL C 46 -49.49 -10.03 8.89
CA VAL C 46 -50.56 -9.42 8.10
C VAL C 46 -50.04 -8.23 7.31
N LEU C 47 -49.06 -7.50 7.87
CA LEU C 47 -48.35 -6.47 7.12
C LEU C 47 -47.61 -7.07 5.93
N GLU C 48 -47.03 -8.25 6.12
CA GLU C 48 -46.32 -8.91 5.01
C GLU C 48 -47.27 -9.34 3.90
N GLN C 49 -48.45 -9.91 4.24
CA GLN C 49 -49.37 -10.27 3.16
C GLN C 49 -49.98 -9.05 2.49
N HIS C 50 -50.21 -7.96 3.23
CA HIS C 50 -50.74 -6.75 2.61
C HIS C 50 -49.73 -6.13 1.66
N LEU C 51 -48.46 -6.06 2.07
CA LEU C 51 -47.41 -5.53 1.21
C LEU C 51 -47.19 -6.42 0.00
N ALA C 52 -47.25 -7.75 0.19
CA ALA C 52 -47.12 -8.68 -0.93
C ALA C 52 -48.29 -8.57 -1.90
N SER C 53 -49.50 -8.29 -1.40
CA SER C 53 -50.65 -8.10 -2.29
C SER C 53 -50.51 -6.83 -3.11
N VAL C 54 -50.04 -5.74 -2.48
CA VAL C 54 -49.81 -4.49 -3.20
C VAL C 54 -48.72 -4.67 -4.26
N ALA C 55 -47.65 -5.38 -3.90
CA ALA C 55 -46.58 -5.67 -4.85
C ALA C 55 -47.05 -6.58 -5.99
N ARG C 56 -47.94 -7.53 -5.67
CA ARG C 56 -48.51 -8.41 -6.67
C ARG C 56 -49.33 -7.65 -7.69
N ASP C 57 -50.17 -6.71 -7.21
CA ASP C 57 -50.96 -5.88 -8.12
C ASP C 57 -50.06 -4.98 -8.97
N GLY C 58 -49.00 -4.43 -8.37
CA GLY C 58 -48.07 -3.60 -9.12
C GLY C 58 -47.33 -4.37 -10.21
N ALA C 59 -46.85 -5.58 -9.88
CA ALA C 59 -46.16 -6.38 -10.89
C ALA C 59 -47.11 -6.90 -11.96
N GLN C 60 -48.38 -7.15 -11.59
CA GLN C 60 -49.37 -7.56 -12.58
C GLN C 60 -49.62 -6.46 -13.59
N VAL C 61 -49.80 -5.22 -13.12
CA VAL C 61 -49.98 -4.09 -14.02
C VAL C 61 -48.71 -3.86 -14.85
N LEU C 62 -47.54 -4.07 -14.24
CA LEU C 62 -46.27 -3.87 -14.93
C LEU C 62 -46.09 -4.82 -16.10
N ILE C 63 -46.27 -6.12 -15.87
CA ILE C 63 -46.05 -7.01 -17.01
C ILE C 63 -47.26 -7.04 -17.95
N ASN C 64 -48.45 -6.61 -17.50
CA ASN C 64 -49.54 -6.43 -18.44
C ASN C 64 -49.24 -5.32 -19.42
N GLN C 65 -48.70 -4.20 -18.92
CA GLN C 65 -48.31 -3.11 -19.81
C GLN C 65 -47.08 -3.48 -20.65
N LEU C 66 -46.23 -4.37 -20.14
CA LEU C 66 -45.11 -4.85 -20.94
C LEU C 66 -45.59 -5.73 -22.09
N LEU C 67 -46.49 -6.68 -21.80
CA LEU C 67 -46.98 -7.60 -22.82
C LEU C 67 -47.97 -6.95 -23.77
N THR C 68 -48.51 -5.78 -23.43
CA THR C 68 -49.30 -5.02 -24.40
C THR C 68 -48.42 -4.53 -25.55
N THR C 69 -47.18 -4.15 -25.25
CA THR C 69 -46.23 -3.71 -26.26
C THR C 69 -45.82 -4.89 -27.15
N THR C 70 -45.65 -4.61 -28.45
CA THR C 70 -45.42 -5.65 -29.44
C THR C 70 -44.08 -6.35 -29.24
N THR C 71 -44.08 -7.67 -29.44
CA THR C 71 -42.91 -8.52 -29.29
C THR C 71 -42.48 -9.10 -30.63
N ILE C 72 -41.26 -9.63 -30.67
CA ILE C 72 -40.73 -10.21 -31.90
C ILE C 72 -39.86 -11.42 -31.55
N THR C 73 -40.16 -12.57 -32.13
CA THR C 73 -39.35 -13.77 -31.90
C THR C 73 -38.00 -13.62 -32.56
N ALA C 74 -36.98 -14.29 -32.03
CA ALA C 74 -35.64 -14.10 -32.56
C ALA C 74 -34.79 -15.35 -32.68
N THR C 75 -33.69 -15.25 -33.42
CA THR C 75 -32.78 -16.38 -33.59
C THR C 75 -32.17 -16.80 -32.27
N LYS C 76 -32.03 -15.85 -31.35
CA LYS C 76 -31.49 -16.16 -30.04
C LYS C 76 -32.47 -17.06 -29.34
N ASP C 77 -33.69 -17.18 -29.87
CA ASP C 77 -34.72 -18.07 -29.32
C ASP C 77 -35.44 -17.48 -28.14
N GLY C 78 -35.22 -16.19 -27.90
CA GLY C 78 -35.93 -15.53 -26.84
C GLY C 78 -36.86 -14.54 -27.52
N VAL C 79 -38.12 -14.57 -27.15
CA VAL C 79 -39.04 -13.60 -27.70
C VAL C 79 -38.66 -12.28 -27.07
N LEU C 80 -38.46 -11.24 -27.87
CA LEU C 80 -38.02 -10.00 -27.26
C LEU C 80 -39.12 -8.97 -27.25
N LEU C 81 -39.20 -8.21 -26.16
CA LEU C 81 -40.11 -7.09 -26.03
C LEU C 81 -39.36 -5.82 -26.34
N THR C 82 -39.83 -5.10 -27.36
CA THR C 82 -39.20 -3.83 -27.74
C THR C 82 -39.52 -2.76 -26.71
N LEU C 83 -38.51 -2.05 -26.24
CA LEU C 83 -38.78 -1.06 -25.21
C LEU C 83 -38.74 0.36 -25.77
N PRO C 84 -39.58 1.26 -25.27
CA PRO C 84 -39.44 2.68 -25.58
C PRO C 84 -38.19 3.25 -24.93
N PRO C 85 -37.66 4.36 -25.45
CA PRO C 85 -36.50 4.98 -24.81
C PRO C 85 -36.87 5.54 -23.44
N PRO C 86 -35.90 5.63 -22.53
CA PRO C 86 -36.20 6.11 -21.17
C PRO C 86 -36.56 7.58 -21.15
N THR C 87 -37.64 7.90 -20.44
CA THR C 87 -38.13 9.27 -20.35
C THR C 87 -38.02 9.87 -18.96
N THR C 88 -37.69 9.08 -17.94
CA THR C 88 -37.55 9.62 -16.59
C THR C 88 -36.24 10.40 -16.48
N PRO C 89 -36.28 11.65 -16.02
CA PRO C 89 -35.04 12.43 -15.90
C PRO C 89 -34.12 11.88 -14.82
N LEU C 90 -32.83 11.82 -15.16
CA LEU C 90 -31.79 11.28 -14.30
C LEU C 90 -30.55 12.15 -14.43
N PRO C 91 -29.68 12.17 -13.40
CA PRO C 91 -28.42 12.91 -13.53
C PRO C 91 -27.41 12.20 -14.42
N ARG C 92 -26.22 12.77 -14.54
CA ARG C 92 -25.23 12.33 -15.50
C ARG C 92 -23.89 12.13 -14.80
N GLU C 93 -23.13 11.14 -15.29
CA GLU C 93 -21.83 10.85 -14.70
C GLU C 93 -20.81 11.95 -15.05
N LYS C 94 -20.72 12.32 -16.32
CA LYS C 94 -19.82 13.36 -16.84
C LYS C 94 -20.52 14.03 -18.02
N PRO C 95 -20.41 15.35 -18.16
CA PRO C 95 -21.29 16.08 -19.09
C PRO C 95 -20.85 15.90 -20.53
N VAL C 96 -21.64 16.49 -21.42
CA VAL C 96 -21.47 16.36 -22.86
C VAL C 96 -20.23 17.12 -23.30
N PRO C 97 -19.26 16.45 -23.92
CA PRO C 97 -18.09 17.17 -24.44
C PRO C 97 -18.44 17.98 -25.67
N GLN C 98 -17.64 19.04 -25.88
CA GLN C 98 -17.75 19.99 -27.00
C GLN C 98 -19.14 20.63 -27.10
N ARG D 11 -2.20 -0.34 -22.96
CA ARG D 11 -3.12 -0.88 -21.97
C ARG D 11 -3.88 0.25 -21.26
N SER D 12 -3.19 1.35 -21.01
CA SER D 12 -3.79 2.50 -20.35
C SER D 12 -4.61 3.37 -21.27
N LYS D 13 -4.54 3.14 -22.60
CA LYS D 13 -5.33 3.93 -23.54
C LYS D 13 -6.82 3.61 -23.41
N ARG D 14 -7.16 2.32 -23.27
CA ARG D 14 -8.56 1.95 -23.06
C ARG D 14 -9.06 2.42 -21.70
N ALA D 15 -8.19 2.42 -20.68
CA ALA D 15 -8.56 2.95 -19.37
C ALA D 15 -8.82 4.45 -19.43
N LEU D 16 -8.00 5.18 -20.20
CA LEU D 16 -8.23 6.61 -20.38
C LEU D 16 -9.48 6.88 -21.20
N GLU D 17 -9.78 6.02 -22.17
CA GLU D 17 -11.01 6.16 -22.96
C GLU D 17 -12.25 5.91 -22.10
N LYS D 18 -12.18 4.91 -21.21
CA LYS D 18 -13.29 4.68 -20.28
C LYS D 18 -13.39 5.80 -19.25
N ARG D 19 -12.26 6.38 -18.84
CA ARG D 19 -12.27 7.50 -17.91
C ARG D 19 -12.75 8.78 -18.57
N ALA D 20 -12.62 8.89 -19.89
CA ALA D 20 -13.01 10.10 -20.60
C ALA D 20 -14.53 10.25 -20.62
N PRO D 21 -15.04 11.48 -20.61
CA PRO D 21 -16.49 11.68 -20.79
C PRO D 21 -16.94 11.25 -22.17
N LYS D 22 -18.15 10.70 -22.24
CA LYS D 22 -18.68 10.09 -23.44
C LYS D 22 -20.13 10.53 -23.61
N ILE D 23 -20.57 10.60 -24.87
CA ILE D 23 -21.90 11.12 -25.18
C ILE D 23 -22.99 10.18 -24.68
N VAL D 24 -22.86 8.90 -24.98
CA VAL D 24 -23.77 7.87 -24.48
C VAL D 24 -23.16 7.29 -23.22
N GLU D 25 -23.83 7.47 -22.09
CA GLU D 25 -23.24 7.17 -20.80
C GLU D 25 -23.18 5.66 -20.54
N ASN D 26 -22.00 5.22 -20.09
CA ASN D 26 -21.86 3.88 -19.54
C ASN D 26 -22.55 3.81 -18.17
N PRO D 27 -22.94 2.61 -17.73
CA PRO D 27 -23.55 2.49 -16.40
C PRO D 27 -22.58 2.88 -15.29
N LYS D 28 -23.14 3.48 -14.24
CA LYS D 28 -22.33 4.05 -13.17
C LYS D 28 -21.81 2.97 -12.24
N THR D 29 -20.54 3.07 -11.89
CA THR D 29 -19.89 2.13 -10.99
C THR D 29 -20.10 2.59 -9.56
N CYS D 30 -20.83 1.81 -8.78
CA CYS D 30 -21.05 2.14 -7.39
C CYS D 30 -19.80 1.84 -6.56
N LEU D 31 -19.79 2.37 -5.34
CA LEU D 31 -18.67 2.15 -4.43
C LEU D 31 -19.20 1.97 -3.02
N PHE D 32 -18.78 0.90 -2.36
CA PHE D 32 -19.18 0.62 -0.99
C PHE D 32 -17.96 0.75 -0.09
N LEU D 33 -18.06 1.58 0.93
CA LEU D 33 -16.97 1.79 1.87
C LEU D 33 -17.56 1.94 3.27
N ARG D 34 -16.73 1.62 4.27
CA ARG D 34 -17.18 1.49 5.64
C ARG D 34 -16.50 2.54 6.52
N GLY D 35 -17.24 2.98 7.55
CA GLY D 35 -16.71 3.95 8.49
C GLY D 35 -15.88 3.30 9.57
N THR D 36 -15.51 4.14 10.55
CA THR D 36 -14.72 3.65 11.68
C THR D 36 -15.55 2.75 12.58
N THR D 37 -16.75 3.21 12.94
CA THR D 37 -17.71 2.40 13.67
C THR D 37 -18.78 1.91 12.71
N CYS D 38 -19.11 0.62 12.80
CA CYS D 38 -20.14 0.04 11.95
C CYS D 38 -20.71 -1.17 12.66
N SER D 39 -22.01 -1.14 12.96
CA SER D 39 -22.66 -2.28 13.56
C SER D 39 -22.84 -3.38 12.51
N GLN D 40 -23.16 -4.59 13.00
CA GLN D 40 -23.30 -5.75 12.12
C GLN D 40 -24.51 -5.63 11.21
N ILE D 41 -25.54 -4.89 11.64
CA ILE D 41 -26.72 -4.70 10.82
C ILE D 41 -26.41 -3.84 9.60
N THR D 42 -25.60 -2.81 9.79
CA THR D 42 -25.22 -1.96 8.66
C THR D 42 -24.30 -2.69 7.69
N GLN D 43 -23.39 -3.53 8.21
CA GLN D 43 -22.55 -4.35 7.35
C GLN D 43 -23.37 -5.36 6.56
N ASP D 44 -24.39 -5.94 7.18
CA ASP D 44 -25.26 -6.88 6.47
C ASP D 44 -26.10 -6.16 5.42
N ALA D 45 -26.54 -4.94 5.72
CA ALA D 45 -27.29 -4.16 4.74
C ALA D 45 -26.43 -3.79 3.53
N MET D 46 -25.18 -3.38 3.78
CA MET D 46 -24.28 -3.08 2.68
C MET D 46 -23.92 -4.34 1.91
N ASN D 47 -23.84 -5.49 2.58
CA ASN D 47 -23.61 -6.76 1.89
C ASN D 47 -24.77 -7.11 0.97
N ASP D 48 -26.00 -6.89 1.42
CA ASP D 48 -27.16 -7.17 0.58
C ASP D 48 -27.26 -6.21 -0.61
N LEU D 49 -26.98 -4.92 -0.38
CA LEU D 49 -27.03 -3.97 -1.48
C LEU D 49 -25.89 -4.22 -2.48
N TYR D 50 -24.71 -4.58 -1.99
CA TYR D 50 -23.60 -4.91 -2.88
C TYR D 50 -23.87 -6.21 -3.63
N ALA D 51 -24.59 -7.15 -3.02
CA ALA D 51 -24.98 -8.36 -3.73
C ALA D 51 -25.97 -8.03 -4.85
N MET D 52 -26.92 -7.13 -4.58
CA MET D 52 -27.87 -6.73 -5.61
C MET D 52 -27.26 -5.81 -6.66
N ARG D 53 -26.07 -5.25 -6.41
CA ARG D 53 -25.38 -4.42 -7.40
C ARG D 53 -23.99 -5.01 -7.60
N GLN D 54 -23.92 -6.30 -7.96
CA GLN D 54 -22.65 -7.00 -7.84
C GLN D 54 -21.72 -6.74 -9.03
N VAL D 55 -22.28 -6.47 -10.21
CA VAL D 55 -21.44 -6.33 -11.39
C VAL D 55 -20.73 -4.98 -11.39
N HIS D 56 -21.48 -3.89 -11.28
CA HIS D 56 -20.90 -2.55 -11.31
C HIS D 56 -20.76 -2.00 -9.89
N ALA D 57 -19.78 -2.53 -9.15
CA ALA D 57 -19.47 -2.00 -7.84
C ALA D 57 -18.03 -2.31 -7.48
N LYS D 58 -17.53 -1.58 -6.49
CA LYS D 58 -16.24 -1.84 -5.87
C LYS D 58 -16.41 -1.76 -4.35
N ARG D 59 -15.50 -2.40 -3.63
CA ARG D 59 -15.55 -2.42 -2.17
C ARG D 59 -14.21 -2.03 -1.59
N PHE D 60 -14.28 -1.38 -0.42
CA PHE D 60 -13.09 -1.05 0.36
C PHE D 60 -13.24 -1.69 1.74
N HIS D 61 -12.26 -2.48 2.14
CA HIS D 61 -12.26 -3.13 3.44
C HIS D 61 -11.33 -2.46 4.43
N LYS D 62 -10.97 -1.20 4.18
CA LYS D 62 -9.90 -0.53 4.90
C LYS D 62 -10.39 0.34 6.05
N LYS D 63 -11.70 0.29 6.37
CA LYS D 63 -12.41 1.05 7.40
C LYS D 63 -12.02 2.53 7.47
N ASN D 64 -12.32 3.26 6.40
CA ASN D 64 -11.87 4.65 6.27
C ASN D 64 -12.54 5.55 7.31
N ALA D 65 -11.74 6.43 7.90
CA ALA D 65 -12.19 7.29 8.98
C ALA D 65 -12.53 8.66 8.41
N ILE D 66 -13.71 8.74 7.80
CA ILE D 66 -14.23 9.97 7.21
C ILE D 66 -15.68 10.13 7.61
N HIS D 67 -16.17 11.37 7.51
CA HIS D 67 -17.57 11.68 7.72
C HIS D 67 -18.08 12.42 6.49
N PRO D 68 -19.10 11.91 5.79
CA PRO D 68 -19.47 12.49 4.49
C PRO D 68 -20.16 13.83 4.59
N PHE D 69 -20.75 14.18 5.73
CA PHE D 69 -21.49 15.43 5.83
C PHE D 69 -20.63 16.62 6.22
N GLU D 70 -19.52 16.40 6.91
CA GLU D 70 -18.64 17.50 7.27
C GLU D 70 -17.71 17.87 6.12
N ASP D 71 -16.85 16.94 5.72
CA ASP D 71 -15.88 17.17 4.67
C ASP D 71 -16.08 16.15 3.56
N ALA D 72 -16.03 16.62 2.32
CA ALA D 72 -16.26 15.77 1.15
C ALA D 72 -15.02 15.61 0.28
N THR D 73 -13.85 16.04 0.76
CA THR D 73 -12.63 16.01 -0.04
C THR D 73 -12.17 14.57 -0.29
N SER D 74 -12.30 13.71 0.72
CA SER D 74 -11.92 12.30 0.58
C SER D 74 -12.83 11.58 -0.41
N LEU D 75 -14.11 11.94 -0.43
CA LEU D 75 -15.03 11.38 -1.42
C LEU D 75 -14.65 11.80 -2.83
N CYS D 76 -14.22 13.05 -3.00
CA CYS D 76 -13.76 13.53 -4.29
C CYS D 76 -12.49 12.80 -4.73
N PHE D 77 -11.57 12.58 -3.79
CA PHE D 77 -10.34 11.84 -4.08
C PHE D 77 -10.63 10.39 -4.48
N PHE D 78 -11.52 9.73 -3.75
CA PHE D 78 -11.87 8.34 -4.07
C PHE D 78 -12.60 8.25 -5.40
N SER D 79 -13.46 9.23 -5.70
CA SER D 79 -14.20 9.20 -6.96
C SER D 79 -13.28 9.47 -8.14
N GLU D 80 -12.29 10.35 -8.00
CA GLU D 80 -11.39 10.55 -9.12
C GLU D 80 -10.40 9.39 -9.26
N LYS D 81 -10.07 8.72 -8.15
CA LYS D 81 -9.13 7.61 -8.25
C LYS D 81 -9.77 6.34 -8.79
N ASN D 82 -11.02 6.07 -8.44
CA ASN D 82 -11.65 4.80 -8.77
C ASN D 82 -12.77 4.89 -9.79
N ASP D 83 -13.09 6.10 -10.28
CA ASP D 83 -14.18 6.37 -11.22
C ASP D 83 -15.52 5.83 -10.71
N CYS D 84 -15.96 6.37 -9.58
CA CYS D 84 -17.18 5.95 -8.92
C CYS D 84 -18.11 7.14 -8.80
N SER D 85 -19.25 7.07 -9.49
CA SER D 85 -20.25 8.13 -9.48
C SER D 85 -21.39 7.87 -8.51
N LEU D 86 -21.23 6.90 -7.60
CA LEU D 86 -22.28 6.55 -6.65
C LEU D 86 -21.63 5.86 -5.46
N MET D 87 -21.92 6.32 -4.26
CA MET D 87 -21.31 5.79 -3.05
C MET D 87 -22.38 5.47 -2.01
N VAL D 88 -22.16 4.40 -1.27
CA VAL D 88 -22.97 4.03 -0.11
C VAL D 88 -22.04 3.93 1.08
N PHE D 89 -22.26 4.77 2.09
CA PHE D 89 -21.38 4.86 3.25
C PHE D 89 -22.16 4.40 4.47
N GLY D 90 -21.62 3.42 5.19
CA GLY D 90 -22.25 2.88 6.38
C GLY D 90 -21.58 3.42 7.63
N SER D 91 -22.41 3.84 8.60
CA SER D 91 -21.87 4.42 9.82
C SER D 91 -22.82 4.16 10.97
N SER D 92 -22.29 4.30 12.18
CA SER D 92 -23.02 3.98 13.40
C SER D 92 -22.62 4.95 14.51
N ASN D 93 -23.62 5.50 15.20
CA ASN D 93 -23.39 6.43 16.30
C ASN D 93 -24.35 6.08 17.43
N LYS D 94 -24.11 6.69 18.60
CA LYS D 94 -25.09 6.61 19.67
C LYS D 94 -26.29 7.51 19.37
N LYS D 95 -26.06 8.63 18.67
CA LYS D 95 -27.16 9.50 18.28
C LYS D 95 -27.98 8.86 17.16
N ARG D 96 -27.31 8.31 16.16
CA ARG D 96 -27.96 7.64 15.03
C ARG D 96 -27.42 6.22 14.94
N PRO D 97 -28.25 5.21 15.21
CA PRO D 97 -27.71 3.84 15.40
C PRO D 97 -27.15 3.18 14.14
N HIS D 98 -27.91 3.16 13.04
CA HIS D 98 -27.46 2.51 11.81
C HIS D 98 -27.81 3.40 10.63
N THR D 99 -26.80 4.00 10.01
CA THR D 99 -27.01 4.92 8.90
C THR D 99 -26.33 4.41 7.65
N LEU D 100 -27.03 4.54 6.52
CA LEU D 100 -26.46 4.36 5.19
C LEU D 100 -26.69 5.64 4.41
N THR D 101 -25.62 6.30 4.01
CA THR D 101 -25.72 7.54 3.25
C THR D 101 -25.43 7.26 1.78
N PHE D 102 -26.36 7.65 0.93
CA PHE D 102 -26.22 7.54 -0.52
C PHE D 102 -25.70 8.86 -1.06
N VAL D 103 -24.61 8.81 -1.83
CA VAL D 103 -23.98 9.98 -2.40
C VAL D 103 -23.90 9.81 -3.91
N ARG D 104 -24.44 10.77 -4.65
CA ARG D 104 -24.23 10.88 -6.09
C ARG D 104 -23.27 12.04 -6.34
N MET D 105 -22.21 11.79 -7.10
CA MET D 105 -21.22 12.82 -7.39
C MET D 105 -21.07 13.00 -8.89
N PHE D 106 -20.82 14.25 -9.30
CA PHE D 106 -20.75 14.64 -10.70
C PHE D 106 -19.50 15.46 -10.94
N ASP D 107 -18.66 15.02 -11.88
CA ASP D 107 -17.34 15.59 -12.16
C ASP D 107 -16.47 15.68 -10.90
N TYR D 108 -16.50 14.60 -10.12
CA TYR D 108 -15.67 14.43 -8.91
C TYR D 108 -15.94 15.51 -7.86
N LYS D 109 -17.17 16.00 -7.82
CA LYS D 109 -17.67 16.86 -6.76
C LYS D 109 -19.03 16.35 -6.32
N VAL D 110 -19.35 16.54 -5.04
CA VAL D 110 -20.55 15.95 -4.45
C VAL D 110 -21.78 16.68 -4.99
N LEU D 111 -22.67 15.93 -5.63
CA LEU D 111 -23.91 16.52 -6.13
C LEU D 111 -25.04 16.36 -5.13
N ASP D 112 -25.24 15.15 -4.59
CA ASP D 112 -26.38 14.91 -3.73
C ASP D 112 -26.03 13.86 -2.68
N MET D 113 -26.53 14.07 -1.46
CA MET D 113 -26.35 13.12 -0.38
C MET D 113 -27.67 12.94 0.36
N LEU D 114 -27.87 11.74 0.89
CA LEU D 114 -29.04 11.46 1.72
C LEU D 114 -28.68 10.39 2.73
N GLU D 115 -29.38 10.40 3.86
CA GLU D 115 -29.13 9.48 4.95
C GLU D 115 -30.36 8.61 5.18
N PHE D 116 -30.15 7.31 5.29
CA PHE D 116 -31.19 6.35 5.60
C PHE D 116 -30.90 5.72 6.96
N TYR D 117 -31.87 5.80 7.87
CA TYR D 117 -31.78 5.20 9.19
C TYR D 117 -32.49 3.86 9.09
N LEU D 118 -31.80 2.79 9.45
CA LEU D 118 -32.34 1.46 9.28
C LEU D 118 -32.80 0.92 10.63
N ASP D 119 -33.97 0.30 10.64
CA ASP D 119 -34.51 -0.29 11.85
C ASP D 119 -33.95 -1.69 12.03
N PRO D 120 -33.17 -1.96 13.07
CA PRO D 120 -32.53 -3.28 13.18
C PRO D 120 -33.46 -4.39 13.63
N ASP D 121 -34.62 -4.05 14.21
CA ASP D 121 -35.49 -5.09 14.74
C ASP D 121 -36.25 -5.82 13.64
N THR D 122 -36.55 -5.13 12.54
CA THR D 122 -37.35 -5.69 11.46
C THR D 122 -36.53 -5.96 10.20
N TYR D 123 -35.21 -6.06 10.31
CA TYR D 123 -34.38 -6.29 9.14
C TYR D 123 -34.09 -7.77 8.96
N ARG D 124 -34.27 -8.26 7.74
CA ARG D 124 -34.01 -9.65 7.39
C ARG D 124 -33.09 -9.69 6.18
N SER D 125 -32.03 -10.49 6.27
CA SER D 125 -31.05 -10.58 5.19
C SER D 125 -31.56 -11.53 4.10
N ILE D 126 -30.75 -11.68 3.05
CA ILE D 126 -31.09 -12.56 1.94
C ILE D 126 -31.03 -14.02 2.36
N SER D 127 -30.12 -14.36 3.27
CA SER D 127 -29.91 -15.75 3.67
C SER D 127 -31.03 -16.32 4.51
N GLN D 128 -31.96 -15.49 4.99
CA GLN D 128 -33.01 -15.93 5.88
C GLN D 128 -34.33 -16.20 5.18
N PHE D 129 -34.32 -16.46 3.86
CA PHE D 129 -35.58 -16.64 3.15
C PHE D 129 -35.67 -17.95 2.38
N LYS D 130 -34.53 -18.48 1.90
CA LYS D 130 -34.39 -19.84 1.39
C LYS D 130 -35.26 -20.12 0.15
N THR D 131 -35.11 -19.28 -0.86
CA THR D 131 -35.68 -19.54 -2.19
C THR D 131 -34.57 -19.41 -3.22
N SER D 132 -34.95 -19.53 -4.49
CA SER D 132 -34.02 -19.24 -5.57
C SER D 132 -33.79 -17.74 -5.67
N LYS D 133 -32.53 -17.35 -5.77
CA LYS D 133 -32.16 -15.94 -5.74
C LYS D 133 -32.00 -15.41 -7.16
N ILE D 134 -31.82 -14.09 -7.26
CA ILE D 134 -31.66 -13.43 -8.55
C ILE D 134 -30.28 -13.75 -9.10
N PRO D 135 -30.15 -14.05 -10.39
CA PRO D 135 -28.84 -14.27 -10.98
C PRO D 135 -28.01 -13.00 -11.04
N ILE D 136 -26.70 -13.18 -11.19
CA ILE D 136 -25.76 -12.08 -11.11
C ILE D 136 -25.89 -11.21 -12.35
N GLY D 137 -26.20 -9.94 -12.15
CA GLY D 137 -26.24 -8.98 -13.22
C GLY D 137 -27.58 -8.79 -13.89
N MET D 138 -28.56 -9.63 -13.63
CA MET D 138 -29.90 -9.41 -14.16
C MET D 138 -30.55 -8.27 -13.39
N ARG D 139 -30.88 -7.20 -14.09
CA ARG D 139 -31.54 -6.07 -13.46
C ARG D 139 -33.00 -6.40 -13.18
N PRO D 140 -33.53 -5.98 -12.03
CA PRO D 140 -34.93 -6.26 -11.72
C PRO D 140 -35.85 -5.11 -12.12
N MET D 141 -37.13 -5.46 -12.28
CA MET D 141 -38.14 -4.44 -12.51
C MET D 141 -38.42 -3.70 -11.20
N MET D 142 -38.89 -2.46 -11.34
CA MET D 142 -39.13 -1.59 -10.21
C MET D 142 -40.57 -1.11 -10.20
N VAL D 143 -41.17 -1.07 -9.01
CA VAL D 143 -42.48 -0.46 -8.81
C VAL D 143 -42.39 0.42 -7.57
N PHE D 144 -42.91 1.64 -7.68
CA PHE D 144 -42.78 2.66 -6.65
C PHE D 144 -44.18 3.07 -6.22
N ALA D 145 -44.72 2.42 -5.20
CA ALA D 145 -46.11 2.63 -4.79
C ALA D 145 -46.14 3.52 -3.55
N GLY D 146 -46.63 4.74 -3.70
CA GLY D 146 -46.76 5.63 -2.57
C GLY D 146 -47.08 7.06 -2.93
N THR D 147 -47.83 7.74 -2.04
CA THR D 147 -48.20 9.13 -2.30
C THR D 147 -47.02 10.07 -2.08
N ALA D 148 -46.09 9.69 -1.21
CA ALA D 148 -45.00 10.58 -0.82
C ALA D 148 -44.00 10.81 -1.94
N PHE D 149 -43.99 9.94 -2.95
CA PHE D 149 -43.07 10.13 -4.07
C PHE D 149 -43.56 11.21 -5.03
N GLU D 150 -44.85 11.50 -5.03
CA GLU D 150 -45.43 12.54 -5.89
C GLU D 150 -45.62 13.80 -5.06
N SER D 151 -44.64 14.69 -5.12
CA SER D 151 -44.70 15.96 -4.43
C SER D 151 -44.31 17.09 -5.39
N PRO D 152 -44.98 18.25 -5.30
CA PRO D 152 -44.63 19.37 -6.18
C PRO D 152 -43.26 19.97 -5.89
N VAL D 153 -43.02 20.31 -4.62
CA VAL D 153 -41.74 20.83 -4.18
C VAL D 153 -40.75 19.67 -4.16
N PRO D 154 -39.49 19.86 -4.52
CA PRO D 154 -38.49 18.79 -4.35
C PRO D 154 -38.27 18.51 -2.87
N ASN D 155 -38.65 17.32 -2.44
CA ASN D 155 -38.56 16.93 -1.03
C ASN D 155 -37.76 15.64 -0.91
N ALA D 156 -37.81 15.03 0.29
CA ALA D 156 -36.93 13.91 0.61
C ALA D 156 -37.26 12.65 -0.19
N PHE D 157 -38.54 12.35 -0.35
CA PHE D 157 -38.93 11.10 -0.98
C PHE D 157 -38.70 11.11 -2.49
N THR D 158 -38.82 12.29 -3.12
CA THR D 158 -38.49 12.40 -4.54
C THR D 158 -37.00 12.18 -4.76
N MET D 159 -36.17 12.68 -3.84
CA MET D 159 -34.72 12.43 -3.92
C MET D 159 -34.40 10.96 -3.67
N ALA D 160 -35.12 10.33 -2.75
CA ALA D 160 -34.95 8.91 -2.49
C ALA D 160 -35.32 8.07 -3.71
N LYS D 161 -36.40 8.45 -4.39
CA LYS D 161 -36.76 7.79 -5.66
C LYS D 161 -35.68 8.03 -6.71
N SER D 162 -35.17 9.26 -6.81
CA SER D 162 -34.20 9.59 -7.84
C SER D 162 -32.85 8.96 -7.61
N MET D 163 -32.56 8.46 -6.41
CA MET D 163 -31.35 7.68 -6.26
C MET D 163 -31.57 6.17 -6.18
N LEU D 164 -32.74 5.70 -5.74
CA LEU D 164 -33.01 4.27 -5.83
C LEU D 164 -33.26 3.83 -7.26
N ILE D 165 -33.67 4.74 -8.15
CA ILE D 165 -33.70 4.42 -9.57
C ILE D 165 -32.29 4.25 -10.11
N ASP D 166 -31.38 5.14 -9.73
CA ASP D 166 -30.01 5.07 -10.21
C ASP D 166 -29.26 3.89 -9.62
N PHE D 167 -29.67 3.41 -8.44
CA PHE D 167 -29.03 2.23 -7.88
C PHE D 167 -29.44 0.96 -8.61
N PHE D 168 -30.73 0.81 -8.91
CA PHE D 168 -31.27 -0.44 -9.44
C PHE D 168 -31.50 -0.43 -10.94
N ARG D 169 -30.99 0.59 -11.66
CA ARG D 169 -31.18 0.61 -13.10
C ARG D 169 -30.28 -0.42 -13.78
N GLY D 170 -29.02 -0.51 -13.36
CA GLY D 170 -28.11 -1.44 -13.99
C GLY D 170 -27.67 -0.94 -15.35
N GLU D 171 -27.79 -1.80 -16.36
CA GLU D 171 -27.39 -1.46 -17.71
C GLU D 171 -28.62 -1.28 -18.59
N PRO D 172 -28.76 -0.14 -19.26
CA PRO D 172 -29.96 0.08 -20.09
C PRO D 172 -29.91 -0.72 -21.38
N SER D 173 -31.10 -1.09 -21.86
CA SER D 173 -31.24 -1.79 -23.12
C SER D 173 -32.65 -1.56 -23.65
N ASP D 174 -32.76 -1.41 -24.96
CA ASP D 174 -34.05 -1.19 -25.61
C ASP D 174 -34.73 -2.50 -26.00
N LYS D 175 -34.05 -3.64 -25.86
CA LYS D 175 -34.65 -4.94 -26.10
C LYS D 175 -34.46 -5.78 -24.85
N ILE D 176 -35.54 -6.37 -24.35
CA ILE D 176 -35.49 -7.22 -23.17
C ILE D 176 -36.24 -8.50 -23.48
N ASP D 177 -35.56 -9.64 -23.33
CA ASP D 177 -36.19 -10.93 -23.52
C ASP D 177 -37.16 -11.23 -22.38
N VAL D 178 -38.14 -12.09 -22.67
CA VAL D 178 -39.20 -12.34 -21.70
C VAL D 178 -38.72 -13.33 -20.63
N GLU D 179 -37.60 -14.03 -20.88
CA GLU D 179 -37.07 -14.98 -19.92
C GLU D 179 -36.47 -14.31 -18.69
N GLY D 180 -36.27 -12.99 -18.71
CA GLY D 180 -36.04 -12.24 -17.50
C GLY D 180 -37.37 -11.83 -16.90
N LEU D 181 -37.44 -10.60 -16.36
CA LEU D 181 -38.65 -10.01 -15.77
C LEU D 181 -39.24 -10.89 -14.66
N ARG D 182 -38.37 -11.52 -13.89
CA ARG D 182 -38.80 -12.47 -12.88
C ARG D 182 -38.70 -11.92 -11.46
N PHE D 183 -38.23 -10.69 -11.30
CA PHE D 183 -38.00 -10.13 -9.98
C PHE D 183 -38.43 -8.67 -9.95
N VAL D 184 -39.06 -8.27 -8.85
CA VAL D 184 -39.46 -6.88 -8.63
C VAL D 184 -38.81 -6.36 -7.36
N VAL D 185 -38.38 -5.10 -7.42
CA VAL D 185 -37.96 -4.36 -6.25
C VAL D 185 -39.11 -3.40 -5.92
N VAL D 186 -39.73 -3.60 -4.77
CA VAL D 186 -40.89 -2.83 -4.36
C VAL D 186 -40.47 -1.94 -3.21
N VAL D 187 -40.40 -0.64 -3.49
CA VAL D 187 -40.17 0.37 -2.46
C VAL D 187 -41.47 1.16 -2.30
N THR D 188 -41.88 1.32 -1.05
CA THR D 188 -43.16 1.96 -0.76
C THR D 188 -42.98 2.96 0.36
N ALA D 189 -43.68 4.09 0.24
CA ALA D 189 -43.65 5.14 1.25
C ALA D 189 -45.06 5.44 1.70
N ASP D 190 -45.22 5.64 3.00
CA ASP D 190 -46.51 6.00 3.56
C ASP D 190 -46.86 7.44 3.18
N GLU D 191 -48.15 7.77 3.31
CA GLU D 191 -48.60 9.12 3.08
C GLU D 191 -48.07 10.05 4.17
N PRO D 192 -47.73 11.29 3.81
CA PRO D 192 -47.29 12.25 4.84
C PRO D 192 -48.45 12.71 5.70
N THR D 193 -48.50 12.22 6.93
CA THR D 193 -49.62 12.51 7.82
C THR D 193 -49.52 13.91 8.41
N SER D 220 -47.28 13.05 12.86
CA SER D 220 -46.46 12.94 14.07
C SER D 220 -45.07 12.41 13.72
N GLN D 221 -44.95 11.08 13.72
CA GLN D 221 -43.70 10.43 13.38
C GLN D 221 -43.44 10.56 11.88
N LYS D 222 -42.16 10.59 11.52
CA LYS D 222 -41.75 10.66 10.12
C LYS D 222 -42.18 9.41 9.38
N PRO D 223 -42.56 9.55 8.10
CA PRO D 223 -42.99 8.38 7.32
C PRO D 223 -41.87 7.39 7.08
N ILE D 224 -42.24 6.12 7.03
CA ILE D 224 -41.29 5.02 6.92
C ILE D 224 -41.28 4.53 5.48
N LEU D 225 -40.10 4.51 4.87
CA LEU D 225 -39.90 3.89 3.57
C LEU D 225 -39.61 2.42 3.76
N ARG D 226 -40.04 1.60 2.80
CA ARG D 226 -39.89 0.16 2.93
C ARG D 226 -39.39 -0.41 1.62
N LEU D 227 -38.32 -1.20 1.69
CA LEU D 227 -37.74 -1.86 0.53
C LEU D 227 -37.93 -3.37 0.70
N ARG D 228 -38.59 -3.99 -0.27
CA ARG D 228 -38.77 -5.43 -0.32
C ARG D 228 -38.37 -5.91 -1.71
N VAL D 229 -37.80 -7.09 -1.79
CA VAL D 229 -37.51 -7.74 -3.06
C VAL D 229 -38.40 -8.96 -3.20
N TYR D 230 -38.99 -9.15 -4.37
CA TYR D 230 -39.91 -10.26 -4.58
C TYR D 230 -39.59 -10.94 -5.89
N GLY D 231 -39.95 -12.22 -5.99
CA GLY D 231 -39.80 -13.01 -7.20
C GLY D 231 -41.16 -13.38 -7.74
N ILE D 232 -41.26 -13.42 -9.07
CA ILE D 232 -42.51 -13.64 -9.78
C ILE D 232 -42.58 -15.08 -10.24
N ARG D 233 -43.65 -15.77 -9.86
CA ARG D 233 -43.99 -17.07 -10.41
C ARG D 233 -45.35 -16.97 -11.08
N THR D 234 -45.41 -17.33 -12.36
CA THR D 234 -46.60 -17.09 -13.17
C THR D 234 -47.51 -18.31 -13.15
N LYS D 235 -48.76 -18.11 -12.76
CA LYS D 235 -49.80 -19.11 -12.85
C LYS D 235 -50.87 -18.60 -13.80
N ARG D 236 -51.18 -19.38 -14.82
CA ARG D 236 -52.06 -18.93 -15.90
C ARG D 236 -53.50 -19.40 -15.64
N SER D 237 -54.08 -18.83 -14.58
CA SER D 237 -55.51 -19.03 -14.35
C SER D 237 -56.34 -18.24 -15.35
N GLY D 238 -55.85 -17.08 -15.76
CA GLY D 238 -56.53 -16.31 -16.78
C GLY D 238 -56.36 -16.92 -18.16
N THR D 239 -57.28 -16.56 -19.06
CA THR D 239 -57.28 -17.15 -20.40
C THR D 239 -56.13 -16.60 -21.25
N ARG D 240 -55.92 -15.29 -21.22
CA ARG D 240 -54.94 -14.65 -22.10
C ARG D 240 -53.69 -14.19 -21.37
N LEU D 241 -53.83 -13.38 -20.34
CA LEU D 241 -52.65 -12.90 -19.64
C LEU D 241 -52.32 -13.82 -18.46
N PRO D 242 -51.05 -13.98 -18.12
CA PRO D 242 -50.70 -14.76 -16.94
C PRO D 242 -50.97 -13.99 -15.66
N ARG D 243 -51.23 -14.74 -14.59
CA ARG D 243 -51.45 -14.16 -13.28
C ARG D 243 -50.18 -14.29 -12.46
N VAL D 244 -49.75 -13.20 -11.83
CA VAL D 244 -48.53 -13.24 -11.04
C VAL D 244 -48.81 -13.86 -9.68
N GLU D 245 -47.76 -14.47 -9.12
CA GLU D 245 -47.70 -14.83 -7.72
C GLU D 245 -46.35 -14.38 -7.20
N VAL D 246 -46.31 -13.98 -5.95
CA VAL D 246 -45.18 -13.25 -5.38
C VAL D 246 -44.59 -14.08 -4.26
N GLU D 247 -43.29 -14.34 -4.34
CA GLU D 247 -42.59 -15.06 -3.28
C GLU D 247 -41.39 -14.25 -2.83
N GLU D 248 -41.24 -14.09 -1.52
CA GLU D 248 -40.29 -13.12 -0.97
C GLU D 248 -38.91 -13.72 -0.80
N HIS D 249 -37.89 -12.99 -1.24
CA HIS D 249 -36.51 -13.27 -0.87
C HIS D 249 -35.83 -11.93 -0.63
N GLY D 250 -34.51 -11.97 -0.45
CA GLY D 250 -33.72 -10.77 -0.47
C GLY D 250 -33.83 -9.98 0.82
N PRO D 251 -33.31 -8.75 0.82
CA PRO D 251 -33.40 -7.92 2.01
C PRO D 251 -34.82 -7.46 2.28
N ARG D 252 -35.08 -7.17 3.55
CA ARG D 252 -36.36 -6.67 4.03
C ARG D 252 -36.02 -5.44 4.87
N MET D 253 -35.99 -4.27 4.26
CA MET D 253 -35.44 -3.09 4.90
C MET D 253 -36.52 -2.06 5.19
N ASP D 254 -36.45 -1.47 6.38
CA ASP D 254 -37.35 -0.40 6.79
C ASP D 254 -36.52 0.85 7.06
N PHE D 255 -36.52 1.78 6.11
CA PHE D 255 -35.74 3.00 6.20
C PHE D 255 -36.57 4.16 6.74
N ARG D 256 -35.88 5.10 7.38
CA ARG D 256 -36.42 6.42 7.70
C ARG D 256 -35.41 7.45 7.22
N LEU D 257 -35.88 8.45 6.47
CA LEU D 257 -34.96 9.37 5.83
C LEU D 257 -34.50 10.44 6.80
N GLY D 258 -33.20 10.75 6.78
CA GLY D 258 -32.62 11.67 7.74
C GLY D 258 -32.06 12.95 7.14
N ARG D 259 -30.76 13.15 7.30
CA ARG D 259 -30.13 14.41 6.88
C ARG D 259 -29.97 14.47 5.37
N MET D 260 -29.77 15.68 4.86
CA MET D 260 -29.77 15.95 3.43
C MET D 260 -28.82 17.08 3.11
N ARG D 261 -28.17 17.00 1.94
CA ARG D 261 -27.47 18.13 1.36
C ARG D 261 -27.91 18.23 -0.10
N GLU D 262 -28.84 19.15 -0.38
CA GLU D 262 -29.44 19.23 -1.69
C GLU D 262 -28.45 19.79 -2.72
N PRO D 263 -28.62 19.45 -4.01
CA PRO D 263 -27.70 19.98 -5.02
C PRO D 263 -27.87 21.46 -5.27
N ASP D 264 -26.77 22.10 -5.64
CA ASP D 264 -26.80 23.48 -6.08
C ASP D 264 -27.49 23.56 -7.45
N PRO D 265 -28.20 24.67 -7.72
CA PRO D 265 -28.83 24.82 -9.05
C PRO D 265 -27.84 24.90 -10.20
N ALA D 266 -26.62 25.38 -9.95
CA ALA D 266 -25.61 25.45 -11.00
C ALA D 266 -25.18 24.07 -11.47
N MET D 267 -24.96 23.15 -10.53
CA MET D 267 -24.61 21.78 -10.92
C MET D 267 -25.81 21.03 -11.45
N LEU D 268 -27.00 21.30 -10.89
CA LEU D 268 -28.21 20.60 -11.29
C LEU D 268 -28.61 20.94 -12.73
N LYS D 269 -28.50 22.23 -13.09
CA LYS D 269 -28.87 22.66 -14.44
C LYS D 269 -27.91 22.09 -15.49
N GLU D 270 -26.64 21.96 -15.13
CA GLU D 270 -25.64 21.52 -16.10
C GLU D 270 -25.50 20.00 -16.18
N ALA D 271 -25.84 19.28 -15.10
CA ALA D 271 -25.81 17.82 -15.13
C ALA D 271 -27.15 17.18 -15.43
N MET D 272 -28.25 17.93 -15.31
CA MET D 272 -29.57 17.38 -15.63
C MET D 272 -29.84 17.42 -17.13
N LYS D 273 -29.04 18.16 -17.89
CA LYS D 273 -29.27 18.35 -19.32
C LYS D 273 -29.00 17.07 -20.10
N LYS D 274 -29.52 17.04 -21.32
CA LYS D 274 -29.45 15.86 -22.18
C LYS D 274 -28.57 16.14 -23.38
N ALA D 275 -27.85 15.12 -23.83
CA ALA D 275 -26.98 15.23 -24.99
C ALA D 275 -27.80 15.35 -26.28
N UNK F 1 19.98 3.59 -9.37
CA UNK F 1 19.14 4.35 -8.46
C UNK F 1 18.45 3.42 -7.47
N UNK F 2 18.80 2.14 -7.51
CA UNK F 2 18.22 1.13 -6.63
C UNK F 2 19.11 0.97 -5.40
N UNK F 3 19.26 2.07 -4.66
CA UNK F 3 20.04 2.07 -3.42
C UNK F 3 19.15 1.51 -2.31
N UNK F 4 19.11 0.18 -2.23
CA UNK F 4 18.20 -0.49 -1.32
C UNK F 4 18.62 -0.28 0.13
N UNK F 5 17.63 -0.23 1.01
CA UNK F 5 17.80 0.21 2.38
C UNK F 5 17.25 -0.83 3.33
N UNK F 6 17.87 -0.92 4.52
CA UNK F 6 17.27 -1.67 5.61
C UNK F 6 16.03 -0.90 6.07
N UNK F 7 14.98 -1.65 6.40
CA UNK F 7 13.77 -0.98 6.86
C UNK F 7 13.89 -0.66 8.35
N UNK F 8 12.84 0.00 8.87
CA UNK F 8 12.74 0.63 10.19
C UNK F 8 13.94 1.51 10.55
N UNK F 9 14.62 2.09 9.55
CA UNK F 9 15.73 3.00 9.82
C UNK F 9 15.27 4.36 10.32
N UNK F 10 14.01 4.70 10.10
CA UNK F 10 13.44 5.96 10.58
C UNK F 10 13.41 6.05 12.10
N UNK F 11 13.44 4.90 12.80
CA UNK F 11 13.58 4.89 14.25
C UNK F 11 14.91 5.48 14.69
N UNK F 12 15.93 5.39 13.85
CA UNK F 12 17.21 6.05 14.11
C UNK F 12 17.21 7.50 13.67
N UNK F 13 16.15 7.95 12.97
CA UNK F 13 16.08 9.32 12.49
C UNK F 13 15.95 10.35 13.60
N UNK F 14 15.53 9.92 14.80
CA UNK F 14 15.54 10.83 15.94
C UNK F 14 16.96 11.14 16.39
N UNK F 15 17.92 10.26 16.08
CA UNK F 15 19.28 10.42 16.60
C UNK F 15 20.07 11.49 15.86
N UNK F 16 19.59 11.96 14.71
CA UNK F 16 20.22 13.10 14.05
C UNK F 16 19.80 14.37 14.77
N UNK F 17 20.79 15.15 15.22
CA UNK F 17 20.48 16.45 15.79
C UNK F 17 20.05 17.41 14.68
N UNK F 18 19.13 18.30 15.02
CA UNK F 18 18.46 19.14 14.03
C UNK F 18 18.68 20.61 14.37
N UNK F 19 19.29 21.34 13.45
CA UNK F 19 19.41 22.79 13.53
C UNK F 19 18.39 23.50 12.65
N UNK F 20 17.44 22.78 12.10
CA UNK F 20 16.45 23.37 11.20
C UNK F 20 15.44 24.21 11.99
N UNK F 21 15.21 25.42 11.53
CA UNK F 21 14.21 26.29 12.13
C UNK F 21 12.81 25.87 11.69
N UNK F 22 11.81 26.41 12.39
CA UNK F 22 10.42 26.08 12.07
C UNK F 22 10.02 26.69 10.73
N UNK F 23 9.30 25.91 9.93
CA UNK F 23 8.89 26.36 8.60
C UNK F 23 7.66 27.25 8.68
N VAL G 20 -11.79 47.52 14.24
CA VAL G 20 -11.41 48.86 14.70
C VAL G 20 -12.44 49.42 15.65
N LYS G 21 -12.89 48.61 16.60
CA LYS G 21 -13.87 49.05 17.57
C LYS G 21 -13.24 49.99 18.59
N PRO G 22 -13.96 51.00 19.04
CA PRO G 22 -13.42 51.94 20.03
C PRO G 22 -13.68 51.44 21.44
N PRO G 23 -12.96 50.41 21.89
CA PRO G 23 -13.15 49.91 23.26
C PRO G 23 -12.61 50.89 24.29
N THR G 24 -13.22 50.86 25.47
CA THR G 24 -12.81 51.73 26.56
C THR G 24 -11.48 51.26 27.16
N ASP G 25 -10.79 52.19 27.80
CA ASP G 25 -9.49 51.90 28.42
C ASP G 25 -9.62 51.92 29.93
N PRO G 26 -9.66 50.76 30.59
CA PRO G 26 -9.75 50.72 32.07
C PRO G 26 -8.39 50.76 32.75
N GLU G 27 -7.81 51.95 32.81
CA GLU G 27 -6.50 52.16 33.44
C GLU G 27 -6.71 52.19 34.95
N LEU G 28 -6.45 51.05 35.60
CA LEU G 28 -6.61 50.91 37.04
C LEU G 28 -5.43 50.18 37.64
N ALA G 29 -4.22 50.48 37.16
CA ALA G 29 -3.02 49.86 37.68
C ALA G 29 -2.63 50.45 39.03
N LYS G 30 -1.92 49.65 39.83
CA LYS G 30 -1.41 50.14 41.11
C LYS G 30 -0.34 51.19 40.90
N LEU G 31 0.53 51.00 39.92
CA LEU G 31 1.53 52.00 39.53
C LEU G 31 0.95 52.77 38.34
N ARG G 32 0.76 54.07 38.53
CA ARG G 32 0.14 54.90 37.51
C ARG G 32 1.11 55.15 36.35
N GLU G 33 0.53 55.37 35.17
CA GLU G 33 1.30 55.64 33.96
C GLU G 33 1.75 57.09 34.01
N ASP G 34 2.85 57.34 34.73
CA ASP G 34 3.36 58.69 34.88
C ASP G 34 4.05 59.20 33.62
N LYS G 35 4.60 58.30 32.80
CA LYS G 35 5.26 58.69 31.57
C LYS G 35 4.65 58.09 30.32
N ILE G 36 3.80 57.06 30.44
CA ILE G 36 3.18 56.46 29.26
C ILE G 36 2.13 57.39 28.66
N LEU G 37 1.44 58.15 29.51
CA LEU G 37 0.42 59.09 29.03
C LEU G 37 1.00 60.20 28.17
N PRO G 38 2.08 60.88 28.57
CA PRO G 38 2.68 61.89 27.67
C PRO G 38 3.26 61.30 26.40
N VAL G 39 3.78 60.07 26.46
CA VAL G 39 4.28 59.41 25.26
C VAL G 39 3.14 59.09 24.30
N LEU G 40 2.01 58.63 24.83
CA LEU G 40 0.84 58.35 23.99
C LEU G 40 0.24 59.64 23.43
N LYS G 41 0.28 60.72 24.21
CA LYS G 41 -0.20 62.00 23.71
C LYS G 41 0.70 62.55 22.60
N ASP G 42 2.01 62.36 22.74
CA ASP G 42 2.93 62.79 21.68
C ASP G 42 2.81 61.92 20.44
N LEU G 43 2.53 60.62 20.63
CA LEU G 43 2.33 59.72 19.49
C LEU G 43 1.02 60.05 18.77
N LYS G 44 0.00 60.45 19.52
CA LYS G 44 -1.28 60.82 18.92
C LYS G 44 -1.28 62.24 18.36
N SER G 45 -0.22 63.01 18.59
CA SER G 45 -0.14 64.36 18.06
C SER G 45 0.06 64.34 16.55
N PRO G 46 -0.42 65.38 15.85
CA PRO G 46 -0.27 65.41 14.38
C PRO G 46 1.11 65.83 13.90
N ASP G 47 2.00 66.26 14.79
CA ASP G 47 3.34 66.68 14.39
C ASP G 47 4.19 65.45 14.09
N ALA G 48 4.84 65.47 12.91
CA ALA G 48 5.67 64.35 12.51
C ALA G 48 6.98 64.32 13.29
N LYS G 49 7.58 65.50 13.52
CA LYS G 49 8.84 65.58 14.25
C LYS G 49 8.67 65.20 15.71
N SER G 50 7.54 65.58 16.31
CA SER G 50 7.25 65.20 17.69
C SER G 50 7.04 63.70 17.81
N ARG G 51 6.35 63.09 16.84
CA ARG G 51 6.17 61.64 16.83
C ARG G 51 7.49 60.90 16.64
N THR G 52 8.36 61.43 15.77
CA THR G 52 9.67 60.82 15.55
C THR G 52 10.55 60.96 16.78
N THR G 53 10.44 62.07 17.51
CA THR G 53 11.18 62.23 18.75
C THR G 53 10.65 61.31 19.85
N ALA G 54 9.32 61.15 19.91
CA ALA G 54 8.73 60.30 20.93
C ALA G 54 8.89 58.82 20.62
N ALA G 55 9.21 58.48 19.37
CA ALA G 55 9.42 57.08 19.00
C ALA G 55 10.62 56.48 19.74
N GLY G 56 11.69 57.26 19.90
CA GLY G 56 12.85 56.76 20.64
C GLY G 56 12.56 56.53 22.11
N ALA G 57 11.81 57.45 22.72
CA ALA G 57 11.42 57.29 24.12
C ALA G 57 10.46 56.12 24.31
N ILE G 58 9.54 55.92 23.35
CA ILE G 58 8.59 54.81 23.44
C ILE G 58 9.31 53.48 23.23
N ALA G 59 10.31 53.45 22.35
CA ALA G 59 11.11 52.24 22.17
C ALA G 59 11.94 51.93 23.40
N ASN G 60 12.49 52.97 24.04
CA ASN G 60 13.25 52.76 25.28
C ASN G 60 12.36 52.30 26.41
N ILE G 61 11.11 52.79 26.46
CA ILE G 61 10.16 52.32 27.47
C ILE G 61 9.73 50.89 27.19
N VAL G 62 9.58 50.54 25.90
CA VAL G 62 9.16 49.19 25.53
C VAL G 62 10.29 48.18 25.77
N GLN G 63 11.54 48.65 25.72
CA GLN G 63 12.67 47.76 25.99
C GLN G 63 12.69 47.31 27.44
N ASP G 64 12.23 48.16 28.36
CA ASP G 64 12.11 47.78 29.75
C ASP G 64 10.91 46.85 29.94
N ALA G 65 10.93 46.10 31.04
CA ALA G 65 9.86 45.17 31.38
C ALA G 65 8.92 45.81 32.40
N LYS G 66 7.78 45.14 32.59
CA LYS G 66 6.69 45.47 33.52
C LYS G 66 6.01 46.80 33.22
N CYS G 67 6.28 47.43 32.07
CA CYS G 67 5.58 48.65 31.66
C CYS G 67 5.16 48.63 30.19
N ARG G 68 5.72 47.75 29.38
CA ARG G 68 5.29 47.59 28.00
C ARG G 68 3.86 47.07 27.92
N LYS G 69 3.50 46.19 28.85
CA LYS G 69 2.13 45.67 28.92
C LYS G 69 1.12 46.77 29.18
N LEU G 70 1.52 47.79 29.94
CA LEU G 70 0.66 48.96 30.13
C LEU G 70 0.49 49.73 28.82
N LEU G 71 1.53 49.77 27.98
CA LEU G 71 1.40 50.41 26.68
C LEU G 71 0.47 49.61 25.77
N LEU G 72 0.49 48.28 25.86
CA LEU G 72 -0.50 47.50 25.11
C LEU G 72 -1.89 47.60 25.72
N ARG G 73 -2.00 47.98 27.01
CA ARG G 73 -3.32 48.32 27.54
C ARG G 73 -3.86 49.62 26.96
N GLU G 74 -2.98 50.50 26.45
CA GLU G 74 -3.39 51.76 25.86
C GLU G 74 -3.89 51.59 24.43
N GLN G 75 -3.74 50.38 23.87
CA GLN G 75 -4.00 50.06 22.46
C GLN G 75 -3.15 50.95 21.53
N VAL G 76 -1.86 51.00 21.83
CA VAL G 76 -0.93 51.80 21.04
C VAL G 76 -0.73 51.18 19.65
N VAL G 77 -0.87 49.86 19.54
CA VAL G 77 -0.63 49.17 18.27
C VAL G 77 -1.70 49.53 17.24
N HIS G 78 -2.95 49.72 17.68
CA HIS G 78 -4.01 50.12 16.76
C HIS G 78 -3.83 51.57 16.31
N ILE G 79 -3.39 52.44 17.23
CA ILE G 79 -3.14 53.84 16.90
C ILE G 79 -1.99 53.96 15.90
N VAL G 80 -0.96 53.13 16.06
CA VAL G 80 0.12 53.08 15.09
C VAL G 80 -0.38 52.54 13.75
N LEU G 81 -1.19 51.48 13.79
CA LEU G 81 -1.56 50.76 12.57
C LEU G 81 -2.52 51.58 11.69
N THR G 82 -3.56 52.16 12.28
CA THR G 82 -4.58 52.80 11.45
C THR G 82 -4.34 54.29 11.24
N GLU G 83 -3.48 54.92 12.03
CA GLU G 83 -3.25 56.35 11.90
C GLU G 83 -1.81 56.71 11.55
N THR G 84 -0.84 56.18 12.30
CA THR G 84 0.55 56.57 12.09
C THR G 84 1.12 55.97 10.81
N LEU G 85 0.85 54.68 10.57
CA LEU G 85 1.36 54.03 9.38
C LEU G 85 0.59 54.41 8.12
N THR G 86 -0.61 54.96 8.27
CA THR G 86 -1.40 55.43 7.13
C THR G 86 -1.15 56.89 6.82
N ASP G 87 -0.21 57.54 7.51
CA ASP G 87 0.11 58.94 7.25
C ASP G 87 0.81 59.09 5.90
N ASN G 88 0.56 60.24 5.26
CA ASN G 88 1.16 60.49 3.96
C ASN G 88 2.64 60.82 4.08
N ASN G 89 3.05 61.43 5.18
CA ASN G 89 4.46 61.72 5.40
C ASN G 89 5.22 60.45 5.73
N ILE G 90 6.40 60.30 5.12
CA ILE G 90 7.16 59.07 5.26
C ILE G 90 7.88 58.98 6.60
N ASP G 91 8.10 60.12 7.27
CA ASP G 91 8.83 60.11 8.54
C ASP G 91 7.99 59.54 9.67
N SER G 92 6.70 59.85 9.69
CA SER G 92 5.80 59.25 10.68
C SER G 92 5.65 57.76 10.43
N ARG G 93 5.65 57.35 9.16
CA ARG G 93 5.64 55.93 8.83
C ARG G 93 6.91 55.23 9.31
N ALA G 94 8.06 55.90 9.16
CA ALA G 94 9.32 55.34 9.63
C ALA G 94 9.33 55.19 11.15
N ALA G 95 8.82 56.20 11.86
CA ALA G 95 8.72 56.12 13.32
C ALA G 95 7.77 55.02 13.76
N GLY G 96 6.65 54.86 13.04
CA GLY G 96 5.72 53.78 13.36
C GLY G 96 6.29 52.41 13.11
N TRP G 97 7.06 52.25 12.02
CA TRP G 97 7.70 50.96 11.76
C TRP G 97 8.80 50.67 12.77
N GLU G 98 9.51 51.70 13.23
CA GLU G 98 10.50 51.49 14.30
C GLU G 98 9.84 51.08 15.60
N ILE G 99 8.70 51.70 15.94
CA ILE G 99 7.93 51.32 17.12
C ILE G 99 7.46 49.88 17.01
N LEU G 100 6.93 49.51 15.85
CA LEU G 100 6.34 48.18 15.70
C LEU G 100 7.43 47.10 15.65
N LYS G 101 8.61 47.42 15.08
CA LYS G 101 9.69 46.45 15.11
C LYS G 101 10.30 46.30 16.51
N VAL G 102 10.31 47.37 17.32
CA VAL G 102 10.76 47.24 18.70
C VAL G 102 9.79 46.38 19.51
N LEU G 103 8.48 46.61 19.30
CA LEU G 103 7.47 45.80 19.98
C LEU G 103 7.47 44.36 19.49
N ALA G 104 7.87 44.12 18.24
CA ALA G 104 8.00 42.76 17.76
C ALA G 104 9.22 42.07 18.36
N GLN G 105 10.33 42.79 18.47
CA GLN G 105 11.55 42.22 19.05
C GLN G 105 11.37 41.92 20.54
N GLU G 106 10.59 42.73 21.24
CA GLU G 106 10.44 42.52 22.68
C GLU G 106 9.50 41.35 23.01
N GLU G 107 8.43 41.16 22.25
CA GLU G 107 7.36 40.26 22.65
C GLU G 107 7.36 39.04 21.73
N GLU G 108 6.72 37.96 22.18
CA GLU G 108 6.79 36.66 21.53
C GLU G 108 5.88 36.59 20.30
N ALA G 109 5.71 35.38 19.76
CA ALA G 109 5.06 35.19 18.46
C ALA G 109 3.55 35.37 18.51
N ASP G 110 2.94 35.34 19.71
CA ASP G 110 1.51 35.63 19.82
C ASP G 110 1.21 37.07 19.44
N PHE G 111 2.16 37.99 19.66
CA PHE G 111 2.06 39.34 19.16
C PHE G 111 2.02 39.36 17.63
N CYS G 112 2.83 38.49 16.99
CA CYS G 112 2.82 38.39 15.54
C CYS G 112 1.51 37.82 15.01
N VAL G 113 0.92 36.86 15.74
CA VAL G 113 -0.39 36.34 15.38
C VAL G 113 -1.44 37.43 15.52
N HIS G 114 -1.32 38.28 16.54
CA HIS G 114 -2.24 39.38 16.74
C HIS G 114 -2.13 40.42 15.62
N LEU G 115 -0.90 40.71 15.16
CA LEU G 115 -0.72 41.56 13.99
C LEU G 115 -1.30 40.93 12.73
N TYR G 116 -1.17 39.61 12.58
CA TYR G 116 -1.73 38.93 11.41
C TYR G 116 -3.24 39.01 11.39
N ARG G 117 -3.88 38.88 12.56
CA ARG G 117 -5.34 38.92 12.60
C ARG G 117 -5.91 40.32 12.45
N LEU G 118 -5.09 41.37 12.57
CA LEU G 118 -5.50 42.72 12.20
C LEU G 118 -5.16 43.05 10.76
N ASP G 119 -4.72 42.05 9.98
CA ASP G 119 -4.34 42.17 8.57
C ASP G 119 -3.21 43.20 8.38
N VAL G 120 -2.07 42.90 9.02
CA VAL G 120 -0.87 43.69 8.80
C VAL G 120 -0.16 43.26 7.52
N LEU G 121 -0.58 42.15 6.92
CA LEU G 121 0.09 41.65 5.72
C LEU G 121 -0.24 42.52 4.50
N THR G 122 -1.48 43.00 4.40
CA THR G 122 -1.84 43.90 3.31
C THR G 122 -1.10 45.22 3.41
N ALA G 123 -1.01 45.78 4.61
CA ALA G 123 -0.28 47.03 4.82
C ALA G 123 1.22 46.82 4.62
N ILE G 124 1.74 45.65 5.02
CA ILE G 124 3.17 45.39 4.88
C ILE G 124 3.51 45.21 3.40
N GLU G 125 2.57 44.67 2.60
CA GLU G 125 2.80 44.53 1.18
C GLU G 125 2.68 45.86 0.47
N HIS G 126 1.74 46.71 0.90
CA HIS G 126 1.60 48.05 0.33
C HIS G 126 2.84 48.90 0.62
N ALA G 127 3.35 48.82 1.85
CA ALA G 127 4.57 49.56 2.20
C ALA G 127 5.78 49.01 1.46
N ALA G 128 5.84 47.68 1.26
CA ALA G 128 6.91 47.10 0.47
C ALA G 128 6.86 47.55 -0.99
N LYS G 129 5.66 47.61 -1.57
CA LYS G 129 5.52 48.09 -2.94
C LYS G 129 5.90 49.56 -3.06
N ALA G 130 5.51 50.37 -2.06
CA ALA G 130 5.85 51.80 -2.09
C ALA G 130 7.35 52.02 -1.97
N VAL G 131 8.01 51.30 -1.05
CA VAL G 131 9.44 51.49 -0.88
C VAL G 131 10.21 50.91 -2.07
N LEU G 132 9.67 49.84 -2.69
CA LEU G 132 10.29 49.30 -3.89
C LEU G 132 10.17 50.26 -5.07
N GLU G 133 9.04 50.94 -5.17
CA GLU G 133 8.86 51.94 -6.21
C GLU G 133 9.80 53.14 -6.00
N THR G 134 10.01 53.52 -4.73
CA THR G 134 10.92 54.63 -4.48
C THR G 134 12.38 54.25 -4.71
N LEU G 135 12.78 53.00 -4.43
CA LEU G 135 14.17 52.64 -4.61
C LEU G 135 14.51 52.21 -6.03
N THR G 136 13.59 51.54 -6.73
CA THR G 136 13.89 51.01 -8.06
C THR G 136 13.90 52.08 -9.15
N THR G 137 13.32 53.24 -8.88
CA THR G 137 13.18 54.25 -9.92
C THR G 137 14.53 54.92 -10.22
N SER G 138 14.77 55.16 -11.51
CA SER G 138 15.96 55.85 -11.97
C SER G 138 15.65 57.24 -12.51
N GLU G 139 14.41 57.69 -12.40
CA GLU G 139 14.00 58.99 -12.91
C GLU G 139 14.41 60.19 -12.04
N PRO G 140 14.39 60.14 -10.69
CA PRO G 140 14.98 61.27 -9.93
C PRO G 140 16.50 61.34 -10.05
N PRO G 141 17.26 60.21 -9.99
CA PRO G 141 17.17 58.79 -9.58
C PRO G 141 17.29 58.59 -8.08
N PHE G 142 17.42 57.33 -7.67
CA PHE G 142 17.60 57.02 -6.25
C PHE G 142 18.99 57.42 -5.76
N SER G 143 19.97 57.46 -6.66
CA SER G 143 21.35 57.70 -6.24
C SER G 143 21.61 59.15 -5.86
N LYS G 144 20.85 60.09 -6.41
CA LYS G 144 21.10 61.51 -6.15
C LYS G 144 20.55 61.98 -4.81
N LEU G 145 19.80 61.13 -4.11
CA LEU G 145 19.12 61.55 -2.89
C LEU G 145 20.11 61.80 -1.76
N LEU G 146 19.65 62.55 -0.75
CA LEU G 146 20.47 62.88 0.39
C LEU G 146 20.71 61.64 1.25
N LYS G 147 21.79 61.69 2.05
CA LYS G 147 22.14 60.57 2.90
C LYS G 147 21.14 60.38 4.03
N ALA G 148 20.52 61.46 4.50
CA ALA G 148 19.47 61.34 5.52
C ALA G 148 18.24 60.64 4.95
N GLN G 149 17.84 60.99 3.71
CA GLN G 149 16.66 60.39 3.09
C GLN G 149 16.88 58.91 2.82
N GLN G 150 18.04 58.56 2.24
CA GLN G 150 18.35 57.15 1.98
C GLN G 150 18.55 56.38 3.28
N ARG G 151 19.09 57.03 4.32
CA ARG G 151 19.23 56.39 5.62
C ARG G 151 17.87 56.08 6.23
N LEU G 152 16.91 57.01 6.12
CA LEU G 152 15.56 56.75 6.59
C LEU G 152 14.90 55.64 5.77
N VAL G 153 15.14 55.61 4.45
CA VAL G 153 14.60 54.56 3.60
C VAL G 153 15.16 53.20 3.99
N TRP G 154 16.47 53.12 4.27
CA TRP G 154 17.06 51.85 4.66
C TRP G 154 16.64 51.43 6.07
N ASP G 155 16.36 52.39 6.96
CA ASP G 155 15.79 52.05 8.26
C ASP G 155 14.38 51.48 8.10
N ILE G 156 13.60 52.04 7.17
CA ILE G 156 12.28 51.51 6.84
C ILE G 156 12.39 50.09 6.32
N THR G 157 13.31 49.84 5.38
CA THR G 157 13.46 48.50 4.82
C THR G 157 13.98 47.51 5.86
N GLY G 158 14.81 47.98 6.79
CA GLY G 158 15.22 47.13 7.90
C GLY G 158 14.05 46.73 8.79
N SER G 159 13.14 47.66 9.03
CA SER G 159 11.93 47.36 9.80
C SER G 159 11.04 46.36 9.07
N LEU G 160 10.83 46.57 7.76
CA LEU G 160 10.12 45.61 6.91
C LEU G 160 10.74 44.22 6.96
N LEU G 161 12.06 44.12 6.83
CA LEU G 161 12.71 42.82 6.84
C LEU G 161 12.61 42.13 8.19
N VAL G 162 12.86 42.84 9.30
CA VAL G 162 12.83 42.18 10.60
C VAL G 162 11.40 41.76 10.96
N LEU G 163 10.41 42.56 10.55
CA LEU G 163 9.03 42.20 10.82
C LEU G 163 8.59 41.02 9.97
N ILE G 164 8.95 41.00 8.68
CA ILE G 164 8.52 39.90 7.83
C ILE G 164 9.26 38.62 8.19
N GLY G 165 10.50 38.73 8.72
CA GLY G 165 11.19 37.56 9.20
C GLY G 165 10.57 36.98 10.46
N LEU G 166 10.15 37.85 11.38
CA LEU G 166 9.53 37.35 12.61
C LEU G 166 8.15 36.78 12.34
N LEU G 167 7.39 37.38 11.41
CA LEU G 167 6.12 36.80 10.99
C LEU G 167 6.31 35.49 10.24
N ALA G 168 7.40 35.35 9.50
CA ALA G 168 7.71 34.06 8.87
C ALA G 168 8.07 33.02 9.92
N LEU G 169 8.74 33.43 10.99
CA LEU G 169 9.09 32.53 12.08
C LEU G 169 7.95 32.30 13.07
N ALA G 170 6.82 32.98 12.90
CA ALA G 170 5.71 32.86 13.86
C ALA G 170 5.03 31.49 13.75
N ARG G 171 4.41 31.20 12.62
CA ARG G 171 3.64 29.97 12.45
C ARG G 171 3.74 29.49 11.01
N ASP G 172 3.16 28.32 10.76
CA ASP G 172 3.20 27.72 9.43
C ASP G 172 2.25 28.42 8.46
N GLU G 173 1.03 28.74 8.90
CA GLU G 173 0.07 29.40 8.02
C GLU G 173 0.49 30.84 7.73
N ILE G 174 1.15 31.49 8.68
CA ILE G 174 1.70 32.82 8.43
C ILE G 174 2.83 32.74 7.41
N HIS G 175 3.62 31.67 7.48
CA HIS G 175 4.67 31.43 6.49
C HIS G 175 4.09 31.22 5.11
N GLU G 176 2.99 30.47 5.01
CA GLU G 176 2.31 30.27 3.73
C GLU G 176 1.73 31.57 3.21
N ALA G 177 1.16 32.40 4.09
CA ALA G 177 0.57 33.67 3.67
C ALA G 177 1.63 34.65 3.22
N VAL G 178 2.81 34.65 3.86
CA VAL G 178 3.91 35.51 3.42
C VAL G 178 4.46 35.02 2.09
N ALA G 179 4.57 33.70 1.92
CA ALA G 179 5.02 33.14 0.64
C ALA G 179 4.01 33.36 -0.47
N THR G 180 2.74 33.61 -0.15
CA THR G 180 1.73 33.87 -1.16
C THR G 180 1.96 35.23 -1.84
N LYS G 181 2.37 36.25 -1.07
CA LYS G 181 2.49 37.60 -1.59
C LYS G 181 3.74 37.72 -2.45
N GLN G 182 3.56 38.15 -3.71
CA GLN G 182 4.67 38.21 -4.66
C GLN G 182 5.53 39.45 -4.48
N THR G 183 4.94 40.55 -3.99
CA THR G 183 5.63 41.83 -3.97
C THR G 183 6.78 41.85 -2.97
N ILE G 184 6.59 41.20 -1.81
CA ILE G 184 7.64 41.15 -0.80
C ILE G 184 8.81 40.28 -1.29
N LEU G 185 8.50 39.19 -2.00
CA LEU G 185 9.55 38.35 -2.58
C LEU G 185 10.31 39.10 -3.68
N ARG G 186 9.59 39.92 -4.47
CA ARG G 186 10.25 40.74 -5.46
C ARG G 186 11.15 41.79 -4.81
N LEU G 187 10.71 42.33 -3.66
CA LEU G 187 11.53 43.27 -2.92
C LEU G 187 12.80 42.62 -2.40
N LEU G 188 12.69 41.38 -1.90
CA LEU G 188 13.88 40.63 -1.49
C LEU G 188 14.81 40.35 -2.67
N PHE G 189 14.25 39.98 -3.83
CA PHE G 189 15.08 39.70 -5.00
C PHE G 189 15.82 40.95 -5.47
N ARG G 190 15.13 42.09 -5.50
CA ARG G 190 15.77 43.35 -5.90
C ARG G 190 16.80 43.79 -4.88
N LEU G 191 16.53 43.58 -3.59
CA LEU G 191 17.47 43.95 -2.54
C LEU G 191 18.74 43.12 -2.61
N ILE G 192 18.60 41.81 -2.85
CA ILE G 192 19.80 40.97 -2.84
C ILE G 192 20.53 41.04 -4.19
N SER G 193 19.84 41.43 -5.27
CA SER G 193 20.49 41.53 -6.56
C SER G 193 21.13 42.89 -6.79
N ALA G 194 20.57 43.96 -6.22
CA ALA G 194 21.14 45.29 -6.40
C ALA G 194 22.43 45.45 -5.61
N ASP G 195 22.49 44.83 -4.42
CA ASP G 195 23.59 44.81 -3.44
C ASP G 195 24.26 46.18 -3.21
N ILE G 196 23.47 47.25 -3.28
CA ILE G 196 23.97 48.59 -2.98
C ILE G 196 23.52 49.08 -1.61
N ALA G 197 22.72 48.29 -0.91
CA ALA G 197 22.30 48.62 0.44
C ALA G 197 23.48 48.46 1.41
N PRO G 198 23.40 49.09 2.59
CA PRO G 198 24.39 48.81 3.63
C PRO G 198 24.36 47.37 4.10
N GLN G 199 25.44 46.96 4.77
CA GLN G 199 25.72 45.56 5.05
C GLN G 199 24.70 44.93 5.99
N ASP G 200 24.16 45.70 6.94
CA ASP G 200 23.17 45.17 7.87
C ASP G 200 21.87 44.81 7.17
N ILE G 201 21.43 45.67 6.24
CA ILE G 201 20.20 45.42 5.48
C ILE G 201 20.37 44.20 4.59
N TYR G 202 21.54 44.07 3.95
CA TYR G 202 21.83 42.91 3.11
C TYR G 202 21.87 41.62 3.92
N GLU G 203 22.48 41.68 5.11
CA GLU G 203 22.54 40.50 5.97
C GLU G 203 21.16 40.10 6.49
N GLU G 204 20.32 41.08 6.83
CA GLU G 204 18.96 40.76 7.26
C GLU G 204 18.14 40.22 6.10
N ALA G 205 18.38 40.70 4.88
CA ALA G 205 17.70 40.15 3.70
C ALA G 205 18.11 38.70 3.47
N ILE G 206 19.40 38.40 3.67
CA ILE G 206 19.89 37.02 3.56
C ILE G 206 19.25 36.15 4.63
N SER G 207 19.16 36.64 5.87
CA SER G 207 18.56 35.88 6.96
C SER G 207 17.07 35.63 6.73
N CYS G 208 16.36 36.63 6.20
CA CYS G 208 14.94 36.44 5.94
C CYS G 208 14.69 35.52 4.75
N LEU G 209 15.56 35.56 3.73
CA LEU G 209 15.46 34.57 2.67
C LEU G 209 15.79 33.17 3.17
N THR G 210 16.70 33.07 4.15
CA THR G 210 17.01 31.80 4.77
C THR G 210 15.80 31.23 5.51
N THR G 211 15.13 32.09 6.30
CA THR G 211 13.97 31.63 7.05
C THR G 211 12.79 31.34 6.13
N LEU G 212 12.65 32.10 5.05
CA LEU G 212 11.53 31.90 4.13
C LEU G 212 11.74 30.69 3.23
N SER G 213 12.99 30.34 2.96
CA SER G 213 13.27 29.28 2.00
C SER G 213 13.17 27.87 2.60
N GLU G 214 12.98 27.75 3.90
CA GLU G 214 12.91 26.43 4.53
C GLU G 214 11.60 25.75 4.20
N ASP G 215 11.70 24.62 3.47
CA ASP G 215 10.58 23.74 3.12
C ASP G 215 9.47 24.49 2.38
N ASN G 216 9.85 25.41 1.49
CA ASN G 216 8.91 26.24 0.76
C ASN G 216 9.14 26.06 -0.73
N LEU G 217 8.18 25.43 -1.40
CA LEU G 217 8.28 25.23 -2.85
C LEU G 217 8.14 26.56 -3.59
N LYS G 218 7.28 27.44 -3.10
CA LYS G 218 6.97 28.69 -3.80
C LYS G 218 8.15 29.65 -3.79
N VAL G 219 8.85 29.75 -2.65
CA VAL G 219 10.01 30.63 -2.53
C VAL G 219 11.14 30.14 -3.43
N GLY G 220 11.38 28.83 -3.45
CA GLY G 220 12.41 28.27 -4.31
C GLY G 220 12.07 28.41 -5.79
N GLN G 221 10.79 28.26 -6.14
CA GLN G 221 10.36 28.46 -7.52
C GLN G 221 10.52 29.91 -7.94
N ALA G 222 10.20 30.85 -7.06
CA ALA G 222 10.39 32.27 -7.37
C ALA G 222 11.85 32.64 -7.43
N ILE G 223 12.70 31.95 -6.67
CA ILE G 223 14.14 32.18 -6.76
C ILE G 223 14.69 31.69 -8.09
N THR G 224 14.32 30.47 -8.49
CA THR G 224 14.90 29.90 -9.70
C THR G 224 14.21 30.36 -10.97
N ASP G 225 13.05 31.02 -10.87
CA ASP G 225 12.30 31.43 -12.05
C ASP G 225 12.32 32.93 -12.30
N ASP G 226 13.14 33.68 -11.54
CA ASP G 226 13.20 35.12 -11.73
C ASP G 226 14.10 35.46 -12.91
N GLN G 227 13.56 36.23 -13.86
CA GLN G 227 14.34 36.74 -14.97
C GLN G 227 14.46 38.26 -14.97
N GLU G 228 13.73 38.95 -14.10
CA GLU G 228 13.87 40.41 -13.99
C GLU G 228 15.24 40.80 -13.43
N THR G 229 15.73 40.04 -12.45
CA THR G 229 17.06 40.27 -11.90
C THR G 229 18.00 39.08 -12.04
N HIS G 230 17.49 37.89 -12.35
CA HIS G 230 18.22 36.63 -12.39
C HIS G 230 18.96 36.37 -11.07
N VAL G 231 18.15 36.29 -10.01
CA VAL G 231 18.67 36.22 -8.64
C VAL G 231 19.42 34.91 -8.39
N TYR G 232 18.97 33.81 -9.00
CA TYR G 232 19.65 32.52 -8.81
C TYR G 232 21.03 32.53 -9.44
N ASP G 233 21.21 33.24 -10.55
CA ASP G 233 22.54 33.39 -11.16
C ASP G 233 23.48 34.16 -10.24
N VAL G 234 22.99 35.23 -9.60
CA VAL G 234 23.82 36.00 -8.67
C VAL G 234 24.17 35.17 -7.45
N LEU G 235 23.22 34.42 -6.92
CA LEU G 235 23.48 33.55 -5.77
C LEU G 235 24.47 32.44 -6.10
N LEU G 236 24.34 31.85 -7.30
CA LEU G 236 25.26 30.78 -7.71
C LEU G 236 26.66 31.33 -7.97
N LYS G 237 26.76 32.52 -8.56
CA LYS G 237 28.06 33.15 -8.79
C LYS G 237 28.72 33.53 -7.47
N LEU G 238 27.93 34.02 -6.50
CA LEU G 238 28.47 34.35 -5.19
C LEU G 238 28.92 33.09 -4.45
N ALA G 239 28.12 32.02 -4.52
CA ALA G 239 28.44 30.78 -3.81
C ALA G 239 29.65 30.09 -4.43
N THR G 240 29.83 30.21 -5.74
CA THR G 240 30.99 29.61 -6.40
C THR G 240 32.28 30.31 -6.01
N GLY G 241 32.25 31.65 -5.93
CA GLY G 241 33.45 32.41 -5.64
C GLY G 241 33.85 32.39 -4.18
N THR G 242 34.91 33.13 -3.89
CA THR G 242 35.49 33.21 -2.54
C THR G 242 35.05 34.47 -1.80
N ASP G 243 33.82 34.90 -2.03
CA ASP G 243 33.27 36.05 -1.32
C ASP G 243 33.01 35.69 0.14
N PRO G 244 33.39 36.55 1.09
CA PRO G 244 33.33 36.16 2.52
C PRO G 244 31.94 35.95 3.07
N ARG G 245 30.98 36.82 2.74
CA ARG G 245 29.62 36.71 3.25
C ARG G 245 28.79 35.69 2.50
N ALA G 246 29.33 35.16 1.39
CA ALA G 246 28.57 34.34 0.44
C ALA G 246 28.08 33.04 1.05
N VAL G 247 28.75 32.54 2.09
CA VAL G 247 28.33 31.31 2.76
C VAL G 247 26.97 31.47 3.40
N MET G 248 26.62 32.69 3.85
CA MET G 248 25.28 32.93 4.38
C MET G 248 24.22 32.81 3.30
N ALA G 249 24.59 33.04 2.05
CA ALA G 249 23.67 32.79 0.95
C ALA G 249 23.52 31.31 0.66
N CYS G 250 24.59 30.52 0.91
CA CYS G 250 24.68 29.17 0.34
C CYS G 250 23.60 28.24 0.87
N GLY G 251 23.34 28.29 2.18
CA GLY G 251 22.29 27.48 2.76
C GLY G 251 20.92 27.78 2.21
N VAL G 252 20.69 29.05 1.80
CA VAL G 252 19.47 29.43 1.10
C VAL G 252 19.30 28.61 -0.16
N LEU G 253 20.38 28.53 -0.96
CA LEU G 253 20.37 27.68 -2.14
C LEU G 253 20.18 26.22 -1.77
N HIS G 254 20.76 25.81 -0.62
CA HIS G 254 20.55 24.46 -0.11
C HIS G 254 19.08 24.23 0.20
N ASN G 255 18.43 25.25 0.80
CA ASN G 255 16.99 25.17 1.04
C ASN G 255 16.24 25.11 -0.28
N VAL G 256 16.74 25.83 -1.29
CA VAL G 256 16.19 25.73 -2.64
C VAL G 256 16.36 24.30 -3.15
N PHE G 257 17.55 23.73 -2.94
CA PHE G 257 17.77 22.35 -3.32
C PHE G 257 17.06 21.39 -2.36
N THR G 258 16.67 21.87 -1.18
CA THR G 258 15.79 21.07 -0.34
C THR G 258 14.36 21.13 -0.86
N SER G 259 13.98 22.25 -1.47
CA SER G 259 12.59 22.44 -1.85
C SER G 259 12.28 21.88 -3.23
N LEU G 260 13.16 22.12 -4.19
CA LEU G 260 12.89 21.78 -5.59
C LEU G 260 13.26 20.35 -5.95
N GLN G 261 13.73 19.56 -4.97
CA GLN G 261 14.19 18.18 -5.14
C GLN G 261 15.31 18.08 -6.18
N TRP G 262 16.20 19.07 -6.19
CA TRP G 262 17.32 19.11 -7.12
C TRP G 262 18.53 18.50 -6.43
N MET G 263 18.73 17.19 -6.61
CA MET G 263 19.78 16.47 -5.91
C MET G 263 20.46 15.54 -6.91
N ASP G 264 21.21 14.56 -6.38
CA ASP G 264 22.09 13.73 -7.20
C ASP G 264 21.31 12.82 -8.14
N HIS G 265 20.13 12.35 -7.73
CA HIS G 265 19.38 11.41 -8.55
C HIS G 265 18.74 12.10 -9.75
N SER G 266 18.41 13.38 -9.63
CA SER G 266 17.80 14.15 -10.71
C SER G 266 18.19 15.61 -10.56
N PRO G 267 19.36 16.01 -11.04
CA PRO G 267 19.77 17.41 -10.95
C PRO G 267 19.00 18.28 -11.93
N GLY G 268 18.95 19.57 -11.62
CA GLY G 268 18.27 20.53 -12.46
C GLY G 268 19.19 21.29 -13.39
N LYS G 269 19.19 22.61 -13.28
CA LYS G 269 20.03 23.45 -14.12
C LYS G 269 21.48 23.37 -13.66
N ASP G 270 22.38 23.16 -14.63
CA ASP G 270 23.85 23.12 -14.44
C ASP G 270 24.27 22.04 -13.44
N GLY G 271 23.54 20.92 -13.41
CA GLY G 271 23.81 19.86 -12.45
C GLY G 271 23.54 20.30 -11.03
N ALA G 272 22.28 20.61 -10.73
CA ALA G 272 21.92 21.24 -9.47
C ALA G 272 22.00 20.20 -8.34
N CYS G 273 23.14 20.19 -7.65
CA CYS G 273 23.34 19.34 -6.49
C CYS G 273 24.03 20.14 -5.41
N ASP G 274 24.00 19.62 -4.19
CA ASP G 274 24.61 20.30 -3.05
C ASP G 274 26.14 20.22 -3.07
N ALA G 275 26.72 19.39 -3.94
CA ALA G 275 28.17 19.21 -3.98
C ALA G 275 28.88 20.49 -4.38
N ILE G 276 28.26 21.28 -5.26
CA ILE G 276 28.79 22.59 -5.64
C ILE G 276 28.84 23.52 -4.44
N LEU G 277 27.89 23.35 -3.53
CA LEU G 277 27.88 24.13 -2.29
C LEU G 277 28.94 23.66 -1.31
N ILE G 278 29.46 22.44 -1.48
CA ILE G 278 30.38 21.81 -0.53
C ILE G 278 31.73 22.52 -0.38
N PRO G 279 32.53 22.82 -1.43
CA PRO G 279 33.93 23.17 -1.16
C PRO G 279 34.12 24.56 -0.58
N THR G 280 33.27 25.53 -0.97
CA THR G 280 33.39 26.89 -0.45
C THR G 280 33.16 26.92 1.05
N LEU G 281 32.14 26.19 1.52
CA LEU G 281 31.96 25.97 2.96
C LEU G 281 33.16 25.26 3.55
N THR G 282 33.70 24.27 2.82
CA THR G 282 34.96 23.64 3.20
C THR G 282 36.09 24.66 3.20
N ARG G 283 36.06 25.58 2.23
CA ARG G 283 37.01 26.70 2.22
C ARG G 283 36.81 27.58 3.44
N ALA G 284 35.55 27.72 3.89
CA ALA G 284 35.28 28.40 5.15
C ALA G 284 35.91 27.64 6.31
N LEU G 285 35.89 26.30 6.26
CA LEU G 285 36.61 25.51 7.24
C LEU G 285 38.12 25.67 7.10
N GLU G 286 38.60 26.01 5.90
CA GLU G 286 40.00 26.37 5.76
C GLU G 286 40.31 27.74 6.34
N HIS G 287 39.30 28.61 6.46
CA HIS G 287 39.52 29.92 7.05
C HIS G 287 39.57 29.87 8.57
N VAL G 288 39.10 28.78 9.18
CA VAL G 288 39.17 28.65 10.63
C VAL G 288 40.59 28.26 11.02
N VAL G 289 41.15 28.98 11.99
CA VAL G 289 42.50 28.69 12.48
C VAL G 289 42.40 28.35 13.96
N PRO G 290 43.31 27.53 14.49
CA PRO G 290 43.33 27.29 15.94
C PRO G 290 43.73 28.53 16.71
N GLY G 291 43.17 28.66 17.91
CA GLY G 291 43.44 29.82 18.75
C GLY G 291 42.72 31.07 18.30
N TYR G 301 32.33 36.99 12.63
CA TYR G 301 33.39 36.12 12.11
C TYR G 301 33.14 34.68 12.52
N ALA G 302 32.89 34.47 13.82
CA ALA G 302 32.51 33.16 14.31
C ALA G 302 31.11 32.76 13.85
N ASN G 303 30.26 33.75 13.53
CA ASN G 303 28.94 33.47 12.99
C ASN G 303 29.03 32.79 11.63
N ILE G 304 30.04 33.16 10.84
CA ILE G 304 30.28 32.53 9.54
C ILE G 304 30.60 31.05 9.71
N THR G 305 31.49 30.73 10.65
CA THR G 305 31.85 29.34 10.91
C THR G 305 30.68 28.54 11.48
N LEU G 306 29.91 29.16 12.38
CA LEU G 306 28.75 28.49 12.96
C LEU G 306 27.68 28.21 11.90
N LEU G 307 27.45 29.18 11.00
CA LEU G 307 26.47 28.97 9.95
C LEU G 307 26.94 27.93 8.94
N ALA G 308 28.25 27.88 8.69
CA ALA G 308 28.81 26.85 7.81
C ALA G 308 28.63 25.45 8.41
N LEU G 309 28.87 25.32 9.71
CA LEU G 309 28.68 24.03 10.37
C LEU G 309 27.20 23.64 10.41
N VAL G 310 26.30 24.61 10.63
CA VAL G 310 24.86 24.35 10.61
C VAL G 310 24.40 23.91 9.23
N THR G 311 24.92 24.57 8.18
CA THR G 311 24.55 24.20 6.81
C THR G 311 25.09 22.82 6.43
N LEU G 312 26.31 22.50 6.88
CA LEU G 312 26.87 21.17 6.62
C LEU G 312 26.08 20.08 7.35
N ALA G 313 25.67 20.35 8.59
CA ALA G 313 24.83 19.40 9.32
C ALA G 313 23.46 19.26 8.67
N SER G 314 22.94 20.35 8.12
CA SER G 314 21.67 20.31 7.39
C SER G 314 21.77 19.43 6.15
N ILE G 315 22.88 19.56 5.40
CA ILE G 315 23.11 18.73 4.23
C ILE G 315 23.24 17.26 4.63
N GLY G 316 23.95 17.00 5.73
CA GLY G 316 24.10 15.64 6.22
C GLY G 316 22.79 15.02 6.67
N THR G 317 21.91 15.82 7.26
CA THR G 317 20.59 15.29 7.64
C THR G 317 19.71 15.08 6.40
N ASP G 318 19.76 15.99 5.43
CA ASP G 318 18.87 15.90 4.29
C ASP G 318 19.29 14.84 3.28
N PHE G 319 20.54 14.36 3.37
CA PHE G 319 21.02 13.31 2.48
C PHE G 319 20.28 11.99 2.71
N GLN G 320 19.69 11.79 3.89
CA GLN G 320 18.91 10.57 4.15
C GLN G 320 17.65 10.51 3.30
N GLU G 321 16.85 11.58 3.27
CA GLU G 321 15.67 11.53 2.42
C GLU G 321 16.04 11.72 0.96
N THR G 322 17.24 12.28 0.70
CA THR G 322 17.79 12.21 -0.66
C THR G 322 17.98 10.77 -1.11
N LEU G 323 18.54 9.94 -0.24
CA LEU G 323 18.71 8.51 -0.55
C LEU G 323 17.38 7.80 -0.72
N VAL G 324 16.40 8.09 0.15
CA VAL G 324 15.16 7.32 0.04
C VAL G 324 14.31 7.80 -1.14
N LYS G 325 14.46 9.06 -1.55
CA LYS G 325 13.76 9.50 -2.76
C LYS G 325 14.50 9.06 -4.02
N GLY G 326 15.81 8.82 -3.93
CA GLY G 326 16.51 8.16 -5.01
C GLY G 326 16.08 6.72 -5.19
N ASN G 327 15.91 6.00 -4.08
CA ASN G 327 15.45 4.62 -4.14
C ASN G 327 13.97 4.50 -4.45
N GLN G 328 13.19 5.55 -4.19
CA GLN G 328 11.75 5.49 -4.46
C GLN G 328 11.45 5.46 -5.95
N GLY G 329 12.20 6.21 -6.73
CA GLY G 329 12.00 6.25 -8.18
C GLY G 329 12.99 5.38 -8.93
N SER G 388 15.75 -16.20 -8.09
CA SER G 388 15.92 -15.03 -8.93
C SER G 388 17.02 -14.12 -8.37
N GLU G 389 16.62 -12.99 -7.79
CA GLU G 389 17.58 -12.08 -7.19
C GLU G 389 18.19 -12.67 -5.92
N MET G 390 17.37 -13.38 -5.13
CA MET G 390 17.88 -14.06 -3.94
C MET G 390 18.81 -15.21 -4.33
N GLN G 391 18.48 -15.92 -5.41
CA GLN G 391 19.35 -16.98 -5.91
C GLN G 391 20.67 -16.41 -6.43
N ALA G 392 20.61 -15.26 -7.10
CA ALA G 392 21.84 -14.60 -7.57
C ALA G 392 22.70 -14.12 -6.40
N ASP G 393 22.07 -13.58 -5.36
CA ASP G 393 22.81 -13.15 -4.17
C ASP G 393 23.43 -14.34 -3.46
N MET G 394 22.71 -15.46 -3.38
CA MET G 394 23.25 -16.67 -2.77
C MET G 394 24.40 -17.25 -3.58
N GLU G 395 24.30 -17.18 -4.91
CA GLU G 395 25.38 -17.65 -5.76
C GLU G 395 26.61 -16.76 -5.66
N ARG G 396 26.40 -15.46 -5.49
CA ARG G 396 27.52 -14.53 -5.31
C ARG G 396 28.19 -14.74 -3.95
N VAL G 397 27.40 -14.95 -2.90
CA VAL G 397 27.96 -15.08 -1.56
C VAL G 397 28.63 -16.44 -1.38
N VAL G 398 27.98 -17.51 -1.83
CA VAL G 398 28.50 -18.86 -1.60
C VAL G 398 29.68 -19.15 -2.50
N GLY G 399 29.76 -18.49 -3.66
CA GLY G 399 30.82 -18.76 -4.61
C GLY G 399 32.17 -18.15 -4.28
N ALA G 400 32.24 -17.37 -3.20
CA ALA G 400 33.46 -16.68 -2.73
C ALA G 400 34.07 -15.79 -3.81
N ASP G 401 33.20 -15.08 -4.55
CA ASP G 401 33.60 -14.19 -5.61
C ASP G 401 33.48 -12.72 -5.23
N GLY G 402 33.50 -12.41 -3.93
CA GLY G 402 33.41 -11.05 -3.45
C GLY G 402 34.61 -10.19 -3.81
N THR G 403 34.34 -8.98 -4.32
CA THR G 403 35.41 -8.08 -4.73
C THR G 403 34.94 -6.65 -4.55
N ASP G 404 35.91 -5.73 -4.49
CA ASP G 404 35.65 -4.31 -4.30
C ASP G 404 36.02 -3.56 -5.57
N ASP G 405 35.07 -2.81 -6.12
CA ASP G 405 35.31 -2.02 -7.32
C ASP G 405 34.32 -0.88 -7.37
N GLY G 406 34.63 0.11 -8.20
CA GLY G 406 33.76 1.25 -8.40
C GLY G 406 33.95 2.33 -7.34
N ASP G 407 33.23 3.43 -7.54
CA ASP G 407 33.25 4.57 -6.64
C ASP G 407 31.84 5.12 -6.49
N LEU G 408 31.74 6.29 -5.86
CA LEU G 408 30.45 6.94 -5.64
C LEU G 408 30.17 7.95 -6.75
N GLU G 409 30.14 7.43 -7.98
CA GLU G 409 29.88 8.27 -9.14
C GLU G 409 28.43 8.72 -9.21
N ASP G 410 27.50 7.88 -8.75
CA ASP G 410 26.09 8.24 -8.77
C ASP G 410 25.73 9.23 -7.67
N LEU G 411 26.56 9.36 -6.63
CA LEU G 411 26.33 10.26 -5.51
C LEU G 411 27.56 11.16 -5.36
N PRO G 412 27.66 12.23 -6.16
CA PRO G 412 28.84 13.10 -6.06
C PRO G 412 28.88 13.92 -4.80
N THR G 413 27.71 14.21 -4.20
CA THR G 413 27.66 14.96 -2.94
C THR G 413 28.32 14.16 -1.82
N LEU G 414 28.06 12.84 -1.79
CA LEU G 414 28.71 11.97 -0.83
C LEU G 414 30.22 11.91 -1.07
N ARG G 415 30.64 11.95 -2.34
CA ARG G 415 32.07 11.97 -2.66
C ARG G 415 32.74 13.23 -2.14
N GLU G 416 32.11 14.39 -2.36
CA GLU G 416 32.69 15.64 -1.87
C GLU G 416 32.62 15.75 -0.36
N LEU G 417 31.62 15.13 0.27
CA LEU G 417 31.56 15.16 1.73
C LEU G 417 32.63 14.25 2.34
N ILE G 418 32.79 13.04 1.80
CA ILE G 418 33.75 12.09 2.36
C ILE G 418 35.19 12.53 2.09
N GLN G 419 35.47 12.97 0.87
CA GLN G 419 36.84 13.27 0.49
C GLN G 419 37.35 14.55 1.13
N THR G 420 36.49 15.56 1.25
CA THR G 420 36.93 16.89 1.70
C THR G 420 36.38 17.27 3.06
N ALA G 421 35.07 17.12 3.28
CA ALA G 421 34.44 17.69 4.47
C ALA G 421 34.77 16.90 5.72
N VAL G 422 34.82 15.57 5.62
CA VAL G 422 35.09 14.73 6.79
C VAL G 422 36.47 14.98 7.42
N PRO G 423 37.59 15.02 6.67
CA PRO G 423 38.86 15.39 7.33
C PRO G 423 38.91 16.81 7.86
N GLN G 424 38.16 17.73 7.25
CA GLN G 424 38.10 19.10 7.78
C GLN G 424 37.36 19.16 9.10
N LEU G 425 36.26 18.41 9.23
CA LEU G 425 35.58 18.32 10.52
C LEU G 425 36.42 17.56 11.55
N ILE G 426 37.23 16.60 11.11
CA ILE G 426 38.14 15.90 12.02
C ILE G 426 39.19 16.87 12.56
N ARG G 427 39.76 17.70 11.68
CA ARG G 427 40.75 18.68 12.09
C ARG G 427 40.13 19.77 12.97
N LEU G 428 38.88 20.14 12.67
CA LEU G 428 38.21 21.18 13.44
C LEU G 428 37.78 20.66 14.83
N SER G 429 37.48 19.38 14.93
CA SER G 429 37.02 18.82 16.20
C SER G 429 38.16 18.73 17.23
N ASN G 430 39.38 18.46 16.77
CA ASN G 430 40.51 18.27 17.66
C ASN G 430 41.28 19.55 17.94
N LEU G 431 40.62 20.70 17.89
CA LEU G 431 41.25 21.96 18.23
C LEU G 431 41.47 22.07 19.74
N PRO G 432 42.39 22.93 20.18
CA PRO G 432 42.54 23.19 21.61
C PRO G 432 41.29 23.78 22.24
N ILE G 433 41.09 23.50 23.52
CA ILE G 433 39.86 23.79 24.24
C ILE G 433 40.06 25.00 25.17
N ASP G 434 41.03 25.86 24.83
CA ASP G 434 41.34 27.01 25.68
C ASP G 434 40.26 28.09 25.61
N SER G 435 39.44 28.09 24.56
CA SER G 435 38.39 29.09 24.42
C SER G 435 37.02 28.45 24.49
N ASP G 436 36.06 29.20 25.05
CA ASP G 436 34.66 28.75 25.04
C ASP G 436 34.08 28.81 23.64
N GLU G 437 34.60 29.73 22.79
CA GLU G 437 34.24 29.73 21.38
C GLU G 437 34.69 28.44 20.71
N SER G 438 35.88 27.94 21.06
CA SER G 438 36.33 26.66 20.54
C SER G 438 35.50 25.51 21.10
N LEU G 439 34.98 25.66 22.33
CA LEU G 439 34.04 24.67 22.86
C LEU G 439 32.75 24.61 22.06
N THR G 440 32.20 25.77 21.72
CA THR G 440 30.98 25.81 20.90
C THR G 440 31.25 25.27 19.49
N ILE G 441 32.42 25.61 18.94
CA ILE G 441 32.82 25.12 17.61
C ILE G 441 32.98 23.61 17.61
N GLN G 442 33.60 23.05 18.67
CA GLN G 442 33.77 21.61 18.77
C GLN G 442 32.44 20.90 18.97
N SER G 443 31.53 21.52 19.73
CA SER G 443 30.19 20.94 19.92
C SER G 443 29.42 20.89 18.60
N HIS G 444 29.48 21.97 17.81
CA HIS G 444 28.80 21.96 16.53
C HIS G 444 29.49 21.05 15.52
N ALA G 445 30.81 20.90 15.60
CA ALA G 445 31.53 19.99 14.72
C ALA G 445 31.18 18.54 15.02
N LEU G 446 31.08 18.19 16.31
CA LEU G 446 30.63 16.87 16.70
C LEU G 446 29.18 16.64 16.31
N SER G 447 28.35 17.68 16.35
CA SER G 447 26.97 17.56 15.89
C SER G 447 26.90 17.26 14.39
N ALA G 448 27.71 17.96 13.59
CA ALA G 448 27.73 17.73 12.15
C ALA G 448 28.29 16.35 11.81
N LEU G 449 29.35 15.93 12.50
CA LEU G 449 29.90 14.60 12.31
C LEU G 449 28.91 13.51 12.72
N ASN G 450 28.16 13.76 13.80
CA ASN G 450 27.13 12.84 14.25
C ASN G 450 26.02 12.70 13.21
N ASN G 451 25.62 13.82 12.61
CA ASN G 451 24.56 13.79 11.60
C ASN G 451 25.01 13.02 10.35
N ILE G 452 26.19 13.34 9.84
CA ILE G 452 26.65 12.68 8.62
C ILE G 452 26.98 11.21 8.87
N SER G 453 27.49 10.88 10.06
CA SER G 453 27.84 9.50 10.36
C SER G 453 26.59 8.65 10.56
N TRP G 454 25.55 9.20 11.19
CA TRP G 454 24.30 8.47 11.32
C TRP G 454 23.61 8.30 9.98
N THR G 455 23.69 9.32 9.11
CA THR G 455 23.10 9.23 7.79
C THR G 455 23.78 8.16 6.94
N ILE G 456 25.11 8.07 7.03
CA ILE G 456 25.83 7.04 6.29
C ILE G 456 25.59 5.67 6.90
N SER G 457 25.61 5.56 8.23
CA SER G 457 25.50 4.28 8.90
C SER G 457 24.09 3.70 8.89
N CYS G 458 23.07 4.52 8.58
CA CYS G 458 21.74 3.95 8.43
C CYS G 458 21.58 3.17 7.12
N LEU G 459 22.51 3.33 6.19
CA LEU G 459 22.49 2.57 4.94
C LEU G 459 22.87 1.12 5.20
N GLU G 460 22.17 0.21 4.53
CA GLU G 460 22.35 -1.22 4.76
C GLU G 460 23.58 -1.73 4.03
N PHE G 461 24.55 -2.25 4.79
CA PHE G 461 25.73 -2.89 4.23
C PHE G 461 25.77 -4.38 4.51
N ALA G 462 24.63 -5.00 4.80
CA ALA G 462 24.58 -6.43 5.01
C ALA G 462 24.71 -7.18 3.69
N ASN G 463 25.54 -8.23 3.71
CA ASN G 463 25.77 -9.14 2.59
C ASN G 463 26.31 -8.42 1.34
N GLY G 464 27.10 -7.38 1.54
CA GLY G 464 27.81 -6.73 0.45
C GLY G 464 26.99 -5.80 -0.41
N GLU G 465 25.73 -5.53 -0.07
CA GLU G 465 24.94 -4.55 -0.81
C GLU G 465 25.44 -3.14 -0.51
N ASN G 466 25.39 -2.29 -1.54
CA ASN G 466 26.00 -0.96 -1.57
C ASN G 466 27.48 -1.04 -1.19
N ALA G 467 28.21 -1.82 -2.01
CA ALA G 467 29.57 -2.20 -1.66
C ALA G 467 30.55 -1.04 -1.79
N ASN G 468 30.44 -0.26 -2.89
CA ASN G 468 31.39 0.80 -3.15
C ASN G 468 31.29 1.93 -2.13
N ILE G 469 30.07 2.20 -1.64
CA ILE G 469 29.87 3.19 -0.58
C ILE G 469 30.56 2.73 0.69
N HIS G 470 30.47 1.43 0.99
CA HIS G 470 31.15 0.87 2.16
C HIS G 470 32.67 0.94 2.02
N ASN G 471 33.18 0.67 0.80
CA ASN G 471 34.62 0.72 0.57
C ASN G 471 35.14 2.15 0.66
N ALA G 472 34.34 3.12 0.22
CA ALA G 472 34.73 4.51 0.38
C ALA G 472 34.68 4.95 1.83
N TRP G 473 33.65 4.55 2.57
CA TRP G 473 33.44 5.04 3.92
C TRP G 473 34.34 4.36 4.95
N TYR G 474 34.78 3.13 4.70
CA TYR G 474 35.45 2.32 5.71
C TYR G 474 36.78 2.89 6.24
N PRO G 475 37.77 3.29 5.42
CA PRO G 475 39.00 3.83 6.03
C PRO G 475 38.80 5.20 6.64
N THR G 476 37.89 6.01 6.09
CA THR G 476 37.56 7.28 6.72
C THR G 476 36.84 7.07 8.05
N ALA G 477 36.01 6.03 8.15
CA ALA G 477 35.36 5.73 9.43
C ALA G 477 36.38 5.27 10.47
N LYS G 478 37.37 4.47 10.06
CA LYS G 478 38.45 4.10 10.98
C LYS G 478 39.28 5.32 11.36
N LYS G 479 39.45 6.26 10.43
CA LYS G 479 40.13 7.51 10.75
C LYS G 479 39.35 8.33 11.76
N ILE G 480 38.01 8.33 11.64
CA ILE G 480 37.17 9.03 12.61
C ILE G 480 37.29 8.39 13.99
N TRP G 481 37.30 7.06 14.05
CA TRP G 481 37.47 6.37 15.33
C TRP G 481 38.84 6.62 15.94
N ARG G 482 39.89 6.64 15.12
CA ARG G 482 41.24 6.81 15.66
C ARG G 482 41.50 8.25 16.09
N LYS G 483 41.03 9.22 15.31
CA LYS G 483 41.43 10.60 15.53
C LYS G 483 40.52 11.32 16.51
N THR G 484 39.22 11.01 16.51
CA THR G 484 38.24 11.79 17.24
C THR G 484 37.71 11.10 18.48
N ILE G 485 37.30 9.83 18.37
CA ILE G 485 36.59 9.17 19.46
C ILE G 485 37.53 8.87 20.63
N LEU G 486 38.73 8.36 20.32
CA LEU G 486 39.66 7.98 21.38
C LEU G 486 40.18 9.16 22.22
N PRO G 487 40.67 10.29 21.66
CA PRO G 487 41.18 11.33 22.56
C PRO G 487 40.08 12.08 23.30
N ILE G 488 38.90 12.21 22.71
CA ILE G 488 37.77 12.82 23.42
C ILE G 488 37.30 11.90 24.55
N LEU G 489 37.24 10.59 24.28
CA LEU G 489 36.86 9.62 25.29
C LEU G 489 37.93 9.45 26.37
N GLU G 490 39.17 9.86 26.09
CA GLU G 490 40.20 9.87 27.13
C GLU G 490 39.89 10.90 28.22
N ALA G 491 39.24 12.00 27.85
CA ALA G 491 38.88 13.03 28.82
C ALA G 491 37.70 12.58 29.66
N ASP G 495 31.62 16.77 30.90
CA ASP G 495 30.34 17.25 30.39
C ASP G 495 29.45 16.08 29.99
N LEU G 496 28.19 16.12 30.45
CA LEU G 496 27.23 15.10 30.06
C LEU G 496 26.82 15.26 28.60
N LYS G 497 26.71 16.50 28.13
CA LYS G 497 26.30 16.77 26.75
C LYS G 497 27.38 16.34 25.76
N LEU G 498 28.63 16.65 26.06
CA LEU G 498 29.75 16.23 25.21
C LEU G 498 29.88 14.72 25.19
N ALA G 499 29.68 14.07 26.35
CA ALA G 499 29.70 12.62 26.41
C ALA G 499 28.56 12.01 25.61
N THR G 500 27.38 12.63 25.66
CA THR G 500 26.24 12.17 24.86
C THR G 500 26.52 12.29 23.37
N GLN G 501 27.12 13.40 22.95
CA GLN G 501 27.43 13.60 21.54
C GLN G 501 28.49 12.61 21.05
N VAL G 502 29.53 12.39 21.86
CA VAL G 502 30.58 11.47 21.41
C VAL G 502 30.10 10.02 21.50
N THR G 503 29.13 9.73 22.38
CA THR G 503 28.55 8.39 22.41
C THR G 503 27.68 8.14 21.19
N SER G 504 26.91 9.14 20.77
CA SER G 504 26.12 9.00 19.54
C SER G 504 27.01 8.86 18.32
N LEU G 505 28.10 9.64 18.26
CA LEU G 505 29.05 9.53 17.15
C LEU G 505 29.75 8.17 17.14
N ALA G 506 30.13 7.67 18.32
CA ALA G 506 30.81 6.38 18.40
C ALA G 506 29.86 5.24 18.05
N TRP G 507 28.58 5.37 18.41
CA TRP G 507 27.58 4.39 17.98
C TRP G 507 27.42 4.42 16.46
N ALA G 508 27.43 5.62 15.87
CA ALA G 508 27.30 5.72 14.42
C ALA G 508 28.51 5.11 13.71
N VAL G 509 29.70 5.27 14.27
CA VAL G 509 30.89 4.65 13.68
C VAL G 509 30.88 3.14 13.88
N ALA G 510 30.52 2.68 15.07
CA ALA G 510 30.53 1.24 15.35
C ALA G 510 29.41 0.50 14.63
N ARG G 511 28.36 1.19 14.19
CA ARG G 511 27.31 0.51 13.45
C ARG G 511 27.76 0.12 12.04
N VAL G 512 28.73 0.84 11.49
CA VAL G 512 29.25 0.51 10.16
C VAL G 512 30.57 -0.24 10.25
N LEU G 513 31.33 -0.11 11.34
CA LEU G 513 32.57 -0.86 11.45
C LEU G 513 32.31 -2.34 11.73
N HIS G 514 31.35 -2.64 12.63
CA HIS G 514 30.89 -4.00 12.96
C HIS G 514 32.03 -4.90 13.44
N GLY G 515 32.64 -4.51 14.57
CA GLY G 515 33.64 -5.33 15.21
C GLY G 515 35.04 -5.19 14.65
N GLU G 516 35.23 -4.42 13.58
CA GLU G 516 36.55 -4.12 13.07
C GLU G 516 37.10 -2.82 13.63
N THR G 517 36.57 -2.36 14.76
CA THR G 517 37.08 -1.17 15.40
C THR G 517 38.47 -1.42 15.95
N PRO G 518 39.36 -0.42 15.93
CA PRO G 518 40.68 -0.59 16.54
C PRO G 518 40.61 -0.63 18.05
N THR G 519 40.78 -1.81 18.62
CA THR G 519 40.70 -2.00 20.06
C THR G 519 42.01 -1.53 20.69
N ASP G 520 42.07 -0.25 21.06
CA ASP G 520 43.27 0.34 21.65
C ASP G 520 42.91 0.85 23.03
N GLY G 521 43.52 0.28 24.06
CA GLY G 521 43.28 0.73 25.42
C GLY G 521 41.95 0.32 26.00
N ASN G 522 41.26 -0.66 25.36
CA ASN G 522 39.95 -1.19 25.72
C ASN G 522 38.89 -0.10 25.86
N PRO G 523 38.41 0.47 24.75
CA PRO G 523 37.39 1.53 24.86
C PRO G 523 36.05 1.03 25.37
N HIS G 524 35.77 -0.26 25.26
CA HIS G 524 34.51 -0.81 25.78
C HIS G 524 34.44 -0.72 27.30
N ARG G 525 35.59 -0.85 27.98
CA ARG G 525 35.62 -0.67 29.43
C ARG G 525 35.33 0.78 29.81
N LYS G 526 35.83 1.72 29.01
CA LYS G 526 35.51 3.13 29.24
C LYS G 526 34.03 3.41 28.99
N PHE G 527 33.43 2.73 28.00
CA PHE G 527 32.00 2.89 27.77
C PHE G 527 31.18 2.28 28.92
N ILE G 528 31.64 1.17 29.48
CA ILE G 528 30.98 0.56 30.63
C ILE G 528 31.06 1.49 31.84
N SER G 529 32.23 2.11 32.05
CA SER G 529 32.40 3.07 33.14
C SER G 529 31.52 4.30 32.93
N LEU G 530 31.38 4.75 31.68
CA LEU G 530 30.50 5.87 31.36
C LEU G 530 29.04 5.53 31.64
N TYR G 531 28.62 4.32 31.27
CA TYR G 531 27.24 3.91 31.52
C TYR G 531 26.95 3.76 33.00
N HIS G 532 27.92 3.24 33.75
CA HIS G 532 27.72 3.10 35.20
C HIS G 532 27.77 4.44 35.91
N SER G 533 28.56 5.39 35.39
CA SER G 533 28.56 6.74 35.95
C SER G 533 27.37 7.57 35.49
N SER G 534 26.64 7.12 34.47
CA SER G 534 25.44 7.83 34.04
C SER G 534 24.35 7.76 35.09
N LYS G 535 24.26 6.64 35.81
CA LYS G 535 23.26 6.49 36.86
C LYS G 535 23.65 7.28 38.10
N ASP G 550 10.93 9.93 23.04
CA ASP G 550 11.53 10.52 24.23
C ASP G 550 12.41 9.57 25.11
N PRO G 551 12.00 8.32 25.42
CA PRO G 551 12.92 7.46 26.17
C PRO G 551 14.06 6.91 25.34
N PHE G 552 13.95 6.93 24.01
CA PHE G 552 14.96 6.32 23.16
C PHE G 552 16.21 7.18 22.97
N GLN G 553 16.21 8.41 23.46
CA GLN G 553 17.34 9.32 23.27
C GLN G 553 18.20 9.45 24.52
N GLY G 554 18.12 8.48 25.43
CA GLY G 554 18.93 8.53 26.64
C GLY G 554 20.39 8.22 26.37
N LEU G 555 21.21 8.49 27.38
CA LEU G 555 22.64 8.18 27.29
C LEU G 555 22.89 6.68 27.39
N GLY G 556 22.16 6.01 28.28
CA GLY G 556 22.34 4.57 28.47
C GLY G 556 21.93 3.76 27.26
N VAL G 557 20.93 4.23 26.51
CA VAL G 557 20.51 3.57 25.29
C VAL G 557 21.62 3.58 24.25
N LYS G 558 22.28 4.74 24.08
CA LYS G 558 23.38 4.83 23.12
C LYS G 558 24.61 4.08 23.60
N CYS G 559 24.84 4.04 24.92
CA CYS G 559 25.95 3.24 25.45
C CYS G 559 25.73 1.74 25.21
N ILE G 560 24.50 1.28 25.43
CA ILE G 560 24.13 -0.11 25.12
C ILE G 560 24.30 -0.39 23.64
N GLY G 561 23.89 0.56 22.79
CA GLY G 561 24.03 0.37 21.35
C GLY G 561 25.47 0.28 20.89
N VAL G 562 26.35 1.13 21.42
CA VAL G 562 27.74 1.09 20.97
C VAL G 562 28.45 -0.14 21.52
N VAL G 563 28.18 -0.54 22.77
CA VAL G 563 28.86 -1.74 23.28
C VAL G 563 28.28 -3.01 22.70
N GLY G 564 27.18 -2.89 21.98
CA GLY G 564 26.66 -4.06 21.31
C GLY G 564 27.39 -4.18 19.99
N SER G 565 27.53 -3.07 19.28
CA SER G 565 28.15 -3.12 17.95
C SER G 565 29.63 -3.44 17.93
N LEU G 566 30.37 -3.06 18.96
CA LEU G 566 31.80 -3.28 18.94
C LEU G 566 32.16 -4.76 18.88
N ALA G 567 31.38 -5.60 19.55
CA ALA G 567 31.63 -7.03 19.53
C ALA G 567 30.66 -7.77 18.62
N HIS G 568 29.96 -7.04 17.76
CA HIS G 568 28.92 -7.65 16.94
C HIS G 568 29.44 -8.74 16.04
N ASP G 569 30.60 -8.53 15.45
CA ASP G 569 31.13 -9.50 14.51
C ASP G 569 32.42 -10.05 15.09
N PRO G 570 33.13 -10.91 14.33
CA PRO G 570 34.31 -11.43 14.99
C PRO G 570 35.25 -10.35 15.48
N ALA G 571 35.65 -10.47 16.74
CA ALA G 571 36.56 -9.53 17.34
C ALA G 571 37.12 -10.39 18.44
N PRO G 572 38.27 -10.01 19.00
CA PRO G 572 38.83 -10.77 20.12
C PRO G 572 37.80 -11.36 21.08
N ILE G 573 37.76 -12.68 21.21
CA ILE G 573 36.84 -13.33 22.15
C ILE G 573 36.66 -12.68 23.52
N GLU G 574 37.68 -12.02 24.06
CA GLU G 574 37.51 -11.49 25.41
C GLU G 574 36.62 -10.25 25.43
N VAL G 575 36.66 -9.44 24.37
CA VAL G 575 35.75 -8.30 24.24
C VAL G 575 34.31 -8.77 24.17
N ASN G 576 34.07 -9.80 23.35
CA ASN G 576 32.74 -10.40 23.24
C ASN G 576 32.30 -11.02 24.56
N ARG G 577 33.25 -11.63 25.29
CA ARG G 577 32.93 -12.22 26.58
C ARG G 577 32.51 -11.17 27.60
N GLU G 578 33.26 -10.06 27.67
CA GLU G 578 32.91 -8.98 28.59
C GLU G 578 31.59 -8.32 28.22
N VAL G 579 31.33 -8.13 26.92
CA VAL G 579 30.07 -7.53 26.47
C VAL G 579 28.90 -8.45 26.80
N GLY G 580 29.05 -9.76 26.56
CA GLY G 580 27.98 -10.69 26.87
C GLY G 580 27.71 -10.80 28.36
N VAL G 581 28.76 -10.80 29.18
CA VAL G 581 28.60 -10.82 30.63
C VAL G 581 27.89 -9.56 31.11
N PHE G 582 28.27 -8.41 30.56
CA PHE G 582 27.62 -7.14 30.92
C PHE G 582 26.15 -7.12 30.51
N LEU G 583 25.83 -7.61 29.31
CA LEU G 583 24.45 -7.58 28.84
C LEU G 583 23.57 -8.56 29.63
N VAL G 584 24.10 -9.73 29.96
CA VAL G 584 23.34 -10.69 30.75
C VAL G 584 23.16 -10.19 32.19
N THR G 585 24.19 -9.54 32.75
CA THR G 585 24.07 -8.95 34.08
C THR G 585 23.05 -7.81 34.09
N LEU G 586 22.96 -7.05 32.99
CA LEU G 586 21.90 -6.06 32.86
C LEU G 586 20.53 -6.71 32.76
N LEU G 587 20.44 -7.82 32.04
CA LEU G 587 19.14 -8.47 31.82
C LEU G 587 18.62 -9.12 33.10
N ARG G 588 19.51 -9.65 33.95
CA ARG G 588 19.06 -10.25 35.21
C ARG G 588 18.55 -9.20 36.18
N GLN G 589 19.22 -8.06 36.26
CA GLN G 589 18.79 -6.97 37.13
C GLN G 589 17.99 -5.95 36.31
N SER G 590 16.77 -6.36 35.98
CA SER G 590 15.89 -5.56 35.13
C SER G 590 15.00 -4.62 35.91
N ASN G 591 15.11 -4.58 37.24
CA ASN G 591 14.23 -3.74 38.05
C ASN G 591 14.62 -2.26 37.99
N ASN G 592 15.89 -1.96 37.76
CA ASN G 592 16.40 -0.60 37.84
C ASN G 592 16.79 -0.02 36.49
N VAL G 593 16.16 -0.45 35.41
CA VAL G 593 16.48 0.05 34.07
C VAL G 593 15.20 0.45 33.35
N PRO G 594 15.25 1.45 32.46
CA PRO G 594 14.10 1.75 31.61
C PRO G 594 13.88 0.65 30.58
N PRO G 595 12.66 0.50 30.06
CA PRO G 595 12.40 -0.54 29.06
C PRO G 595 13.13 -0.34 27.74
N ALA G 596 13.51 0.90 27.40
CA ALA G 596 14.25 1.14 26.17
C ALA G 596 15.64 0.51 26.21
N GLU G 597 16.30 0.57 27.37
CA GLU G 597 17.58 -0.10 27.54
C GLU G 597 17.45 -1.61 27.39
N ILE G 598 16.35 -2.18 27.92
CA ILE G 598 16.09 -3.61 27.80
C ILE G 598 15.87 -3.99 26.34
N VAL G 599 15.11 -3.18 25.61
CA VAL G 599 14.82 -3.45 24.20
C VAL G 599 16.09 -3.39 23.36
N GLU G 600 16.93 -2.37 23.58
CA GLU G 600 18.15 -2.25 22.80
C GLU G 600 19.18 -3.32 23.20
N ALA G 601 19.23 -3.70 24.47
CA ALA G 601 20.11 -4.78 24.90
C ALA G 601 19.69 -6.11 24.29
N LEU G 602 18.38 -6.35 24.20
CA LEU G 602 17.89 -7.57 23.56
C LEU G 602 18.20 -7.57 22.06
N ASN G 603 18.06 -6.41 21.40
CA ASN G 603 18.36 -6.33 19.97
C ASN G 603 19.85 -6.56 19.70
N GLN G 604 20.71 -6.00 20.56
CA GLN G 604 22.15 -6.23 20.40
C GLN G 604 22.51 -7.68 20.71
N LEU G 605 21.82 -8.30 21.67
CA LEU G 605 22.08 -9.70 21.97
C LEU G 605 21.60 -10.62 20.84
N PHE G 606 20.55 -10.21 20.12
CA PHE G 606 20.16 -10.99 18.94
C PHE G 606 21.18 -10.81 17.82
N ASP G 607 21.70 -9.59 17.65
CA ASP G 607 22.61 -9.34 16.53
C ASP G 607 23.99 -9.93 16.77
N ILE G 608 24.43 -10.05 18.03
CA ILE G 608 25.77 -10.58 18.30
C ILE G 608 25.79 -12.09 18.14
N TYR G 609 24.90 -12.80 18.83
CA TYR G 609 24.95 -14.25 18.93
C TYR G 609 23.92 -14.93 18.04
N GLY G 610 23.69 -14.40 16.85
CA GLY G 610 22.68 -14.95 15.97
C GLY G 610 23.01 -16.28 15.35
N ASP G 611 23.99 -16.33 14.47
CA ASP G 611 24.32 -17.55 13.73
C ASP G 611 25.26 -18.43 14.53
N GLU G 612 25.27 -19.72 14.18
CA GLU G 612 26.10 -20.71 14.85
C GLU G 612 27.44 -20.94 14.16
N GLU G 613 27.71 -20.25 13.05
CA GLU G 613 28.97 -20.47 12.34
C GLU G 613 30.14 -19.82 13.05
N LEU G 614 29.89 -18.76 13.81
CA LEU G 614 30.96 -18.03 14.49
C LEU G 614 31.48 -18.83 15.68
N ALA G 615 32.72 -18.53 16.06
CA ALA G 615 33.32 -19.19 17.22
C ALA G 615 32.78 -18.64 18.54
N CYS G 616 32.18 -17.46 18.53
CA CYS G 616 31.67 -16.87 19.77
C CYS G 616 30.42 -17.60 20.26
N ASP G 617 29.68 -18.23 19.36
CA ASP G 617 28.53 -19.04 19.77
C ASP G 617 28.97 -20.25 20.58
N LYS G 618 30.03 -20.92 20.14
CA LYS G 618 30.53 -22.09 20.87
C LYS G 618 31.30 -21.68 22.12
N GLU G 619 32.08 -20.59 22.04
CA GLU G 619 33.02 -20.28 23.10
C GLU G 619 32.41 -19.47 24.23
N VAL G 620 31.47 -18.58 23.91
CA VAL G 620 30.93 -17.63 24.88
C VAL G 620 29.48 -17.97 25.25
N PHE G 621 28.64 -18.24 24.25
CA PHE G 621 27.21 -18.38 24.50
C PHE G 621 26.89 -19.67 25.24
N TRP G 622 27.45 -20.80 24.79
CA TRP G 622 27.10 -22.07 25.39
C TRP G 622 27.94 -22.39 26.62
N LYS G 623 29.15 -21.85 26.70
CA LYS G 623 30.01 -22.14 27.85
C LYS G 623 29.57 -21.38 29.09
N ASP G 624 28.96 -20.22 28.92
CA ASP G 624 28.54 -19.38 30.05
C ASP G 624 27.09 -19.58 30.44
N GLY G 625 26.32 -20.37 29.68
CA GLY G 625 24.94 -20.66 30.00
C GLY G 625 23.99 -19.47 29.96
N PHE G 626 24.07 -18.68 28.89
CA PHE G 626 23.22 -17.51 28.75
C PHE G 626 21.76 -17.87 28.49
N LEU G 627 21.52 -19.08 27.95
CA LEU G 627 20.16 -19.49 27.60
C LEU G 627 19.29 -19.66 28.85
N LYS G 628 19.89 -20.12 29.95
CA LYS G 628 19.16 -20.23 31.21
C LYS G 628 18.74 -18.85 31.73
N HIS G 629 19.62 -17.86 31.60
CA HIS G 629 19.29 -16.49 31.99
C HIS G 629 18.19 -15.91 31.12
N LEU G 630 18.22 -16.19 29.81
CA LEU G 630 17.16 -15.69 28.93
C LEU G 630 15.82 -16.35 29.22
N GLU G 631 15.83 -17.66 29.51
CA GLU G 631 14.60 -18.37 29.82
C GLU G 631 14.03 -17.91 31.16
N GLU G 632 14.88 -17.56 32.12
CA GLU G 632 14.39 -16.94 33.34
C GLU G 632 13.87 -15.55 33.09
N PHE G 633 14.49 -14.82 32.15
CA PHE G 633 14.15 -13.43 31.93
C PHE G 633 12.85 -13.24 31.17
N LEU G 634 12.44 -14.24 30.38
CA LEU G 634 11.25 -14.14 29.52
C LEU G 634 9.94 -13.79 30.23
N PRO G 635 9.52 -14.41 31.35
CA PRO G 635 8.25 -13.98 31.95
C PRO G 635 8.31 -12.61 32.60
N LYS G 636 9.46 -12.22 33.18
CA LYS G 636 9.59 -10.90 33.77
C LYS G 636 9.50 -9.81 32.70
N MET G 637 10.11 -10.04 31.54
CA MET G 637 10.01 -9.03 30.49
C MET G 637 8.63 -9.03 29.85
N ARG G 638 7.95 -10.18 29.87
CA ARG G 638 6.54 -10.22 29.48
C ARG G 638 5.68 -9.36 30.39
N THR G 639 5.92 -9.45 31.71
CA THR G 639 5.17 -8.62 32.66
C THR G 639 5.48 -7.13 32.48
N LEU G 640 6.76 -6.78 32.26
CA LEU G 640 7.07 -5.36 32.14
C LEU G 640 6.61 -4.79 30.81
N THR G 641 6.59 -5.58 29.74
CA THR G 641 6.02 -5.06 28.49
C THR G 641 4.50 -5.06 28.51
N LYS G 642 3.87 -5.83 29.42
CA LYS G 642 2.45 -5.62 29.67
C LYS G 642 2.21 -4.42 30.57
N GLY G 643 3.23 -3.97 31.31
CA GLY G 643 3.07 -2.82 32.18
C GLY G 643 3.14 -1.47 31.46
N ILE G 644 3.62 -1.43 30.22
CA ILE G 644 3.78 -0.18 29.50
C ILE G 644 2.43 0.26 28.94
N ASP G 645 2.09 1.53 29.19
CA ASP G 645 0.89 2.11 28.60
C ASP G 645 1.08 2.33 27.11
N LYS G 646 -0.03 2.30 26.36
CA LYS G 646 0.04 2.40 24.90
C LYS G 646 -0.21 3.81 24.39
N ARG G 647 -1.07 4.58 25.06
CA ARG G 647 -1.41 5.90 24.55
C ARG G 647 -0.29 6.91 24.77
N THR G 648 0.63 6.63 25.69
CA THR G 648 1.72 7.57 25.95
C THR G 648 2.88 7.33 24.99
N GLN G 649 3.41 6.11 24.97
CA GLN G 649 4.55 5.74 24.11
C GLN G 649 4.17 4.51 23.31
N PRO G 650 3.46 4.68 22.20
CA PRO G 650 3.14 3.52 21.36
C PRO G 650 4.35 2.92 20.67
N GLU G 651 5.35 3.74 20.36
CA GLU G 651 6.56 3.26 19.69
C GLU G 651 7.33 2.30 20.59
N LEU G 652 7.49 2.64 21.87
CA LEU G 652 8.18 1.78 22.81
C LEU G 652 7.42 0.48 23.02
N ARG G 653 6.09 0.54 23.07
CA ARG G 653 5.27 -0.65 23.23
C ARG G 653 5.39 -1.59 22.03
N THR G 654 5.36 -1.03 20.82
CA THR G 654 5.49 -1.85 19.61
C THR G 654 6.88 -2.47 19.50
N ARG G 655 7.93 -1.70 19.83
CA ARG G 655 9.28 -2.25 19.78
C ARG G 655 9.51 -3.29 20.87
N ALA G 656 8.89 -3.13 22.04
CA ALA G 656 9.03 -4.13 23.08
C ALA G 656 8.26 -5.41 22.74
N ASP G 657 7.11 -5.29 22.06
CA ASP G 657 6.41 -6.47 21.59
C ASP G 657 7.19 -7.20 20.51
N GLU G 658 7.83 -6.44 19.61
CA GLU G 658 8.74 -7.04 18.63
C GLU G 658 9.92 -7.73 19.31
N ALA G 659 10.42 -7.13 20.39
CA ALA G 659 11.51 -7.72 21.17
C ALA G 659 11.08 -9.04 21.83
N LEU G 660 9.84 -9.09 22.33
CA LEU G 660 9.35 -10.33 22.94
C LEU G 660 9.17 -11.44 21.90
N LEU G 661 8.62 -11.10 20.74
CA LEU G 661 8.45 -12.09 19.67
C LEU G 661 9.80 -12.61 19.17
N ASN G 662 10.76 -11.69 19.01
CA ASN G 662 12.09 -12.10 18.58
C ASN G 662 12.83 -12.86 19.67
N LEU G 663 12.53 -12.59 20.94
CA LEU G 663 13.14 -13.36 22.03
C LEU G 663 12.63 -14.78 22.05
N GLY G 664 11.32 -14.96 21.82
CA GLY G 664 10.78 -16.31 21.71
C GLY G 664 11.35 -17.08 20.53
N ARG G 665 11.45 -16.41 19.37
CA ARG G 665 12.05 -17.04 18.20
C ARG G 665 13.52 -17.38 18.42
N PHE G 666 14.26 -16.50 19.10
CA PHE G 666 15.68 -16.73 19.31
C PHE G 666 15.93 -17.85 20.31
N VAL G 667 15.12 -17.93 21.37
CA VAL G 667 15.32 -19.02 22.32
C VAL G 667 14.88 -20.35 21.71
N GLN G 668 13.89 -20.34 20.81
CA GLN G 668 13.55 -21.58 20.10
C GLN G 668 14.65 -21.99 19.13
N TYR G 669 15.28 -21.01 18.47
CA TYR G 669 16.40 -21.28 17.56
C TYR G 669 17.57 -21.89 18.32
N LYS G 670 17.92 -21.31 19.47
CA LYS G 670 19.06 -21.83 20.21
C LYS G 670 18.73 -23.14 20.91
N LYS G 671 17.45 -23.41 21.18
CA LYS G 671 17.09 -24.72 21.69
C LYS G 671 17.19 -25.78 20.60
N LYS G 672 16.81 -25.42 19.36
CA LYS G 672 16.86 -26.39 18.27
C LYS G 672 18.30 -26.67 17.82
N HIS G 673 19.11 -25.62 17.67
CA HIS G 673 20.41 -25.80 17.03
C HIS G 673 21.49 -26.31 17.96
N ALA G 674 21.24 -26.31 19.27
CA ALA G 674 22.15 -26.82 20.32
C ALA G 674 23.56 -26.20 20.28
#